data_1CF2
#
_entry.id   1CF2
#
_cell.length_a   136.660
_cell.length_b   153.280
_cell.length_c   74.920
_cell.angle_alpha   90.00
_cell.angle_beta   90.00
_cell.angle_gamma   90.00
#
_symmetry.space_group_name_H-M   'P 21 21 2'
#
loop_
_entity.id
_entity.type
_entity.pdbx_description
1 polymer 'PROTEIN (GLYCERALDEHYDE-3-PHOSPHATE DEHYDROGENASE)'
2 non-polymer 'SULFATE ION'
3 non-polymer 'NADP NICOTINAMIDE-ADENINE-DINUCLEOTIDE PHOSPHATE'
4 water water
#
_entity_poly.entity_id   1
_entity_poly.type   'polypeptide(L)'
_entity_poly.pdbx_seq_one_letter_code
;MKAVAINGYGTVGKRVADAIAQQDDMKVIGVSKTRPDFEARMALKKGYDLYVAIPERVKLFEKAGIEVAGTVDDMLDEAD
IVIDCTPEGIGAKNLKMYKEKGIKAIFQGGEKHEDIGLSFNSLSNYEESYGKDYTRVVSCNTTGLCRTLKPLHDSFGIKK
VRAVIVRRGADPAQVSKGPINAIIPNPPKLPSHHGPDVKTVLDINIDTMAVIVPTTLMHQHNVMVEVEETPTVDDIIDVF
EDTPRVILISAEDGLTSTAEIMEYAKELGRSRNDLFEIPVWRESITVVDNEIYYMQAVHQESDIVPENVDAVRAILEMEE
DKYKSINKTNKAMNILQ
;
_entity_poly.pdbx_strand_id   P,R,O,Q
#
# COMPACT_ATOMS: atom_id res chain seq x y z
N MET A 1 -37.70 2.51 27.23
CA MET A 1 -36.85 2.15 26.13
C MET A 1 -37.06 0.73 25.64
N LYS A 2 -36.95 0.49 24.34
CA LYS A 2 -37.01 -0.88 23.81
C LYS A 2 -35.63 -1.52 24.10
N ALA A 3 -35.60 -2.78 24.50
CA ALA A 3 -34.37 -3.48 24.85
C ALA A 3 -33.79 -4.14 23.62
N VAL A 4 -32.58 -3.73 23.24
CA VAL A 4 -31.94 -4.24 22.02
C VAL A 4 -30.71 -5.07 22.34
N ALA A 5 -30.61 -6.23 21.71
CA ALA A 5 -29.43 -7.09 21.91
C ALA A 5 -28.61 -6.99 20.62
N ILE A 6 -27.29 -7.08 20.77
CA ILE A 6 -26.41 -7.02 19.59
C ILE A 6 -25.70 -8.35 19.47
N ASN A 7 -26.05 -9.13 18.45
CA ASN A 7 -25.36 -10.44 18.38
C ASN A 7 -24.20 -10.33 17.39
N GLY A 8 -22.99 -10.30 17.93
CA GLY A 8 -21.80 -10.15 17.06
C GLY A 8 -21.25 -8.74 17.22
N TYR A 9 -20.47 -8.42 18.25
CA TYR A 9 -19.89 -7.11 18.47
C TYR A 9 -18.58 -6.96 17.69
N GLY A 10 -18.65 -6.91 16.39
CA GLY A 10 -17.50 -6.80 15.51
C GLY A 10 -17.48 -5.39 14.91
N THR A 11 -16.97 -5.27 13.69
CA THR A 11 -16.82 -4.00 12.99
C THR A 11 -18.11 -3.19 12.95
N VAL A 12 -19.19 -3.83 12.49
CA VAL A 12 -20.50 -3.19 12.40
C VAL A 12 -21.22 -3.24 13.75
N GLY A 13 -21.19 -4.38 14.44
CA GLY A 13 -21.88 -4.56 15.71
C GLY A 13 -21.43 -3.61 16.81
N LYS A 14 -20.14 -3.27 16.94
CA LYS A 14 -19.74 -2.32 17.98
C LYS A 14 -20.30 -0.93 17.71
N ARG A 15 -20.39 -0.56 16.43
CA ARG A 15 -20.90 0.72 15.98
C ARG A 15 -22.44 0.76 16.12
N VAL A 16 -23.10 -0.34 15.75
CA VAL A 16 -24.56 -0.39 15.94
C VAL A 16 -24.90 -0.30 17.43
N ALA A 17 -24.18 -1.01 18.30
CA ALA A 17 -24.40 -0.86 19.73
C ALA A 17 -24.32 0.58 20.19
N ASP A 18 -23.30 1.35 19.80
CA ASP A 18 -23.24 2.72 20.26
C ASP A 18 -24.36 3.56 19.69
N ALA A 19 -24.77 3.35 18.43
CA ALA A 19 -25.83 4.15 17.83
C ALA A 19 -27.18 3.82 18.48
N ILE A 20 -27.46 2.58 18.79
CA ILE A 20 -28.67 2.19 19.51
C ILE A 20 -28.73 2.88 20.86
N ALA A 21 -27.64 2.83 21.61
CA ALA A 21 -27.54 3.43 22.93
C ALA A 21 -27.69 4.94 22.92
N GLN A 22 -27.34 5.65 21.86
CA GLN A 22 -27.52 7.10 21.80
C GLN A 22 -28.98 7.53 21.68
N GLN A 23 -29.87 6.63 21.28
CA GLN A 23 -31.27 6.94 21.04
C GLN A 23 -32.05 7.24 22.31
N ASP A 24 -33.15 8.03 22.19
CA ASP A 24 -33.90 8.34 23.40
C ASP A 24 -34.96 7.28 23.67
N ASP A 25 -35.18 6.37 22.74
CA ASP A 25 -36.23 5.38 22.84
C ASP A 25 -35.78 3.94 22.72
N MET A 26 -34.51 3.65 22.93
CA MET A 26 -33.92 2.34 22.83
C MET A 26 -32.67 2.28 23.72
N LYS A 27 -32.35 1.05 24.09
CA LYS A 27 -31.15 0.81 24.88
C LYS A 27 -30.61 -0.59 24.55
N VAL A 28 -29.31 -0.70 24.80
CA VAL A 28 -28.60 -1.95 24.58
C VAL A 28 -28.63 -2.81 25.83
N ILE A 29 -29.18 -4.04 25.69
CA ILE A 29 -29.14 -4.83 26.96
C ILE A 29 -28.03 -5.88 26.92
N GLY A 30 -27.29 -5.98 25.82
CA GLY A 30 -26.17 -6.91 25.78
C GLY A 30 -25.59 -6.96 24.38
N VAL A 31 -24.35 -7.39 24.28
CA VAL A 31 -23.63 -7.56 23.02
C VAL A 31 -22.92 -8.92 23.17
N SER A 32 -22.67 -9.65 22.08
CA SER A 32 -21.98 -10.92 22.26
C SER A 32 -20.68 -11.01 21.48
N LYS A 33 -19.81 -11.88 21.94
CA LYS A 33 -18.50 -12.14 21.37
C LYS A 33 -18.23 -13.64 21.39
N THR A 34 -17.29 -14.12 20.58
CA THR A 34 -16.94 -15.54 20.68
C THR A 34 -15.55 -15.69 21.33
N ARG A 35 -14.73 -14.65 21.25
CA ARG A 35 -13.37 -14.73 21.80
C ARG A 35 -13.06 -13.58 22.73
N PRO A 36 -12.41 -13.89 23.85
CA PRO A 36 -12.08 -12.90 24.87
C PRO A 36 -10.87 -12.05 24.51
N ASP A 37 -10.98 -11.11 23.61
CA ASP A 37 -9.87 -10.23 23.19
C ASP A 37 -10.09 -8.83 23.69
N PHE A 38 -9.32 -7.83 23.20
CA PHE A 38 -9.49 -6.47 23.64
C PHE A 38 -10.90 -5.92 23.38
N GLU A 39 -11.63 -6.26 22.33
CA GLU A 39 -12.96 -5.66 22.15
C GLU A 39 -14.00 -6.22 23.13
N ALA A 40 -13.82 -7.43 23.62
CA ALA A 40 -14.65 -7.99 24.68
C ALA A 40 -14.44 -7.13 25.92
N ARG A 41 -13.16 -6.83 26.23
CA ARG A 41 -12.87 -5.99 27.39
C ARG A 41 -13.43 -4.59 27.19
N MET A 42 -13.36 -4.00 25.99
CA MET A 42 -13.88 -2.65 25.81
C MET A 42 -15.40 -2.60 25.87
N ALA A 43 -16.08 -3.70 25.56
CA ALA A 43 -17.53 -3.76 25.63
C ALA A 43 -17.96 -3.56 27.09
N LEU A 44 -17.24 -4.17 28.04
CA LEU A 44 -17.53 -4.02 29.46
C LEU A 44 -17.29 -2.59 29.91
N LYS A 45 -16.21 -1.96 29.46
CA LYS A 45 -15.88 -0.59 29.76
C LYS A 45 -16.95 0.36 29.29
N LYS A 46 -17.73 0.00 28.26
CA LYS A 46 -18.78 0.85 27.76
C LYS A 46 -20.12 0.61 28.46
N GLY A 47 -20.16 -0.25 29.47
CA GLY A 47 -21.38 -0.53 30.18
C GLY A 47 -22.23 -1.66 29.62
N TYR A 48 -21.83 -2.30 28.55
CA TYR A 48 -22.63 -3.37 27.97
C TYR A 48 -22.45 -4.70 28.69
N ASP A 49 -23.55 -5.38 28.98
CA ASP A 49 -23.50 -6.73 29.54
C ASP A 49 -22.86 -7.56 28.43
N LEU A 50 -21.91 -8.45 28.73
CA LEU A 50 -21.29 -9.15 27.60
C LEU A 50 -21.71 -10.62 27.67
N TYR A 51 -22.27 -11.12 26.57
CA TYR A 51 -22.72 -12.50 26.44
C TYR A 51 -21.84 -13.29 25.50
N VAL A 52 -21.72 -14.58 25.74
CA VAL A 52 -20.83 -15.42 24.93
C VAL A 52 -21.61 -16.22 23.91
N ALA A 53 -21.14 -16.23 22.64
CA ALA A 53 -21.88 -16.93 21.60
C ALA A 53 -22.35 -18.31 22.06
N ILE A 54 -21.41 -19.21 22.35
CA ILE A 54 -21.86 -20.53 22.83
C ILE A 54 -21.47 -20.75 24.27
N PRO A 55 -22.31 -21.47 24.98
CA PRO A 55 -22.13 -21.73 26.39
C PRO A 55 -20.88 -22.47 26.77
N GLU A 56 -20.30 -23.28 25.88
CA GLU A 56 -19.07 -24.00 26.22
C GLU A 56 -17.84 -23.12 26.08
N ARG A 57 -18.01 -21.81 25.97
CA ARG A 57 -16.94 -20.84 25.89
C ARG A 57 -16.96 -19.91 27.11
N VAL A 58 -17.95 -20.09 27.99
CA VAL A 58 -18.01 -19.26 29.20
C VAL A 58 -16.76 -19.41 30.05
N LYS A 59 -16.26 -20.62 30.26
CA LYS A 59 -15.04 -20.87 31.02
C LYS A 59 -13.87 -20.11 30.41
N LEU A 60 -13.70 -20.16 29.09
CA LEU A 60 -12.67 -19.43 28.37
C LEU A 60 -12.66 -17.95 28.73
N PHE A 61 -13.82 -17.25 28.67
CA PHE A 61 -13.86 -15.84 29.07
C PHE A 61 -13.52 -15.63 30.53
N GLU A 62 -14.02 -16.52 31.39
CA GLU A 62 -13.81 -16.41 32.83
C GLU A 62 -12.34 -16.56 33.22
N LYS A 63 -11.59 -17.41 32.50
CA LYS A 63 -10.18 -17.54 32.89
C LYS A 63 -9.32 -16.55 32.12
N ALA A 64 -9.91 -15.77 31.22
CA ALA A 64 -9.24 -14.65 30.56
C ALA A 64 -9.42 -13.39 31.42
N GLY A 65 -10.17 -13.50 32.50
CA GLY A 65 -10.47 -12.41 33.41
C GLY A 65 -11.70 -11.61 32.95
N ILE A 66 -12.49 -12.15 32.03
CA ILE A 66 -13.60 -11.37 31.49
C ILE A 66 -14.96 -11.82 32.02
N GLU A 67 -15.59 -10.89 32.73
CA GLU A 67 -16.86 -11.08 33.40
C GLU A 67 -18.01 -11.06 32.41
N VAL A 68 -18.64 -12.17 32.21
CA VAL A 68 -19.71 -12.52 31.31
C VAL A 68 -21.05 -12.63 32.00
N ALA A 69 -22.12 -12.28 31.32
CA ALA A 69 -23.47 -12.22 31.84
C ALA A 69 -24.21 -13.51 31.54
N GLY A 70 -23.69 -14.26 30.58
CA GLY A 70 -24.27 -15.53 30.22
C GLY A 70 -24.06 -15.83 28.74
N THR A 71 -24.99 -16.61 28.19
CA THR A 71 -24.88 -16.97 26.77
C THR A 71 -25.80 -16.16 25.88
N VAL A 72 -25.68 -16.32 24.57
CA VAL A 72 -26.58 -15.68 23.61
C VAL A 72 -28.03 -16.06 23.90
N ASP A 73 -28.28 -17.31 24.27
CA ASP A 73 -29.62 -17.76 24.67
C ASP A 73 -30.15 -16.91 25.83
N ASP A 74 -29.33 -16.64 26.85
CA ASP A 74 -29.78 -15.75 27.91
C ASP A 74 -30.00 -14.32 27.38
N MET A 75 -29.11 -13.86 26.50
CA MET A 75 -29.23 -12.50 25.97
C MET A 75 -30.58 -12.26 25.32
N LEU A 76 -30.99 -13.20 24.46
CA LEU A 76 -32.25 -13.02 23.72
C LEU A 76 -33.46 -12.98 24.65
N ASP A 77 -33.43 -13.64 25.81
CA ASP A 77 -34.52 -13.58 26.77
C ASP A 77 -34.65 -12.18 27.33
N GLU A 78 -33.58 -11.38 27.33
CA GLU A 78 -33.68 -10.03 27.83
C GLU A 78 -34.14 -9.02 26.80
N ALA A 79 -34.31 -9.38 25.54
CA ALA A 79 -34.53 -8.35 24.54
C ALA A 79 -35.84 -8.32 23.77
N ASP A 80 -36.18 -7.14 23.28
CA ASP A 80 -37.36 -6.95 22.42
C ASP A 80 -36.99 -7.28 20.99
N ILE A 81 -35.68 -7.16 20.69
CA ILE A 81 -35.21 -7.39 19.32
C ILE A 81 -33.70 -7.68 19.34
N VAL A 82 -33.19 -8.45 18.39
CA VAL A 82 -31.75 -8.69 18.28
C VAL A 82 -31.26 -8.17 16.93
N ILE A 83 -30.13 -7.47 16.91
CA ILE A 83 -29.53 -7.02 15.64
C ILE A 83 -28.33 -7.97 15.42
N ASP A 84 -28.38 -8.72 14.34
CA ASP A 84 -27.38 -9.73 14.02
C ASP A 84 -26.29 -9.11 13.15
N CYS A 85 -25.07 -9.13 13.64
CA CYS A 85 -23.94 -8.54 12.92
C CYS A 85 -22.82 -9.57 12.82
N THR A 86 -23.18 -10.83 12.64
CA THR A 86 -22.28 -11.98 12.54
C THR A 86 -21.67 -12.04 11.15
N PRO A 87 -20.62 -12.81 10.94
CA PRO A 87 -19.97 -12.90 9.66
C PRO A 87 -20.91 -13.42 8.59
N GLU A 88 -20.64 -13.12 7.34
CA GLU A 88 -21.51 -13.55 6.26
C GLU A 88 -21.84 -15.04 6.33
N GLY A 89 -23.14 -15.33 6.31
CA GLY A 89 -23.60 -16.72 6.28
C GLY A 89 -24.00 -17.25 7.65
N ILE A 90 -23.57 -16.58 8.73
CA ILE A 90 -23.90 -17.04 10.07
C ILE A 90 -25.22 -16.43 10.51
N GLY A 91 -25.57 -15.27 9.94
CA GLY A 91 -26.89 -14.67 10.26
C GLY A 91 -27.98 -15.66 9.86
N ALA A 92 -27.89 -16.25 8.67
CA ALA A 92 -28.90 -17.23 8.24
C ALA A 92 -28.89 -18.44 9.18
N LYS A 93 -27.75 -18.83 9.75
CA LYS A 93 -27.74 -19.92 10.73
C LYS A 93 -28.42 -19.51 12.03
N ASN A 94 -28.25 -18.25 12.44
CA ASN A 94 -28.86 -17.79 13.68
C ASN A 94 -30.37 -17.61 13.48
N LEU A 95 -30.81 -17.40 12.25
CA LEU A 95 -32.24 -17.18 12.00
C LEU A 95 -33.07 -18.29 12.65
N LYS A 96 -32.67 -19.54 12.54
CA LYS A 96 -33.33 -20.67 13.17
C LYS A 96 -33.52 -20.48 14.68
N MET A 97 -32.51 -20.04 15.40
CA MET A 97 -32.64 -19.84 16.84
C MET A 97 -33.55 -18.66 17.14
N TYR A 98 -33.47 -17.60 16.34
CA TYR A 98 -34.31 -16.43 16.57
C TYR A 98 -35.79 -16.84 16.49
N LYS A 99 -36.12 -17.62 15.46
CA LYS A 99 -37.49 -18.10 15.29
C LYS A 99 -37.92 -18.96 16.47
N GLU A 100 -37.10 -19.91 16.91
CA GLU A 100 -37.45 -20.76 18.03
C GLU A 100 -37.68 -19.97 19.30
N LYS A 101 -36.94 -18.88 19.51
CA LYS A 101 -37.11 -18.05 20.68
C LYS A 101 -38.33 -17.16 20.61
N GLY A 102 -38.75 -16.88 19.39
CA GLY A 102 -39.83 -15.96 19.09
C GLY A 102 -39.34 -14.52 19.05
N ILE A 103 -38.09 -14.24 18.66
CA ILE A 103 -37.62 -12.85 18.69
C ILE A 103 -37.37 -12.27 17.31
N LYS A 104 -37.81 -11.01 17.11
CA LYS A 104 -37.59 -10.37 15.82
C LYS A 104 -36.11 -10.02 15.68
N ALA A 105 -35.58 -10.00 14.48
CA ALA A 105 -34.17 -9.72 14.25
C ALA A 105 -33.93 -8.96 12.93
N ILE A 106 -32.89 -8.16 12.97
CA ILE A 106 -32.37 -7.40 11.84
C ILE A 106 -31.02 -8.01 11.46
N PHE A 107 -30.73 -8.22 10.18
CA PHE A 107 -29.49 -8.78 9.69
C PHE A 107 -28.68 -7.77 8.87
N GLN A 108 -27.42 -8.10 8.54
CA GLN A 108 -26.61 -7.21 7.72
C GLN A 108 -26.55 -7.65 6.28
N GLY A 109 -25.97 -6.79 5.46
CA GLY A 109 -25.85 -6.92 4.03
C GLY A 109 -25.13 -8.12 3.48
N GLY A 110 -24.33 -8.82 4.29
CA GLY A 110 -23.62 -10.00 3.83
C GLY A 110 -24.53 -11.23 3.78
N GLU A 111 -25.73 -11.17 4.37
CA GLU A 111 -26.64 -12.31 4.30
C GLU A 111 -27.31 -12.30 2.93
N LYS A 112 -27.80 -13.46 2.47
CA LYS A 112 -28.52 -13.48 1.21
C LYS A 112 -29.94 -12.94 1.41
N HIS A 113 -30.38 -12.11 0.49
CA HIS A 113 -31.77 -11.61 0.51
C HIS A 113 -32.76 -12.79 0.64
N GLU A 114 -32.59 -13.84 -0.16
CA GLU A 114 -33.46 -15.01 -0.14
C GLU A 114 -33.46 -15.78 1.18
N ASP A 115 -32.41 -15.78 1.98
CA ASP A 115 -32.45 -16.44 3.28
C ASP A 115 -33.19 -15.59 4.32
N ILE A 116 -33.30 -14.29 4.10
CA ILE A 116 -33.97 -13.41 5.03
C ILE A 116 -35.40 -13.12 4.61
N GLY A 117 -35.62 -12.91 3.31
CA GLY A 117 -36.92 -12.64 2.75
C GLY A 117 -37.28 -11.18 2.58
N LEU A 118 -36.56 -10.27 3.21
CA LEU A 118 -36.86 -8.86 3.14
C LEU A 118 -35.59 -8.02 3.34
N SER A 119 -35.40 -7.02 2.51
CA SER A 119 -34.23 -6.12 2.63
C SER A 119 -34.71 -4.71 2.97
N PHE A 120 -33.89 -3.95 3.67
CA PHE A 120 -34.23 -2.60 4.11
C PHE A 120 -33.14 -1.56 3.79
N ASN A 121 -33.59 -0.40 3.39
CA ASN A 121 -32.93 0.87 3.24
C ASN A 121 -33.96 1.92 3.72
N SER A 122 -33.67 2.70 4.74
CA SER A 122 -34.56 3.67 5.32
C SER A 122 -35.33 4.56 4.35
N LEU A 123 -34.68 5.25 3.43
CA LEU A 123 -35.36 6.13 2.50
C LEU A 123 -36.08 5.37 1.38
N SER A 124 -35.53 4.30 0.82
CA SER A 124 -36.27 3.65 -0.27
C SER A 124 -37.32 2.64 0.12
N ASN A 125 -37.31 1.90 1.22
CA ASN A 125 -38.41 0.94 1.42
C ASN A 125 -38.70 0.67 2.89
N TYR A 126 -38.60 1.66 3.75
CA TYR A 126 -38.87 1.57 5.17
C TYR A 126 -40.20 0.86 5.43
N GLU A 127 -41.24 1.36 4.72
CA GLU A 127 -42.55 0.73 4.87
C GLU A 127 -42.60 -0.76 4.64
N GLU A 128 -41.76 -1.36 3.78
CA GLU A 128 -41.83 -2.81 3.65
C GLU A 128 -41.35 -3.58 4.88
N SER A 129 -40.75 -2.98 5.89
CA SER A 129 -40.35 -3.72 7.08
C SER A 129 -41.19 -3.36 8.29
N TYR A 130 -42.09 -2.39 8.13
CA TYR A 130 -42.95 -1.91 9.20
C TYR A 130 -43.81 -3.06 9.74
N GLY A 131 -43.53 -3.41 10.99
CA GLY A 131 -44.22 -4.48 11.66
C GLY A 131 -43.82 -5.87 11.23
N LYS A 132 -42.82 -6.06 10.38
CA LYS A 132 -42.45 -7.43 10.00
C LYS A 132 -41.59 -8.08 11.08
N ASP A 133 -41.09 -9.28 10.85
CA ASP A 133 -40.30 -10.03 11.81
C ASP A 133 -38.79 -9.95 11.56
N TYR A 134 -38.42 -10.20 10.31
CA TYR A 134 -37.01 -10.26 9.92
C TYR A 134 -36.72 -9.38 8.72
N THR A 135 -35.55 -8.71 8.78
CA THR A 135 -35.19 -7.87 7.63
C THR A 135 -33.67 -7.71 7.54
N ARG A 136 -33.14 -7.56 6.33
CA ARG A 136 -31.72 -7.44 6.07
C ARG A 136 -31.30 -6.02 5.72
N VAL A 137 -30.60 -5.28 6.56
CA VAL A 137 -30.15 -3.94 6.13
C VAL A 137 -29.20 -4.13 4.96
N VAL A 138 -29.35 -3.54 3.78
CA VAL A 138 -28.43 -3.86 2.68
C VAL A 138 -26.99 -3.39 2.92
N SER A 139 -26.02 -3.96 2.23
CA SER A 139 -24.60 -3.75 2.42
C SER A 139 -24.11 -2.32 2.30
N CYS A 140 -22.85 -2.09 2.68
CA CYS A 140 -22.28 -0.73 2.66
C CYS A 140 -22.38 -0.09 1.28
N ASN A 141 -21.98 -0.80 0.22
CA ASN A 141 -22.06 -0.28 -1.14
C ASN A 141 -23.49 -0.18 -1.62
N THR A 142 -24.33 -1.16 -1.31
CA THR A 142 -25.74 -1.09 -1.69
C THR A 142 -26.42 0.12 -1.04
N THR A 143 -26.20 0.33 0.25
CA THR A 143 -26.71 1.49 0.97
C THR A 143 -26.20 2.76 0.33
N GLY A 144 -24.91 2.86 0.04
CA GLY A 144 -24.33 4.05 -0.58
C GLY A 144 -24.95 4.39 -1.92
N LEU A 145 -25.17 3.39 -2.78
CA LEU A 145 -25.84 3.67 -4.05
C LEU A 145 -27.28 4.11 -3.84
N CYS A 146 -28.02 3.47 -2.95
CA CYS A 146 -29.39 3.86 -2.67
C CYS A 146 -29.52 5.28 -2.15
N ARG A 147 -28.59 5.72 -1.29
CA ARG A 147 -28.67 7.07 -0.73
C ARG A 147 -28.78 8.14 -1.83
N THR A 148 -28.09 7.96 -2.95
CA THR A 148 -28.16 9.01 -3.97
C THR A 148 -29.06 8.59 -5.11
N LEU A 149 -29.22 7.31 -5.40
CA LEU A 149 -30.08 6.92 -6.51
C LEU A 149 -31.59 7.05 -6.19
N LYS A 150 -31.99 6.88 -4.94
CA LYS A 150 -33.41 7.01 -4.55
C LYS A 150 -33.96 8.40 -4.86
N PRO A 151 -33.34 9.44 -4.32
CA PRO A 151 -33.72 10.82 -4.60
C PRO A 151 -33.67 11.15 -6.08
N LEU A 152 -32.68 10.65 -6.84
CA LEU A 152 -32.61 10.93 -8.27
C LEU A 152 -33.82 10.29 -8.94
N HIS A 153 -34.17 9.09 -8.49
CA HIS A 153 -35.32 8.39 -9.04
C HIS A 153 -36.59 9.19 -8.75
N ASP A 154 -36.72 9.58 -7.48
CA ASP A 154 -37.90 10.35 -7.08
C ASP A 154 -38.01 11.61 -7.90
N SER A 155 -36.95 12.35 -8.21
CA SER A 155 -37.07 13.60 -8.94
C SER A 155 -37.01 13.51 -10.46
N PHE A 156 -36.26 12.59 -11.08
CA PHE A 156 -36.08 12.64 -12.52
C PHE A 156 -36.53 11.35 -13.20
N GLY A 157 -36.78 10.29 -12.45
CA GLY A 157 -37.23 9.02 -13.05
C GLY A 157 -36.02 8.28 -13.64
N ILE A 158 -35.51 7.27 -12.93
CA ILE A 158 -34.33 6.57 -13.44
C ILE A 158 -34.72 5.63 -14.57
N LYS A 159 -33.99 5.71 -15.68
CA LYS A 159 -34.22 4.75 -16.77
C LYS A 159 -33.15 3.67 -16.74
N LYS A 160 -31.90 4.07 -16.45
CA LYS A 160 -30.82 3.09 -16.37
C LYS A 160 -29.60 3.63 -15.61
N VAL A 161 -29.04 2.81 -14.75
CA VAL A 161 -27.84 3.21 -14.02
C VAL A 161 -26.71 2.25 -14.43
N ARG A 162 -25.55 2.78 -14.65
CA ARG A 162 -24.34 1.97 -14.90
C ARG A 162 -23.39 2.40 -13.78
N ALA A 163 -22.83 1.55 -12.95
CA ALA A 163 -21.95 2.06 -11.89
C ALA A 163 -20.70 1.18 -11.76
N VAL A 164 -19.56 1.80 -11.57
CA VAL A 164 -18.31 1.10 -11.34
C VAL A 164 -17.90 1.31 -9.88
N ILE A 165 -17.81 0.24 -9.11
CA ILE A 165 -17.46 0.33 -7.69
C ILE A 165 -15.98 0.02 -7.51
N VAL A 166 -15.23 0.91 -6.90
CA VAL A 166 -13.83 0.73 -6.58
C VAL A 166 -13.82 0.49 -5.06
N ARG A 167 -13.65 -0.76 -4.71
CA ARG A 167 -13.73 -1.25 -3.34
C ARG A 167 -12.43 -1.30 -2.57
N ARG A 168 -12.53 -0.99 -1.27
CA ARG A 168 -11.32 -1.08 -0.43
C ARG A 168 -11.01 -2.54 -0.23
N GLY A 169 -9.75 -2.95 -0.06
CA GLY A 169 -9.46 -4.38 0.08
C GLY A 169 -9.87 -4.95 1.42
N ALA A 170 -9.63 -4.19 2.49
CA ALA A 170 -9.88 -4.66 3.84
C ALA A 170 -9.93 -3.48 4.81
N ASP A 171 -10.76 -3.63 5.82
CA ASP A 171 -10.98 -2.57 6.82
C ASP A 171 -9.69 -2.30 7.58
N PRO A 172 -9.49 -1.12 8.12
CA PRO A 172 -8.24 -0.74 8.76
C PRO A 172 -7.63 -1.78 9.67
N ALA A 173 -8.40 -2.41 10.54
CA ALA A 173 -7.88 -3.38 11.49
C ALA A 173 -7.63 -4.75 10.91
N GLN A 174 -8.10 -5.08 9.72
CA GLN A 174 -7.92 -6.40 9.14
C GLN A 174 -6.56 -6.57 8.46
N VAL A 175 -5.51 -6.91 9.19
CA VAL A 175 -4.18 -6.99 8.68
C VAL A 175 -3.77 -8.25 7.96
N SER A 176 -4.63 -9.26 7.89
CA SER A 176 -4.20 -10.47 7.17
C SER A 176 -4.79 -10.53 5.78
N LYS A 177 -5.50 -9.53 5.27
CA LYS A 177 -6.06 -9.60 3.92
C LYS A 177 -5.42 -8.62 2.93
N GLY A 178 -5.28 -9.05 1.70
CA GLY A 178 -4.70 -8.23 0.64
C GLY A 178 -5.83 -7.54 -0.12
N PRO A 179 -5.51 -7.01 -1.29
CA PRO A 179 -4.20 -7.09 -1.86
C PRO A 179 -3.26 -5.94 -1.47
N ILE A 180 -1.97 -6.25 -1.41
CA ILE A 180 -1.00 -5.20 -1.12
C ILE A 180 -0.78 -4.31 -2.34
N ASN A 181 -0.68 -4.87 -3.54
CA ASN A 181 -0.29 -4.20 -4.77
C ASN A 181 -0.91 -4.85 -6.01
N ALA A 182 -2.22 -4.63 -6.16
CA ALA A 182 -2.98 -5.18 -7.27
C ALA A 182 -4.36 -4.54 -7.43
N ILE A 183 -4.94 -4.74 -8.59
CA ILE A 183 -6.33 -4.38 -8.89
C ILE A 183 -6.96 -5.74 -9.23
N ILE A 184 -8.01 -6.12 -8.53
CA ILE A 184 -8.72 -7.35 -8.68
C ILE A 184 -10.19 -7.18 -9.07
N PRO A 185 -10.58 -7.56 -10.27
CA PRO A 185 -11.98 -7.58 -10.71
C PRO A 185 -12.78 -8.40 -9.70
N ASN A 186 -13.96 -7.91 -9.31
CA ASN A 186 -14.72 -8.51 -8.23
C ASN A 186 -16.22 -8.65 -8.42
N PRO A 187 -16.67 -9.64 -9.17
CA PRO A 187 -15.82 -10.60 -9.84
C PRO A 187 -15.58 -10.26 -11.29
N PRO A 188 -14.82 -11.09 -12.00
CA PRO A 188 -14.53 -10.97 -13.41
C PRO A 188 -15.77 -11.22 -14.25
N LYS A 189 -16.73 -12.03 -13.84
CA LYS A 189 -17.97 -12.25 -14.59
C LYS A 189 -18.96 -11.16 -14.23
N LEU A 190 -19.46 -10.45 -15.22
CA LEU A 190 -20.37 -9.33 -15.00
C LEU A 190 -21.78 -9.59 -15.48
N PRO A 191 -22.72 -8.78 -15.06
CA PRO A 191 -22.55 -7.73 -14.08
C PRO A 191 -22.26 -8.21 -12.67
N SER A 192 -21.84 -7.37 -11.71
CA SER A 192 -21.60 -7.81 -10.35
C SER A 192 -22.87 -7.79 -9.48
N HIS A 193 -22.79 -8.22 -8.23
CA HIS A 193 -23.87 -8.36 -7.30
C HIS A 193 -24.50 -7.07 -6.82
N HIS A 194 -23.83 -5.93 -6.88
CA HIS A 194 -24.40 -4.69 -6.38
C HIS A 194 -25.72 -4.30 -7.01
N GLY A 195 -25.86 -4.48 -8.34
CA GLY A 195 -27.11 -4.14 -9.01
C GLY A 195 -28.30 -4.89 -8.47
N PRO A 196 -28.29 -6.22 -8.48
CA PRO A 196 -29.40 -7.02 -7.96
C PRO A 196 -29.63 -6.66 -6.50
N ASP A 197 -28.56 -6.44 -5.74
CA ASP A 197 -28.72 -6.04 -4.34
C ASP A 197 -29.48 -4.74 -4.20
N VAL A 198 -29.17 -3.74 -5.02
CA VAL A 198 -29.90 -2.46 -4.99
C VAL A 198 -31.39 -2.76 -5.26
N LYS A 199 -31.70 -3.67 -6.18
CA LYS A 199 -33.06 -4.03 -6.55
C LYS A 199 -33.89 -4.69 -5.48
N THR A 200 -33.25 -5.19 -4.42
CA THR A 200 -34.05 -5.72 -3.31
C THR A 200 -34.67 -4.56 -2.54
N VAL A 201 -34.25 -3.31 -2.70
CA VAL A 201 -34.84 -2.20 -1.98
C VAL A 201 -35.34 -1.08 -2.86
N LEU A 202 -34.89 -1.03 -4.10
CA LEU A 202 -35.20 0.10 -5.00
C LEU A 202 -35.43 -0.44 -6.40
N ASP A 203 -36.63 -0.31 -6.90
CA ASP A 203 -37.02 -0.90 -8.20
C ASP A 203 -36.48 -0.15 -9.39
N ILE A 204 -35.23 -0.44 -9.78
CA ILE A 204 -34.63 0.31 -10.88
C ILE A 204 -33.83 -0.63 -11.77
N ASN A 205 -33.52 -0.14 -12.96
CA ASN A 205 -32.67 -0.87 -13.91
C ASN A 205 -31.23 -0.47 -13.60
N ILE A 206 -30.36 -1.40 -13.22
CA ILE A 206 -29.00 -1.02 -12.84
C ILE A 206 -28.04 -2.17 -13.10
N ASP A 207 -26.90 -1.86 -13.68
CA ASP A 207 -25.84 -2.83 -13.91
C ASP A 207 -24.60 -2.25 -13.25
N THR A 208 -23.92 -3.09 -12.49
CA THR A 208 -22.72 -2.63 -11.79
C THR A 208 -21.54 -3.51 -12.17
N MET A 209 -20.36 -2.94 -11.96
CA MET A 209 -19.07 -3.59 -12.16
C MET A 209 -18.22 -3.20 -10.94
N ALA A 210 -17.29 -4.06 -10.51
CA ALA A 210 -16.52 -3.73 -9.32
C ALA A 210 -15.11 -4.31 -9.32
N VAL A 211 -14.16 -3.63 -8.69
CA VAL A 211 -12.81 -4.10 -8.51
C VAL A 211 -12.32 -3.84 -7.08
N ILE A 212 -11.33 -4.60 -6.59
CA ILE A 212 -10.72 -4.33 -5.28
C ILE A 212 -9.35 -3.71 -5.47
N VAL A 213 -9.01 -2.67 -4.70
CA VAL A 213 -7.70 -2.01 -4.76
C VAL A 213 -7.07 -1.98 -3.36
N PRO A 214 -5.76 -1.71 -3.24
CA PRO A 214 -5.02 -1.65 -1.99
C PRO A 214 -5.29 -0.42 -1.15
N THR A 215 -6.50 -0.23 -0.63
CA THR A 215 -6.87 0.87 0.24
C THR A 215 -7.75 0.30 1.37
N THR A 216 -7.79 0.99 2.51
CA THR A 216 -8.59 0.52 3.61
C THR A 216 -9.75 1.47 3.97
N LEU A 217 -9.58 2.75 3.64
CA LEU A 217 -10.47 3.75 4.19
C LEU A 217 -11.91 3.77 3.76
N MET A 218 -12.14 3.85 2.44
CA MET A 218 -13.47 4.02 1.91
C MET A 218 -13.58 3.31 0.55
N HIS A 219 -14.77 2.98 0.12
CA HIS A 219 -15.02 2.51 -1.26
C HIS A 219 -15.32 3.79 -2.05
N GLN A 220 -15.18 3.72 -3.37
CA GLN A 220 -15.47 4.87 -4.20
C GLN A 220 -16.36 4.46 -5.38
N HIS A 221 -17.36 5.29 -5.72
CA HIS A 221 -18.31 4.94 -6.74
C HIS A 221 -18.32 5.89 -7.95
N ASN A 222 -18.37 5.31 -9.13
CA ASN A 222 -18.44 6.06 -10.39
C ASN A 222 -19.82 5.73 -11.00
N VAL A 223 -20.76 6.65 -10.93
CA VAL A 223 -22.17 6.46 -11.25
C VAL A 223 -22.68 7.27 -12.44
N MET A 224 -23.27 6.57 -13.39
CA MET A 224 -23.81 7.15 -14.63
C MET A 224 -25.30 6.80 -14.67
N VAL A 225 -26.19 7.77 -14.64
CA VAL A 225 -27.61 7.62 -14.54
C VAL A 225 -28.40 8.24 -15.70
N GLU A 226 -29.08 7.42 -16.52
CA GLU A 226 -29.93 8.02 -17.56
C GLU A 226 -31.30 8.21 -16.91
N VAL A 227 -31.87 9.40 -17.01
CA VAL A 227 -33.15 9.65 -16.35
C VAL A 227 -34.23 10.04 -17.35
N GLU A 228 -35.49 10.00 -16.95
CA GLU A 228 -36.60 10.33 -17.83
C GLU A 228 -36.78 11.83 -18.08
N GLU A 229 -36.62 12.63 -17.03
CA GLU A 229 -36.77 14.07 -17.16
C GLU A 229 -35.40 14.73 -17.23
N THR A 230 -35.25 15.66 -18.15
CA THR A 230 -33.99 16.38 -18.33
C THR A 230 -33.61 17.15 -17.08
N PRO A 231 -32.50 16.73 -16.46
CA PRO A 231 -32.02 17.36 -15.24
C PRO A 231 -31.03 18.46 -15.55
N THR A 232 -30.75 19.31 -14.56
CA THR A 232 -29.70 20.31 -14.71
C THR A 232 -28.76 20.08 -13.52
N VAL A 233 -27.52 20.48 -13.62
CA VAL A 233 -26.57 20.35 -12.51
C VAL A 233 -27.08 21.05 -11.25
N ASP A 234 -27.48 22.31 -11.28
CA ASP A 234 -28.01 22.98 -10.10
C ASP A 234 -29.19 22.23 -9.48
N ASP A 235 -30.10 21.65 -10.25
CA ASP A 235 -31.20 20.87 -9.68
C ASP A 235 -30.71 19.62 -8.96
N ILE A 236 -29.67 18.95 -9.48
CA ILE A 236 -29.18 17.74 -8.80
C ILE A 236 -28.53 18.10 -7.48
N ILE A 237 -27.82 19.23 -7.48
CA ILE A 237 -27.18 19.73 -6.28
C ILE A 237 -28.23 19.96 -5.21
N ASP A 238 -29.36 20.55 -5.56
CA ASP A 238 -30.44 20.82 -4.61
C ASP A 238 -31.02 19.51 -4.10
N VAL A 239 -31.21 18.57 -5.03
CA VAL A 239 -31.71 17.25 -4.64
C VAL A 239 -30.76 16.63 -3.63
N PHE A 240 -29.45 16.64 -3.92
CA PHE A 240 -28.53 15.99 -2.99
C PHE A 240 -28.42 16.74 -1.67
N GLU A 241 -28.49 18.06 -1.69
CA GLU A 241 -28.44 18.87 -0.48
C GLU A 241 -29.63 18.58 0.42
N ASP A 242 -30.79 18.35 -0.18
CA ASP A 242 -32.03 18.09 0.49
C ASP A 242 -32.19 16.68 1.04
N THR A 243 -31.48 15.73 0.44
CA THR A 243 -31.62 14.34 0.82
C THR A 243 -30.78 14.02 2.05
N PRO A 244 -31.40 13.28 2.97
CA PRO A 244 -30.78 12.90 4.23
C PRO A 244 -29.56 12.02 4.05
N ARG A 245 -28.56 12.21 4.91
CA ARG A 245 -27.37 11.40 4.95
C ARG A 245 -26.51 11.46 3.70
N VAL A 246 -26.63 12.54 2.94
CA VAL A 246 -25.82 12.79 1.78
C VAL A 246 -25.15 14.13 1.96
N ILE A 247 -23.86 14.32 1.71
CA ILE A 247 -23.29 15.66 1.83
C ILE A 247 -22.53 15.97 0.54
N LEU A 248 -22.41 17.23 0.16
CA LEU A 248 -21.64 17.63 -0.99
C LEU A 248 -20.26 18.11 -0.52
N ILE A 249 -19.19 17.66 -1.17
CA ILE A 249 -17.86 18.10 -0.77
C ILE A 249 -17.16 18.65 -2.02
N SER A 250 -16.05 19.34 -1.85
CA SER A 250 -15.32 19.74 -3.05
C SER A 250 -13.82 19.52 -2.90
N ALA A 251 -13.23 19.20 -4.06
CA ALA A 251 -11.79 19.03 -4.14
C ALA A 251 -11.14 20.41 -4.01
N GLU A 252 -11.84 21.47 -4.41
CA GLU A 252 -11.32 22.82 -4.28
C GLU A 252 -11.12 23.20 -2.81
N ASP A 253 -11.95 22.69 -1.90
CA ASP A 253 -11.82 22.98 -0.48
C ASP A 253 -10.87 22.04 0.25
N GLY A 254 -10.14 21.21 -0.50
CA GLY A 254 -9.17 20.29 0.09
C GLY A 254 -9.69 18.85 0.17
N LEU A 255 -10.95 18.58 -0.15
CA LEU A 255 -11.41 17.17 -0.06
C LEU A 255 -11.20 16.45 -1.39
N THR A 256 -9.95 16.15 -1.75
CA THR A 256 -9.63 15.58 -3.05
C THR A 256 -9.64 14.07 -3.17
N SER A 257 -9.74 13.36 -2.07
CA SER A 257 -9.68 11.91 -2.02
C SER A 257 -10.38 11.31 -0.80
N THR A 258 -10.44 9.98 -0.75
CA THR A 258 -11.07 9.33 0.41
C THR A 258 -10.30 9.62 1.68
N ALA A 259 -8.97 9.80 1.63
CA ALA A 259 -8.18 10.07 2.81
C ALA A 259 -8.48 11.46 3.36
N GLU A 260 -8.64 12.48 2.53
CA GLU A 260 -9.01 13.81 3.03
C GLU A 260 -10.45 13.84 3.52
N ILE A 261 -11.34 13.03 2.96
CA ILE A 261 -12.71 12.92 3.45
C ILE A 261 -12.70 12.35 4.88
N MET A 262 -11.87 11.33 5.10
CA MET A 262 -11.87 10.69 6.42
C MET A 262 -11.21 11.62 7.44
N GLU A 263 -10.33 12.49 6.97
CA GLU A 263 -9.67 13.48 7.82
C GLU A 263 -10.75 14.47 8.28
N TYR A 264 -11.58 14.88 7.35
CA TYR A 264 -12.72 15.75 7.60
C TYR A 264 -13.64 15.09 8.64
N ALA A 265 -13.92 13.79 8.51
CA ALA A 265 -14.71 13.06 9.50
C ALA A 265 -14.08 13.05 10.89
N LYS A 266 -12.76 13.05 11.05
CA LYS A 266 -12.14 13.15 12.36
C LYS A 266 -12.31 14.58 12.91
N GLU A 267 -12.48 15.58 12.06
CA GLU A 267 -12.68 16.96 12.52
C GLU A 267 -14.09 17.14 13.09
N LEU A 268 -15.01 16.31 12.64
CA LEU A 268 -16.41 16.29 13.10
C LEU A 268 -16.58 15.80 14.52
N GLY A 269 -15.63 14.98 14.95
CA GLY A 269 -15.64 14.47 16.31
C GLY A 269 -16.79 13.58 16.71
N ARG A 270 -17.30 12.72 15.82
CA ARG A 270 -18.33 11.79 16.28
C ARG A 270 -17.60 10.47 16.66
N SER A 271 -18.39 9.52 17.11
CA SER A 271 -18.00 8.18 17.47
C SER A 271 -17.05 7.54 16.46
N ARG A 272 -15.88 7.14 16.93
CA ARG A 272 -14.81 6.50 16.19
C ARG A 272 -14.32 7.26 14.96
N ASN A 273 -14.55 8.55 14.76
CA ASN A 273 -14.15 9.29 13.61
C ASN A 273 -14.99 8.87 12.39
N ASP A 274 -16.11 8.20 12.57
CA ASP A 274 -16.92 7.66 11.49
C ASP A 274 -17.55 8.67 10.56
N LEU A 275 -17.76 8.25 9.30
CA LEU A 275 -18.48 9.14 8.36
C LEU A 275 -19.75 8.40 7.97
N PHE A 276 -20.86 8.63 8.67
CA PHE A 276 -22.10 7.89 8.41
C PHE A 276 -22.75 8.30 7.09
N GLU A 277 -22.53 9.50 6.63
CA GLU A 277 -23.05 10.09 5.42
C GLU A 277 -22.32 9.70 4.15
N ILE A 278 -23.01 9.80 3.02
CA ILE A 278 -22.39 9.53 1.71
C ILE A 278 -21.98 10.87 1.09
N PRO A 279 -20.67 11.09 0.92
CA PRO A 279 -20.18 12.30 0.28
C PRO A 279 -20.12 12.18 -1.22
N VAL A 280 -20.61 13.23 -1.88
CA VAL A 280 -20.67 13.31 -3.33
C VAL A 280 -19.73 14.44 -3.76
N TRP A 281 -18.80 14.23 -4.68
CA TRP A 281 -17.96 15.34 -5.09
C TRP A 281 -18.80 16.29 -5.96
N ARG A 282 -19.00 17.48 -5.47
CA ARG A 282 -19.80 18.52 -6.05
C ARG A 282 -19.43 18.83 -7.50
N GLU A 283 -18.14 18.97 -7.72
CA GLU A 283 -17.62 19.25 -9.06
C GLU A 283 -17.79 18.08 -10.01
N SER A 284 -18.03 16.85 -9.56
CA SER A 284 -18.15 15.72 -10.46
C SER A 284 -19.54 15.62 -11.07
N ILE A 285 -20.52 16.37 -10.52
CA ILE A 285 -21.89 16.29 -11.00
C ILE A 285 -21.98 16.88 -12.40
N THR A 286 -22.28 16.00 -13.36
CA THR A 286 -22.30 16.36 -14.77
C THR A 286 -23.58 15.86 -15.42
N VAL A 287 -24.08 16.63 -16.37
CA VAL A 287 -25.24 16.30 -17.17
C VAL A 287 -24.87 16.33 -18.65
N VAL A 288 -25.18 15.25 -19.33
CA VAL A 288 -25.00 15.09 -20.76
C VAL A 288 -26.34 14.59 -21.29
N ASP A 289 -27.10 15.47 -21.95
CA ASP A 289 -28.43 15.14 -22.46
C ASP A 289 -29.32 14.79 -21.27
N ASN A 290 -29.78 13.56 -21.16
CA ASN A 290 -30.60 13.09 -20.04
C ASN A 290 -29.79 12.14 -19.15
N GLU A 291 -28.46 12.27 -19.21
CA GLU A 291 -27.61 11.37 -18.42
C GLU A 291 -26.81 12.16 -17.39
N ILE A 292 -26.75 11.63 -16.17
CA ILE A 292 -26.06 12.26 -15.06
C ILE A 292 -24.80 11.45 -14.70
N TYR A 293 -23.66 12.13 -14.57
CA TYR A 293 -22.45 11.47 -14.10
C TYR A 293 -22.11 12.04 -12.73
N TYR A 294 -21.59 11.26 -11.79
CA TYR A 294 -21.14 11.84 -10.52
C TYR A 294 -20.29 10.77 -9.84
N MET A 295 -19.47 11.21 -8.90
CA MET A 295 -18.67 10.30 -8.12
C MET A 295 -19.02 10.49 -6.63
N GLN A 296 -19.01 9.36 -5.92
CA GLN A 296 -19.25 9.46 -4.48
C GLN A 296 -18.31 8.47 -3.80
N ALA A 297 -18.30 8.50 -2.48
CA ALA A 297 -17.48 7.60 -1.68
C ALA A 297 -18.31 7.03 -0.54
N VAL A 298 -17.86 5.96 0.07
CA VAL A 298 -18.61 5.26 1.11
C VAL A 298 -17.68 4.84 2.24
N HIS A 299 -17.95 5.29 3.46
CA HIS A 299 -17.19 4.86 4.62
C HIS A 299 -17.87 3.55 5.01
N GLN A 300 -17.32 2.45 4.52
CA GLN A 300 -17.95 1.15 4.64
C GLN A 300 -18.16 0.65 6.04
N GLU A 301 -17.42 1.08 7.05
CA GLU A 301 -17.66 0.59 8.39
C GLU A 301 -18.88 1.18 9.05
N SER A 302 -19.38 2.31 8.57
CA SER A 302 -20.45 3.00 9.28
C SER A 302 -21.59 3.56 8.45
N ASP A 303 -21.58 3.55 7.11
CA ASP A 303 -22.79 4.08 6.44
C ASP A 303 -24.04 3.28 6.80
N ILE A 304 -23.96 1.97 6.99
CA ILE A 304 -25.10 1.16 7.39
C ILE A 304 -25.56 1.36 8.84
N VAL A 305 -24.83 1.98 9.74
CA VAL A 305 -25.20 2.10 11.14
C VAL A 305 -26.54 2.79 11.41
N PRO A 306 -26.77 4.02 11.00
CA PRO A 306 -28.07 4.68 11.06
C PRO A 306 -29.19 3.89 10.41
N GLU A 307 -28.99 3.15 9.31
CA GLU A 307 -30.03 2.31 8.73
C GLU A 307 -30.52 1.25 9.74
N ASN A 308 -29.60 0.66 10.52
CA ASN A 308 -29.99 -0.30 11.54
C ASN A 308 -30.93 0.33 12.59
N VAL A 309 -30.65 1.54 13.04
CA VAL A 309 -31.51 2.17 14.04
C VAL A 309 -32.90 2.43 13.46
N ASP A 310 -33.01 2.83 12.20
CA ASP A 310 -34.33 3.07 11.60
C ASP A 310 -35.04 1.74 11.39
N ALA A 311 -34.29 0.68 11.07
CA ALA A 311 -34.86 -0.64 10.91
C ALA A 311 -35.49 -1.17 12.20
N VAL A 312 -34.94 -0.87 13.37
CA VAL A 312 -35.57 -1.24 14.62
C VAL A 312 -36.93 -0.52 14.75
N ARG A 313 -36.98 0.76 14.39
CA ARG A 313 -38.24 1.49 14.54
C ARG A 313 -39.28 0.88 13.61
N ALA A 314 -38.86 0.47 12.41
CA ALA A 314 -39.79 -0.12 11.48
C ALA A 314 -40.29 -1.45 12.04
N ILE A 315 -39.36 -2.36 12.31
CA ILE A 315 -39.66 -3.69 12.79
C ILE A 315 -40.52 -3.75 14.05
N LEU A 316 -40.29 -2.88 15.03
CA LEU A 316 -41.02 -2.87 16.27
C LEU A 316 -42.19 -1.89 16.25
N GLU A 317 -42.48 -1.31 15.11
CA GLU A 317 -43.62 -0.39 14.97
C GLU A 317 -43.58 0.77 15.93
N MET A 318 -42.43 1.44 16.07
CA MET A 318 -42.28 2.58 16.96
C MET A 318 -42.61 3.84 16.19
N GLU A 319 -42.44 3.80 14.88
CA GLU A 319 -42.65 4.97 14.05
C GLU A 319 -43.05 4.56 12.65
N GLU A 320 -44.17 5.06 12.14
CA GLU A 320 -44.64 4.66 10.82
C GLU A 320 -44.12 5.62 9.74
N ASP A 321 -43.79 6.84 10.15
CA ASP A 321 -43.25 7.82 9.20
C ASP A 321 -41.72 7.67 9.11
N LYS A 322 -41.20 7.24 7.97
CA LYS A 322 -39.76 7.06 7.78
C LYS A 322 -38.99 8.36 7.98
N TYR A 323 -39.48 9.54 7.60
CA TYR A 323 -38.77 10.77 7.92
C TYR A 323 -38.71 11.06 9.41
N LYS A 324 -39.69 10.67 10.23
CA LYS A 324 -39.54 10.93 11.65
C LYS A 324 -38.42 10.08 12.23
N SER A 325 -38.32 8.83 11.80
CA SER A 325 -37.31 7.92 12.30
C SER A 325 -35.92 8.37 11.84
N ILE A 326 -35.75 8.70 10.56
CA ILE A 326 -34.48 9.19 10.01
C ILE A 326 -33.93 10.39 10.76
N ASN A 327 -34.78 11.41 10.95
CA ASN A 327 -34.44 12.62 11.66
C ASN A 327 -34.18 12.33 13.14
N LYS A 328 -34.88 11.34 13.69
CA LYS A 328 -34.69 11.08 15.14
C LYS A 328 -33.36 10.36 15.35
N THR A 329 -33.07 9.44 14.43
CA THR A 329 -31.81 8.73 14.38
C THR A 329 -30.67 9.72 14.14
N ASN A 330 -30.83 10.62 13.16
CA ASN A 330 -29.79 11.59 12.82
C ASN A 330 -29.50 12.51 13.98
N LYS A 331 -30.55 13.01 14.64
CA LYS A 331 -30.31 13.88 15.80
C LYS A 331 -29.54 13.18 16.92
N ALA A 332 -29.89 11.94 17.28
CA ALA A 332 -29.18 11.25 18.35
C ALA A 332 -27.74 10.89 17.97
N MET A 333 -27.46 10.67 16.68
CA MET A 333 -26.13 10.36 16.20
C MET A 333 -25.32 11.56 15.74
N ASN A 334 -25.86 12.76 15.77
CA ASN A 334 -25.15 13.98 15.38
C ASN A 334 -24.77 13.93 13.91
N ILE A 335 -25.70 13.45 13.09
CA ILE A 335 -25.48 13.29 11.66
C ILE A 335 -25.68 14.62 11.00
N LEU A 336 -24.74 14.95 10.10
CA LEU A 336 -24.86 16.22 9.38
C LEU A 336 -26.27 16.30 8.79
N MET B 1 -6.16 32.56 33.38
CA MET B 1 -5.77 31.79 32.22
C MET B 1 -4.66 32.38 31.36
N LYS B 2 -3.78 31.52 30.88
CA LYS B 2 -2.76 31.99 29.93
C LYS B 2 -3.39 31.92 28.55
N ALA B 3 -3.20 33.00 27.79
CA ALA B 3 -3.78 33.13 26.45
C ALA B 3 -2.77 32.52 25.49
N VAL B 4 -3.17 31.46 24.79
CA VAL B 4 -2.18 30.79 23.91
C VAL B 4 -2.54 30.96 22.44
N ALA B 5 -1.56 31.20 21.58
CA ALA B 5 -1.82 31.28 20.15
C ALA B 5 -1.21 30.08 19.42
N ILE B 6 -1.95 29.59 18.43
CA ILE B 6 -1.39 28.45 17.67
C ILE B 6 -1.03 28.95 16.29
N ASN B 7 0.25 28.98 15.95
CA ASN B 7 0.66 29.41 14.62
C ASN B 7 0.93 28.14 13.78
N GLY B 8 -0.01 27.89 12.87
CA GLY B 8 0.05 26.68 12.04
C GLY B 8 -1.00 25.67 12.55
N TYR B 9 -2.24 25.81 12.09
CA TYR B 9 -3.33 24.91 12.44
C TYR B 9 -3.31 23.68 11.52
N GLY B 10 -2.26 22.86 11.60
CA GLY B 10 -2.10 21.73 10.70
C GLY B 10 -2.23 20.40 11.44
N THR B 11 -1.50 19.38 11.01
CA THR B 11 -1.61 18.07 11.65
C THR B 11 -1.38 18.14 13.17
N VAL B 12 -0.28 18.77 13.54
CA VAL B 12 0.02 18.90 14.97
C VAL B 12 -0.78 20.03 15.61
N GLY B 13 -0.81 21.18 14.96
CA GLY B 13 -1.43 22.37 15.46
C GLY B 13 -2.89 22.26 15.85
N LYS B 14 -3.70 21.59 15.04
CA LYS B 14 -5.13 21.45 15.33
C LYS B 14 -5.33 20.63 16.61
N ARG B 15 -4.44 19.68 16.82
CA ARG B 15 -4.47 18.82 17.99
C ARG B 15 -3.98 19.56 19.22
N VAL B 16 -2.97 20.39 19.05
CA VAL B 16 -2.41 21.16 20.18
C VAL B 16 -3.43 22.18 20.63
N ALA B 17 -4.17 22.77 19.68
CA ALA B 17 -5.21 23.72 19.98
C ALA B 17 -6.25 23.10 20.90
N ASP B 18 -6.78 21.93 20.56
CA ASP B 18 -7.74 21.24 21.43
C ASP B 18 -7.18 20.85 22.78
N ALA B 19 -5.95 20.38 22.87
CA ALA B 19 -5.33 19.95 24.13
C ALA B 19 -5.17 21.16 25.06
N ILE B 20 -4.75 22.30 24.53
CA ILE B 20 -4.59 23.55 25.27
C ILE B 20 -5.95 24.00 25.80
N ALA B 21 -6.97 23.97 24.93
CA ALA B 21 -8.30 24.39 25.28
C ALA B 21 -8.87 23.53 26.40
N GLN B 22 -8.54 22.25 26.45
CA GLN B 22 -8.98 21.37 27.50
C GLN B 22 -8.38 21.76 28.87
N GLN B 23 -7.26 22.44 28.96
CA GLN B 23 -6.68 22.73 30.28
C GLN B 23 -7.52 23.72 31.07
N ASP B 24 -7.39 23.70 32.41
CA ASP B 24 -8.19 24.68 33.17
C ASP B 24 -7.39 25.95 33.44
N ASP B 25 -6.13 26.00 33.07
CA ASP B 25 -5.30 27.18 33.26
C ASP B 25 -4.87 27.86 31.98
N MET B 26 -5.40 27.51 30.81
CA MET B 26 -4.97 28.07 29.53
C MET B 26 -6.21 28.18 28.61
N LYS B 27 -6.13 29.01 27.59
CA LYS B 27 -7.19 29.11 26.61
C LYS B 27 -6.53 29.40 25.25
N VAL B 28 -7.29 29.12 24.19
CA VAL B 28 -6.77 29.37 22.86
C VAL B 28 -7.28 30.71 22.38
N ILE B 29 -6.42 31.70 22.13
CA ILE B 29 -6.99 32.97 21.66
C ILE B 29 -6.97 33.01 20.14
N GLY B 30 -6.36 32.00 19.50
CA GLY B 30 -6.37 31.99 18.05
C GLY B 30 -5.54 30.92 17.39
N VAL B 31 -5.94 30.58 16.16
CA VAL B 31 -5.23 29.64 15.31
C VAL B 31 -5.02 30.29 13.94
N SER B 32 -3.91 29.98 13.28
CA SER B 32 -3.69 30.61 11.98
C SER B 32 -3.58 29.60 10.84
N LYS B 33 -3.99 30.02 9.65
CA LYS B 33 -3.89 29.21 8.44
C LYS B 33 -3.33 30.08 7.31
N THR B 34 -2.94 29.42 6.22
CA THR B 34 -2.46 30.17 5.06
C THR B 34 -3.52 30.03 3.95
N ARG B 35 -4.15 28.88 3.82
CA ARG B 35 -5.18 28.73 2.78
C ARG B 35 -6.53 28.42 3.38
N PRO B 36 -7.58 28.95 2.76
CA PRO B 36 -8.95 28.77 3.21
C PRO B 36 -9.46 27.43 2.72
N ASP B 37 -9.36 26.40 3.51
CA ASP B 37 -9.82 25.05 3.10
C ASP B 37 -10.77 24.50 4.14
N PHE B 38 -11.11 23.21 4.09
CA PHE B 38 -12.02 22.62 5.07
C PHE B 38 -11.47 22.78 6.48
N GLU B 39 -10.15 22.77 6.70
CA GLU B 39 -9.66 22.92 8.08
C GLU B 39 -9.87 24.32 8.65
N ALA B 40 -9.84 25.34 7.83
CA ALA B 40 -10.09 26.73 8.26
C ALA B 40 -11.55 26.84 8.67
N ARG B 41 -12.45 26.27 7.89
CA ARG B 41 -13.88 26.28 8.20
C ARG B 41 -14.15 25.53 9.51
N MET B 42 -13.52 24.39 9.76
CA MET B 42 -13.71 23.60 10.97
C MET B 42 -13.12 24.31 12.18
N ALA B 43 -12.10 25.15 12.00
CA ALA B 43 -11.55 25.92 13.11
C ALA B 43 -12.64 26.82 13.69
N LEU B 44 -13.41 27.46 12.81
CA LEU B 44 -14.53 28.30 13.21
C LEU B 44 -15.66 27.50 13.82
N LYS B 45 -15.95 26.30 13.31
CA LYS B 45 -16.97 25.44 13.89
C LYS B 45 -16.64 25.15 15.34
N LYS B 46 -15.35 24.95 15.62
CA LYS B 46 -14.89 24.64 16.96
C LYS B 46 -14.80 25.88 17.85
N GLY B 47 -15.11 27.08 17.36
CA GLY B 47 -15.08 28.25 18.21
C GLY B 47 -13.75 28.97 18.26
N TYR B 48 -12.77 28.58 17.45
CA TYR B 48 -11.51 29.33 17.52
C TYR B 48 -11.59 30.59 16.65
N ASP B 49 -10.81 31.59 17.03
CA ASP B 49 -10.65 32.77 16.19
C ASP B 49 -9.61 32.42 15.13
N LEU B 50 -9.95 32.61 13.87
CA LEU B 50 -9.07 32.35 12.76
C LEU B 50 -8.23 33.52 12.30
N TYR B 51 -6.92 33.41 12.28
CA TYR B 51 -6.03 34.48 11.82
C TYR B 51 -5.25 34.06 10.57
N VAL B 52 -4.98 35.01 9.66
CA VAL B 52 -4.25 34.66 8.45
C VAL B 52 -2.79 35.04 8.53
N ALA B 53 -1.92 34.15 8.04
CA ALA B 53 -0.49 34.44 8.05
C ALA B 53 -0.18 35.76 7.36
N ILE B 54 -0.56 35.92 6.09
CA ILE B 54 -0.26 37.19 5.41
C ILE B 54 -1.48 38.05 5.12
N PRO B 55 -1.33 39.35 5.36
CA PRO B 55 -2.36 40.34 5.23
C PRO B 55 -3.15 40.39 3.93
N GLU B 56 -2.50 40.18 2.79
CA GLU B 56 -3.22 40.22 1.52
C GLU B 56 -4.06 38.96 1.32
N ARG B 57 -3.83 37.90 2.10
CA ARG B 57 -4.64 36.70 2.00
C ARG B 57 -5.91 36.82 2.84
N VAL B 58 -6.07 37.89 3.61
CA VAL B 58 -7.29 38.09 4.39
C VAL B 58 -8.50 38.12 3.45
N LYS B 59 -8.33 38.90 2.37
CA LYS B 59 -9.35 39.07 1.34
C LYS B 59 -9.68 37.73 0.71
N LEU B 60 -8.64 36.92 0.54
CA LEU B 60 -8.79 35.58 -0.03
C LEU B 60 -9.69 34.75 0.87
N PHE B 61 -9.52 34.75 2.20
CA PHE B 61 -10.43 34.00 3.05
C PHE B 61 -11.84 34.58 3.05
N GLU B 62 -11.94 35.90 3.22
CA GLU B 62 -13.24 36.57 3.18
C GLU B 62 -14.00 36.20 1.92
N LYS B 63 -13.39 36.26 0.73
CA LYS B 63 -14.08 35.89 -0.50
C LYS B 63 -14.55 34.45 -0.53
N ALA B 64 -13.93 33.53 0.22
CA ALA B 64 -14.38 32.16 0.31
C ALA B 64 -15.44 31.94 1.39
N GLY B 65 -15.93 32.97 2.05
CA GLY B 65 -16.94 32.85 3.09
C GLY B 65 -16.35 32.55 4.45
N ILE B 66 -15.02 32.67 4.62
CA ILE B 66 -14.43 32.38 5.92
C ILE B 66 -14.09 33.61 6.74
N GLU B 67 -14.91 33.89 7.74
CA GLU B 67 -14.71 35.00 8.66
C GLU B 67 -13.35 34.89 9.34
N VAL B 68 -12.50 35.89 9.16
CA VAL B 68 -11.16 35.95 9.71
C VAL B 68 -11.08 37.00 10.81
N ALA B 69 -10.26 36.80 11.84
CA ALA B 69 -10.16 37.75 12.95
C ALA B 69 -9.02 38.73 12.77
N GLY B 70 -8.13 38.46 11.82
CA GLY B 70 -7.01 39.36 11.55
C GLY B 70 -5.82 38.59 11.02
N THR B 71 -4.64 39.19 11.13
CA THR B 71 -3.41 38.56 10.66
C THR B 71 -2.67 37.89 11.80
N VAL B 72 -1.59 37.18 11.50
CA VAL B 72 -0.78 36.58 12.56
C VAL B 72 -0.28 37.66 13.50
N ASP B 73 0.18 38.78 12.93
CA ASP B 73 0.63 39.92 13.73
C ASP B 73 -0.42 40.29 14.77
N ASP B 74 -1.67 40.48 14.39
CA ASP B 74 -2.77 40.71 15.32
C ASP B 74 -2.93 39.63 16.37
N MET B 75 -2.90 38.36 15.94
CA MET B 75 -3.06 37.21 16.81
C MET B 75 -2.02 37.23 17.93
N LEU B 76 -0.76 37.43 17.59
CA LEU B 76 0.34 37.49 18.54
C LEU B 76 0.18 38.64 19.52
N ASP B 77 -0.49 39.75 19.20
CA ASP B 77 -0.67 40.79 20.22
C ASP B 77 -1.62 40.31 21.33
N GLU B 78 -2.48 39.34 21.08
CA GLU B 78 -3.43 38.84 22.04
C GLU B 78 -2.91 37.69 22.91
N ALA B 79 -1.65 37.31 22.78
CA ALA B 79 -1.22 36.11 23.48
C ALA B 79 -0.08 36.27 24.45
N ASP B 80 0.02 35.35 25.40
CA ASP B 80 1.08 35.25 26.37
C ASP B 80 2.17 34.32 25.85
N ILE B 81 1.80 33.52 24.84
CA ILE B 81 2.77 32.59 24.23
C ILE B 81 2.22 32.14 22.89
N VAL B 82 3.07 31.73 21.97
CA VAL B 82 2.64 31.22 20.67
C VAL B 82 3.22 29.81 20.48
N ILE B 83 2.40 28.85 20.05
CA ILE B 83 2.94 27.49 19.84
C ILE B 83 3.06 27.41 18.32
N ASP B 84 4.28 27.29 17.83
CA ASP B 84 4.49 27.30 16.38
C ASP B 84 4.33 25.88 15.84
N CYS B 85 3.44 25.67 14.89
CA CYS B 85 3.28 24.30 14.36
C CYS B 85 3.36 24.34 12.84
N THR B 86 4.23 25.23 12.37
CA THR B 86 4.45 25.45 10.93
C THR B 86 5.42 24.42 10.40
N PRO B 87 5.49 24.28 9.08
CA PRO B 87 6.36 23.31 8.43
C PRO B 87 7.82 23.49 8.78
N GLU B 88 8.59 22.42 8.70
CA GLU B 88 9.99 22.40 9.06
C GLU B 88 10.80 23.52 8.43
N GLY B 89 11.62 24.19 9.23
CA GLY B 89 12.41 25.31 8.71
C GLY B 89 11.65 26.62 8.87
N ILE B 90 10.31 26.58 8.81
CA ILE B 90 9.49 27.75 8.95
C ILE B 90 9.43 28.24 10.39
N GLY B 91 9.64 27.38 11.38
CA GLY B 91 9.71 27.79 12.78
C GLY B 91 10.85 28.80 12.90
N ALA B 92 12.03 28.42 12.44
CA ALA B 92 13.21 29.29 12.45
C ALA B 92 12.94 30.64 11.82
N LYS B 93 12.33 30.73 10.63
CA LYS B 93 12.02 32.03 10.04
C LYS B 93 11.12 32.87 10.95
N ASN B 94 10.07 32.26 11.50
CA ASN B 94 9.16 32.91 12.41
C ASN B 94 9.82 33.36 13.72
N LEU B 95 10.87 32.73 14.18
CA LEU B 95 11.52 33.09 15.44
C LEU B 95 11.95 34.57 15.48
N LYS B 96 12.40 35.14 14.36
CA LYS B 96 12.76 36.54 14.22
C LYS B 96 11.58 37.45 14.56
N MET B 97 10.42 37.13 13.97
CA MET B 97 9.23 37.89 14.26
C MET B 97 8.84 37.73 15.73
N TYR B 98 9.01 36.54 16.31
CA TYR B 98 8.59 36.39 17.70
C TYR B 98 9.48 37.26 18.62
N LYS B 99 10.77 37.29 18.32
CA LYS B 99 11.72 38.10 19.06
C LYS B 99 11.42 39.59 18.94
N GLU B 100 11.14 40.07 17.74
CA GLU B 100 10.76 41.44 17.47
C GLU B 100 9.50 41.83 18.24
N LYS B 101 8.63 40.86 18.47
CA LYS B 101 7.42 41.06 19.23
C LYS B 101 7.62 40.92 20.73
N GLY B 102 8.75 40.32 21.12
CA GLY B 102 8.98 40.01 22.51
C GLY B 102 8.04 38.90 23.01
N ILE B 103 7.67 37.92 22.20
CA ILE B 103 6.75 36.88 22.65
C ILE B 103 7.48 35.54 22.72
N LYS B 104 7.25 34.84 23.81
CA LYS B 104 7.90 33.53 24.01
C LYS B 104 7.20 32.51 23.11
N ALA B 105 7.89 31.45 22.71
CA ALA B 105 7.26 30.48 21.82
C ALA B 105 7.86 29.10 21.94
N ILE B 106 7.02 28.13 21.56
CA ILE B 106 7.35 26.71 21.52
C ILE B 106 7.34 26.27 20.05
N PHE B 107 8.32 25.45 19.69
CA PHE B 107 8.51 24.92 18.37
C PHE B 107 8.37 23.39 18.36
N GLN B 108 8.12 22.84 17.19
CA GLN B 108 8.02 21.40 16.97
C GLN B 108 9.35 20.81 16.52
N GLY B 109 9.41 19.48 16.63
CA GLY B 109 10.58 18.69 16.35
C GLY B 109 11.16 18.81 14.95
N GLY B 110 10.43 19.36 13.98
CA GLY B 110 10.98 19.55 12.65
C GLY B 110 12.05 20.67 12.69
N GLU B 111 12.02 21.59 13.67
CA GLU B 111 13.09 22.62 13.66
C GLU B 111 14.41 22.05 14.14
N LYS B 112 15.50 22.76 13.81
CA LYS B 112 16.82 22.30 14.25
C LYS B 112 17.03 22.78 15.68
N HIS B 113 17.63 21.89 16.47
CA HIS B 113 17.94 22.25 17.86
C HIS B 113 18.83 23.50 17.88
N GLU B 114 19.87 23.55 17.05
CA GLU B 114 20.71 24.75 17.04
C GLU B 114 19.91 26.00 16.69
N ASP B 115 18.93 25.97 15.79
CA ASP B 115 18.21 27.21 15.50
C ASP B 115 17.37 27.67 16.68
N ILE B 116 16.91 26.80 17.57
CA ILE B 116 16.02 27.26 18.65
C ILE B 116 16.83 27.45 19.93
N GLY B 117 17.88 26.67 20.12
CA GLY B 117 18.73 26.81 21.30
C GLY B 117 18.49 25.77 22.39
N LEU B 118 17.28 25.24 22.46
CA LEU B 118 16.87 24.31 23.50
C LEU B 118 15.78 23.34 23.04
N SER B 119 15.82 22.12 23.55
CA SER B 119 14.83 21.11 23.20
C SER B 119 14.13 20.64 24.47
N PHE B 120 12.90 20.12 24.32
CA PHE B 120 12.12 19.71 25.48
C PHE B 120 11.45 18.35 25.39
N ASN B 121 11.42 17.66 26.53
CA ASN B 121 10.67 16.44 26.71
C ASN B 121 10.21 16.51 28.18
N SER B 122 8.92 16.48 28.44
CA SER B 122 8.41 16.66 29.80
C SER B 122 9.12 15.85 30.88
N LEU B 123 9.31 14.54 30.73
CA LEU B 123 9.96 13.75 31.75
C LEU B 123 11.47 13.89 31.77
N SER B 124 12.11 13.99 30.61
CA SER B 124 13.55 14.05 30.52
C SER B 124 14.25 15.32 31.00
N ASN B 125 13.78 16.50 30.65
CA ASN B 125 14.48 17.73 30.95
C ASN B 125 13.54 18.92 31.00
N TYR B 126 12.36 18.71 31.58
CA TYR B 126 11.37 19.80 31.75
C TYR B 126 11.99 21.05 32.37
N GLU B 127 12.85 20.89 33.38
CA GLU B 127 13.46 21.99 34.11
C GLU B 127 14.35 22.87 33.25
N GLU B 128 14.93 22.31 32.19
CA GLU B 128 15.79 23.08 31.30
C GLU B 128 15.01 24.17 30.57
N SER B 129 13.69 24.05 30.45
CA SER B 129 12.88 25.07 29.83
C SER B 129 12.16 25.95 30.85
N TYR B 130 12.27 25.61 32.13
CA TYR B 130 11.62 26.41 33.17
C TYR B 130 12.06 27.88 33.13
N GLY B 131 11.13 28.73 32.68
CA GLY B 131 11.38 30.15 32.63
C GLY B 131 12.21 30.60 31.42
N LYS B 132 12.40 29.72 30.44
CA LYS B 132 13.23 30.15 29.29
C LYS B 132 12.32 30.86 28.31
N ASP B 133 12.88 31.26 27.17
CA ASP B 133 12.10 31.99 26.19
C ASP B 133 11.50 31.14 25.08
N TYR B 134 12.33 30.29 24.49
CA TYR B 134 12.00 29.47 23.32
C TYR B 134 12.47 28.04 23.56
N THR B 135 11.63 27.08 23.18
CA THR B 135 12.04 25.68 23.37
C THR B 135 11.45 24.81 22.26
N ARG B 136 12.14 23.72 21.95
CA ARG B 136 11.72 22.82 20.87
C ARG B 136 11.15 21.52 21.38
N VAL B 137 9.86 21.26 21.23
CA VAL B 137 9.37 19.92 21.66
C VAL B 137 10.00 18.93 20.69
N VAL B 138 10.76 17.93 21.06
CA VAL B 138 11.37 17.01 20.09
C VAL B 138 10.34 16.21 19.31
N SER B 139 10.72 15.70 18.14
CA SER B 139 9.80 15.05 17.22
C SER B 139 9.02 13.85 17.74
N CYS B 140 8.09 13.37 16.91
CA CYS B 140 7.28 12.19 17.27
C CYS B 140 8.13 11.01 17.68
N ASN B 141 9.15 10.67 16.86
CA ASN B 141 9.97 9.52 17.18
C ASN B 141 10.93 9.76 18.35
N THR B 142 11.46 10.97 18.50
CA THR B 142 12.39 11.28 19.60
C THR B 142 11.63 11.20 20.91
N THR B 143 10.45 11.82 20.95
CA THR B 143 9.57 11.74 22.12
C THR B 143 9.25 10.30 22.48
N GLY B 144 8.93 9.48 21.48
CA GLY B 144 8.62 8.07 21.68
C GLY B 144 9.76 7.30 22.32
N LEU B 145 10.99 7.52 21.80
CA LEU B 145 12.17 6.85 22.36
C LEU B 145 12.40 7.31 23.80
N CYS B 146 12.26 8.60 24.05
CA CYS B 146 12.46 9.15 25.40
C CYS B 146 11.46 8.67 26.44
N ARG B 147 10.20 8.47 26.04
CA ARG B 147 9.17 7.96 26.94
C ARG B 147 9.58 6.65 27.60
N THR B 148 10.27 5.73 26.91
CA THR B 148 10.67 4.48 27.54
C THR B 148 12.16 4.47 27.87
N LEU B 149 13.01 5.23 27.18
CA LEU B 149 14.45 5.26 27.52
C LEU B 149 14.76 5.99 28.84
N LYS B 150 14.14 7.10 29.12
CA LYS B 150 14.27 7.85 30.36
C LYS B 150 14.05 7.00 31.61
N PRO B 151 12.91 6.35 31.78
CA PRO B 151 12.62 5.46 32.90
C PRO B 151 13.59 4.30 32.99
N LEU B 152 13.99 3.71 31.85
CA LEU B 152 14.99 2.66 31.85
C LEU B 152 16.35 3.25 32.31
N HIS B 153 16.66 4.47 31.91
CA HIS B 153 17.90 5.11 32.30
C HIS B 153 17.91 5.35 33.82
N ASP B 154 16.81 5.91 34.34
CA ASP B 154 16.70 6.17 35.77
C ASP B 154 16.76 4.90 36.61
N SER B 155 16.12 3.82 36.19
CA SER B 155 16.09 2.59 36.96
C SER B 155 17.35 1.75 36.85
N PHE B 156 17.91 1.60 35.65
CA PHE B 156 19.03 0.69 35.45
C PHE B 156 20.34 1.31 34.99
N GLY B 157 20.28 2.52 34.48
CA GLY B 157 21.47 3.20 34.00
C GLY B 157 21.80 2.66 32.60
N ILE B 158 21.56 3.50 31.60
CA ILE B 158 21.87 3.13 30.23
C ILE B 158 23.34 3.30 29.90
N LYS B 159 23.91 2.22 29.39
CA LYS B 159 25.25 2.14 28.87
C LYS B 159 25.22 2.42 27.37
N LYS B 160 24.30 1.75 26.64
CA LYS B 160 24.20 2.01 25.21
C LYS B 160 22.84 1.64 24.60
N VAL B 161 22.30 2.44 23.70
CA VAL B 161 21.04 2.10 23.05
C VAL B 161 21.28 1.88 21.57
N ARG B 162 20.73 0.81 21.02
CA ARG B 162 20.80 0.60 19.57
C ARG B 162 19.33 0.55 19.15
N ALA B 163 18.85 1.40 18.25
CA ALA B 163 17.45 1.34 17.89
C ALA B 163 17.23 1.40 16.37
N VAL B 164 16.29 0.61 15.90
CA VAL B 164 15.95 0.66 14.44
C VAL B 164 14.51 1.16 14.35
N ILE B 165 14.35 2.32 13.71
CA ILE B 165 13.06 2.97 13.56
C ILE B 165 12.37 2.65 12.21
N VAL B 166 11.15 2.12 12.26
CA VAL B 166 10.40 1.79 11.05
C VAL B 166 9.35 2.90 10.88
N ARG B 167 9.60 3.80 9.95
CA ARG B 167 8.77 4.97 9.80
C ARG B 167 7.65 4.87 8.79
N ARG B 168 6.52 5.47 9.18
CA ARG B 168 5.39 5.56 8.28
C ARG B 168 5.77 6.54 7.18
N GLY B 169 5.34 6.29 5.97
CA GLY B 169 5.67 7.12 4.82
C GLY B 169 5.06 8.51 4.84
N ALA B 170 3.77 8.58 5.13
CA ALA B 170 3.05 9.85 5.18
C ALA B 170 1.80 9.70 6.04
N ASP B 171 1.38 10.79 6.65
CA ASP B 171 0.19 10.79 7.50
C ASP B 171 -1.04 10.42 6.68
N PRO B 172 -2.09 9.92 7.31
CA PRO B 172 -3.30 9.49 6.63
C PRO B 172 -3.80 10.41 5.56
N ALA B 173 -3.96 11.70 5.84
CA ALA B 173 -4.45 12.62 4.82
C ALA B 173 -3.40 13.05 3.80
N GLN B 174 -2.11 12.77 3.92
CA GLN B 174 -1.14 13.27 2.93
C GLN B 174 -1.18 12.32 1.72
N VAL B 175 -1.84 12.60 0.61
CA VAL B 175 -1.94 11.66 -0.50
C VAL B 175 -0.94 11.84 -1.62
N SER B 176 -0.08 12.84 -1.51
CA SER B 176 0.90 13.05 -2.57
C SER B 176 2.24 12.44 -2.20
N LYS B 177 2.41 11.82 -1.04
CA LYS B 177 3.73 11.29 -0.68
C LYS B 177 3.82 9.78 -0.76
N GLY B 178 4.97 9.22 -1.11
CA GLY B 178 5.13 7.76 -1.22
C GLY B 178 5.93 7.27 -0.02
N PRO B 179 6.46 6.07 -0.07
CA PRO B 179 6.37 5.20 -1.22
C PRO B 179 5.13 4.33 -1.22
N ILE B 180 4.63 3.98 -2.38
CA ILE B 180 3.53 3.04 -2.51
C ILE B 180 4.00 1.63 -2.23
N ASN B 181 5.23 1.33 -2.66
CA ASN B 181 5.71 -0.06 -2.49
C ASN B 181 7.22 -0.15 -2.55
N ALA B 182 7.83 0.24 -1.43
CA ALA B 182 9.27 0.13 -1.24
C ALA B 182 9.67 0.32 0.21
N ILE B 183 10.90 -0.03 0.52
CA ILE B 183 11.51 0.28 1.81
C ILE B 183 12.66 1.24 1.48
N ILE B 184 12.70 2.42 2.10
CA ILE B 184 13.74 3.42 1.85
C ILE B 184 14.62 3.72 3.05
N PRO B 185 15.91 3.36 3.05
CA PRO B 185 16.82 3.78 4.13
C PRO B 185 16.65 5.27 4.34
N ASN B 186 16.61 5.75 5.58
CA ASN B 186 16.29 7.13 5.88
C ASN B 186 17.10 7.78 6.97
N PRO B 187 18.33 8.19 6.67
CA PRO B 187 18.98 7.97 5.39
C PRO B 187 19.90 6.78 5.37
N PRO B 188 20.53 6.49 4.25
CA PRO B 188 21.48 5.41 4.09
C PRO B 188 22.76 5.71 4.83
N LYS B 189 23.16 6.95 5.06
CA LYS B 189 24.35 7.26 5.83
C LYS B 189 24.00 7.14 7.30
N LEU B 190 24.66 6.29 8.07
CA LEU B 190 24.32 6.12 9.48
C LEU B 190 25.32 6.80 10.38
N PRO B 191 24.96 6.98 11.64
CA PRO B 191 23.65 6.67 12.20
C PRO B 191 22.60 7.73 11.86
N SER B 192 21.30 7.52 12.05
CA SER B 192 20.28 8.50 11.73
C SER B 192 20.18 9.66 12.74
N HIS B 193 19.24 10.56 12.53
CA HIS B 193 19.08 11.78 13.30
C HIS B 193 18.46 11.57 14.69
N HIS B 194 17.68 10.51 14.86
CA HIS B 194 17.04 10.26 16.13
C HIS B 194 18.04 10.18 17.27
N GLY B 195 19.19 9.53 17.10
CA GLY B 195 20.18 9.38 18.17
C GLY B 195 20.59 10.76 18.73
N PRO B 196 21.17 11.59 17.87
CA PRO B 196 21.55 12.95 18.25
C PRO B 196 20.38 13.74 18.82
N ASP B 197 19.17 13.53 18.25
CA ASP B 197 17.99 14.24 18.72
C ASP B 197 17.61 13.80 20.13
N VAL B 198 17.78 12.51 20.47
CA VAL B 198 17.49 12.05 21.83
C VAL B 198 18.42 12.80 22.78
N LYS B 199 19.71 12.90 22.48
CA LYS B 199 20.69 13.60 23.30
C LYS B 199 20.46 15.06 23.56
N THR B 200 19.59 15.75 22.82
CA THR B 200 19.30 17.14 23.11
C THR B 200 18.41 17.19 24.36
N VAL B 201 17.80 16.06 24.79
CA VAL B 201 16.98 16.09 25.98
C VAL B 201 17.40 15.03 27.00
N LEU B 202 18.16 14.03 26.59
CA LEU B 202 18.47 12.91 27.50
C LEU B 202 19.91 12.47 27.25
N ASP B 203 20.73 12.58 28.28
CA ASP B 203 22.16 12.31 28.13
C ASP B 203 22.55 10.85 28.19
N ILE B 204 22.42 10.15 27.05
CA ILE B 204 22.74 8.73 26.99
C ILE B 204 23.50 8.43 25.70
N ASN B 205 24.11 7.28 25.61
CA ASN B 205 24.85 6.88 24.41
C ASN B 205 23.81 6.12 23.57
N ILE B 206 23.54 6.58 22.35
CA ILE B 206 22.53 5.92 21.50
C ILE B 206 22.83 6.08 20.01
N ASP B 207 22.72 4.99 19.26
CA ASP B 207 22.85 4.96 17.83
C ASP B 207 21.55 4.44 17.20
N THR B 208 21.08 5.12 16.17
CA THR B 208 19.84 4.71 15.51
C THR B 208 20.01 4.60 14.00
N MET B 209 19.18 3.75 13.44
CA MET B 209 19.00 3.50 12.01
C MET B 209 17.49 3.67 11.71
N ALA B 210 17.10 4.22 10.58
CA ALA B 210 15.69 4.40 10.26
C ALA B 210 15.38 4.06 8.80
N VAL B 211 14.20 3.53 8.52
CA VAL B 211 13.72 3.25 7.18
C VAL B 211 12.29 3.78 7.02
N ILE B 212 11.88 4.04 5.78
CA ILE B 212 10.51 4.44 5.47
C ILE B 212 9.79 3.28 4.76
N VAL B 213 8.56 2.93 5.15
CA VAL B 213 7.83 1.81 4.51
C VAL B 213 6.43 2.32 4.14
N PRO B 214 5.69 1.62 3.31
CA PRO B 214 4.36 2.05 2.86
C PRO B 214 3.27 1.90 3.90
N THR B 215 3.28 2.66 4.98
CA THR B 215 2.19 2.61 5.98
C THR B 215 1.88 4.05 6.39
N THR B 216 0.68 4.37 6.86
CA THR B 216 0.43 5.73 7.28
C THR B 216 0.19 5.85 8.78
N LEU B 217 -0.14 4.76 9.44
CA LEU B 217 -0.70 4.84 10.77
C LEU B 217 0.17 5.25 11.94
N MET B 218 1.23 4.52 12.17
CA MET B 218 2.14 4.68 13.31
C MET B 218 3.56 4.29 12.87
N HIS B 219 4.56 4.83 13.55
CA HIS B 219 5.93 4.38 13.38
C HIS B 219 6.10 3.16 14.30
N GLN B 220 7.14 2.37 14.13
CA GLN B 220 7.40 1.26 15.03
C GLN B 220 8.88 1.23 15.36
N HIS B 221 9.23 0.94 16.61
CA HIS B 221 10.61 0.92 17.06
C HIS B 221 11.11 -0.41 17.56
N ASN B 222 12.34 -0.76 17.17
CA ASN B 222 12.97 -1.99 17.65
C ASN B 222 14.15 -1.53 18.52
N VAL B 223 14.02 -1.71 19.84
CA VAL B 223 14.94 -1.11 20.79
C VAL B 223 15.77 -2.12 21.58
N MET B 224 17.10 -1.95 21.54
CA MET B 224 18.05 -2.79 22.25
C MET B 224 18.87 -1.95 23.22
N VAL B 225 18.72 -2.16 24.54
CA VAL B 225 19.33 -1.30 25.54
C VAL B 225 20.28 -2.02 26.50
N GLU B 226 21.58 -1.75 26.43
CA GLU B 226 22.50 -2.36 27.40
C GLU B 226 22.46 -1.49 28.66
N VAL B 227 22.33 -2.08 29.85
CA VAL B 227 22.21 -1.26 31.05
C VAL B 227 23.24 -1.68 32.11
N GLU B 228 23.49 -0.78 33.05
CA GLU B 228 24.46 -1.01 34.12
C GLU B 228 23.97 -1.98 35.20
N GLU B 229 22.75 -1.79 35.71
CA GLU B 229 22.23 -2.73 36.70
C GLU B 229 21.46 -3.86 36.03
N THR B 230 21.67 -5.10 36.38
CA THR B 230 20.95 -6.23 35.81
C THR B 230 19.45 -6.15 36.06
N PRO B 231 18.68 -5.98 35.00
CA PRO B 231 17.22 -5.89 35.09
C PRO B 231 16.55 -7.24 34.99
N THR B 232 15.27 -7.30 35.32
CA THR B 232 14.48 -8.53 35.11
C THR B 232 13.28 -8.13 34.24
N VAL B 233 12.68 -9.08 33.54
CA VAL B 233 11.50 -8.74 32.74
C VAL B 233 10.42 -8.13 33.62
N ASP B 234 10.12 -8.72 34.79
CA ASP B 234 9.12 -8.17 35.68
C ASP B 234 9.44 -6.78 36.18
N ASP B 235 10.70 -6.43 36.46
CA ASP B 235 10.94 -5.05 36.93
C ASP B 235 10.72 -4.05 35.79
N ILE B 236 11.05 -4.44 34.55
CA ILE B 236 10.85 -3.55 33.40
C ILE B 236 9.36 -3.26 33.18
N ILE B 237 8.57 -4.34 33.26
CA ILE B 237 7.12 -4.23 33.13
C ILE B 237 6.60 -3.28 34.18
N ASP B 238 7.06 -3.35 35.43
CA ASP B 238 6.60 -2.43 36.46
C ASP B 238 7.06 -1.00 36.16
N VAL B 239 8.33 -0.87 35.71
CA VAL B 239 8.83 0.45 35.34
C VAL B 239 7.96 1.06 34.25
N PHE B 240 7.58 0.35 33.17
CA PHE B 240 6.77 0.94 32.13
C PHE B 240 5.34 1.20 32.57
N GLU B 241 4.73 0.34 33.38
CA GLU B 241 3.38 0.58 33.88
C GLU B 241 3.36 1.84 34.74
N ASP B 242 4.36 2.02 35.59
CA ASP B 242 4.42 3.19 36.44
C ASP B 242 4.76 4.48 35.69
N THR B 243 5.45 4.43 34.55
CA THR B 243 5.82 5.69 33.87
C THR B 243 4.65 6.29 33.10
N PRO B 244 4.53 7.61 33.13
CA PRO B 244 3.47 8.31 32.46
C PRO B 244 3.54 8.23 30.95
N ARG B 245 2.35 8.14 30.36
CA ARG B 245 2.17 8.14 28.90
C ARG B 245 2.80 6.96 28.19
N VAL B 246 2.90 5.83 28.87
CA VAL B 246 3.47 4.61 28.30
C VAL B 246 2.43 3.53 28.62
N ILE B 247 1.99 2.67 27.71
CA ILE B 247 1.06 1.62 28.10
C ILE B 247 1.63 0.29 27.58
N LEU B 248 1.20 -0.81 28.19
CA LEU B 248 1.65 -2.13 27.83
C LEU B 248 0.44 -2.76 27.10
N ILE B 249 0.67 -3.35 25.95
CA ILE B 249 -0.37 -3.98 25.18
C ILE B 249 0.10 -5.41 24.90
N SER B 250 -0.81 -6.25 24.41
CA SER B 250 -0.40 -7.58 24.07
C SER B 250 -1.03 -8.06 22.77
N ALA B 251 -0.18 -8.75 22.01
CA ALA B 251 -0.58 -9.37 20.76
C ALA B 251 -1.59 -10.47 21.05
N GLU B 252 -1.38 -11.15 22.17
CA GLU B 252 -2.27 -12.21 22.63
C GLU B 252 -3.68 -11.66 22.81
N ASP B 253 -3.85 -10.41 23.24
CA ASP B 253 -5.13 -9.76 23.46
C ASP B 253 -5.73 -9.24 22.16
N GLY B 254 -5.03 -9.41 21.03
CA GLY B 254 -5.50 -8.98 19.73
C GLY B 254 -4.77 -7.77 19.16
N LEU B 255 -3.87 -7.18 19.92
CA LEU B 255 -3.13 -6.01 19.36
C LEU B 255 -1.81 -6.46 18.74
N THR B 256 -1.88 -7.08 17.56
CA THR B 256 -0.71 -7.65 16.94
C THR B 256 0.05 -6.70 16.01
N SER B 257 -0.53 -5.59 15.66
CA SER B 257 0.03 -4.64 14.72
C SER B 257 -0.27 -3.18 15.08
N THR B 258 0.32 -2.26 14.33
CA THR B 258 -0.06 -0.84 14.50
C THR B 258 -1.52 -0.58 14.14
N ALA B 259 -2.10 -1.31 13.17
CA ALA B 259 -3.51 -1.06 12.83
C ALA B 259 -4.43 -1.47 13.96
N GLU B 260 -4.15 -2.57 14.65
CA GLU B 260 -5.00 -2.98 15.78
C GLU B 260 -4.82 -2.06 16.98
N ILE B 261 -3.66 -1.47 17.18
CA ILE B 261 -3.46 -0.46 18.24
C ILE B 261 -4.35 0.75 18.00
N MET B 262 -4.34 1.25 16.76
CA MET B 262 -5.15 2.38 16.36
C MET B 262 -6.64 2.05 16.47
N GLU B 263 -7.02 0.79 16.33
CA GLU B 263 -8.39 0.31 16.49
C GLU B 263 -8.73 0.40 17.98
N TYR B 264 -7.81 -0.02 18.84
CA TYR B 264 -7.94 0.17 20.27
C TYR B 264 -8.08 1.66 20.58
N ALA B 265 -7.27 2.56 20.02
CA ALA B 265 -7.41 3.99 20.22
C ALA B 265 -8.80 4.49 19.83
N LYS B 266 -9.40 3.94 18.76
CA LYS B 266 -10.74 4.36 18.39
C LYS B 266 -11.76 3.89 19.45
N GLU B 267 -11.51 2.83 20.20
CA GLU B 267 -12.44 2.41 21.24
C GLU B 267 -12.28 3.27 22.49
N LEU B 268 -11.13 3.86 22.74
CA LEU B 268 -10.88 4.74 23.88
C LEU B 268 -11.68 6.02 23.80
N GLY B 269 -11.99 6.53 22.60
CA GLY B 269 -12.85 7.68 22.44
C GLY B 269 -12.31 9.07 22.70
N ARG B 270 -11.00 9.31 22.70
CA ARG B 270 -10.52 10.66 22.92
C ARG B 270 -10.59 11.41 21.57
N SER B 271 -10.20 12.67 21.63
CA SER B 271 -10.15 13.53 20.45
C SER B 271 -9.49 12.90 19.25
N ARG B 272 -10.18 12.91 18.10
CA ARG B 272 -9.74 12.34 16.85
C ARG B 272 -9.33 10.87 16.98
N ASN B 273 -9.70 10.13 18.00
CA ASN B 273 -9.28 8.79 18.28
C ASN B 273 -7.74 8.69 18.38
N ASP B 274 -7.05 9.72 18.83
CA ASP B 274 -5.60 9.70 18.88
C ASP B 274 -5.10 8.73 19.94
N LEU B 275 -3.84 8.37 19.80
CA LEU B 275 -3.18 7.59 20.84
C LEU B 275 -1.98 8.42 21.28
N PHE B 276 -2.16 9.23 22.34
CA PHE B 276 -1.09 10.09 22.84
C PHE B 276 0.03 9.29 23.51
N GLU B 277 -0.29 8.12 24.06
CA GLU B 277 0.63 7.27 24.76
C GLU B 277 1.48 6.41 23.84
N ILE B 278 2.64 5.96 24.32
CA ILE B 278 3.50 5.04 23.61
C ILE B 278 3.17 3.61 24.05
N PRO B 279 2.62 2.79 23.18
CA PRO B 279 2.37 1.39 23.47
C PRO B 279 3.63 0.53 23.35
N VAL B 280 3.87 -0.35 24.31
CA VAL B 280 5.00 -1.25 24.30
C VAL B 280 4.40 -2.67 24.23
N TRP B 281 4.87 -3.52 23.32
CA TRP B 281 4.38 -4.90 23.32
C TRP B 281 4.94 -5.65 24.53
N ARG B 282 4.05 -6.02 25.43
CA ARG B 282 4.41 -6.70 26.69
C ARG B 282 5.25 -7.94 26.44
N GLU B 283 4.87 -8.77 25.49
CA GLU B 283 5.57 -10.00 25.15
C GLU B 283 6.92 -9.76 24.48
N SER B 284 7.20 -8.56 23.97
CA SER B 284 8.48 -8.26 23.35
C SER B 284 9.56 -7.96 24.40
N ILE B 285 9.19 -7.67 25.65
CA ILE B 285 10.18 -7.33 26.68
C ILE B 285 11.03 -8.54 27.00
N THR B 286 12.31 -8.44 26.64
CA THR B 286 13.27 -9.51 26.78
C THR B 286 14.54 -8.99 27.46
N VAL B 287 15.18 -9.84 28.25
CA VAL B 287 16.42 -9.45 28.91
C VAL B 287 17.44 -10.55 28.57
N VAL B 288 18.62 -10.20 28.11
CA VAL B 288 19.66 -11.20 27.83
C VAL B 288 20.91 -10.64 28.55
N ASP B 289 21.37 -11.25 29.62
CA ASP B 289 22.51 -10.69 30.37
C ASP B 289 22.12 -9.31 30.87
N ASN B 290 22.84 -8.25 30.51
CA ASN B 290 22.46 -6.91 30.93
C ASN B 290 21.86 -6.09 29.77
N GLU B 291 21.24 -6.79 28.80
CA GLU B 291 20.63 -6.06 27.68
C GLU B 291 19.14 -6.34 27.58
N ILE B 292 18.34 -5.33 27.41
CA ILE B 292 16.91 -5.35 27.23
C ILE B 292 16.52 -5.14 25.77
N TYR B 293 15.63 -5.94 25.24
CA TYR B 293 15.12 -5.80 23.88
C TYR B 293 13.62 -5.52 24.03
N TYR B 294 13.04 -4.66 23.22
CA TYR B 294 11.60 -4.47 23.31
C TYR B 294 11.13 -3.74 22.05
N MET B 295 9.82 -3.83 21.78
CA MET B 295 9.30 -3.13 20.62
C MET B 295 8.20 -2.22 21.13
N GLN B 296 8.08 -1.08 20.46
CA GLN B 296 7.03 -0.11 20.77
C GLN B 296 6.61 0.51 19.45
N ALA B 297 5.59 1.34 19.49
CA ALA B 297 5.01 1.99 18.36
C ALA B 297 4.71 3.41 18.77
N VAL B 298 4.57 4.28 17.79
CA VAL B 298 4.28 5.69 18.05
C VAL B 298 3.15 6.20 17.14
N HIS B 299 2.14 6.83 17.69
CA HIS B 299 1.15 7.48 16.84
C HIS B 299 1.71 8.89 16.61
N GLN B 300 2.40 9.08 15.50
CA GLN B 300 3.13 10.27 15.13
C GLN B 300 2.32 11.55 15.12
N GLU B 301 1.03 11.47 14.87
CA GLU B 301 0.22 12.70 14.90
C GLU B 301 -0.03 13.28 16.27
N SER B 302 0.06 12.50 17.35
CA SER B 302 -0.34 13.04 18.64
C SER B 302 0.55 12.78 19.82
N ASP B 303 1.55 11.89 19.74
CA ASP B 303 2.38 11.69 20.93
C ASP B 303 3.02 13.01 21.39
N ILE B 304 3.35 13.97 20.53
CA ILE B 304 3.95 15.22 20.94
C ILE B 304 2.99 16.25 21.55
N VAL B 305 1.69 16.01 21.40
CA VAL B 305 0.64 16.91 21.86
C VAL B 305 0.65 17.24 23.34
N PRO B 306 0.63 16.28 24.24
CA PRO B 306 0.69 16.56 25.69
C PRO B 306 2.02 17.22 26.08
N GLU B 307 3.10 16.95 25.36
CA GLU B 307 4.41 17.52 25.59
C GLU B 307 4.34 19.03 25.38
N ASN B 308 3.58 19.50 24.40
CA ASN B 308 3.39 20.90 24.10
C ASN B 308 2.68 21.63 25.24
N VAL B 309 1.67 21.05 25.87
CA VAL B 309 0.98 21.63 27.00
C VAL B 309 1.94 21.75 28.19
N ASP B 310 2.75 20.75 28.50
CA ASP B 310 3.77 20.81 29.54
C ASP B 310 4.82 21.88 29.22
N ALA B 311 5.20 22.04 27.96
CA ALA B 311 6.20 23.06 27.62
C ALA B 311 5.69 24.46 27.93
N VAL B 312 4.38 24.70 27.78
CA VAL B 312 3.78 26.00 28.07
C VAL B 312 3.89 26.25 29.58
N ARG B 313 3.64 25.24 30.41
CA ARG B 313 3.76 25.43 31.85
C ARG B 313 5.21 25.68 32.26
N ALA B 314 6.17 25.04 31.60
CA ALA B 314 7.58 25.27 31.91
C ALA B 314 7.98 26.70 31.49
N ILE B 315 7.73 27.02 30.24
CA ILE B 315 8.08 28.31 29.68
C ILE B 315 7.45 29.49 30.42
N LEU B 316 6.16 29.41 30.71
CA LEU B 316 5.47 30.50 31.41
C LEU B 316 5.57 30.42 32.92
N GLU B 317 6.38 29.51 33.47
CA GLU B 317 6.54 29.35 34.91
C GLU B 317 5.22 29.20 35.62
N MET B 318 4.35 28.34 35.10
CA MET B 318 3.05 28.09 35.72
C MET B 318 3.15 26.96 36.73
N GLU B 319 4.21 26.17 36.64
CA GLU B 319 4.38 25.02 37.51
C GLU B 319 5.84 24.57 37.41
N GLU B 320 6.49 24.33 38.54
CA GLU B 320 7.90 23.95 38.44
C GLU B 320 8.12 22.46 38.59
N ASP B 321 7.14 21.80 39.22
CA ASP B 321 7.32 20.34 39.35
C ASP B 321 6.77 19.69 38.07
N LYS B 322 7.64 19.08 37.28
CA LYS B 322 7.25 18.40 36.05
C LYS B 322 6.18 17.33 36.29
N TYR B 323 6.16 16.58 37.38
CA TYR B 323 5.09 15.61 37.59
C TYR B 323 3.75 16.28 37.78
N LYS B 324 3.72 17.44 38.44
CA LYS B 324 2.42 18.13 38.56
C LYS B 324 1.92 18.58 37.19
N SER B 325 2.80 19.03 36.30
CA SER B 325 2.29 19.49 34.99
C SER B 325 1.83 18.29 34.18
N ILE B 326 2.63 17.24 34.13
CA ILE B 326 2.33 15.97 33.47
C ILE B 326 0.98 15.45 33.91
N ASN B 327 0.78 15.19 35.20
CA ASN B 327 -0.50 14.74 35.73
C ASN B 327 -1.66 15.66 35.40
N LYS B 328 -1.51 16.97 35.47
CA LYS B 328 -2.61 17.88 35.18
C LYS B 328 -2.97 17.81 33.68
N THR B 329 -1.94 17.79 32.87
CA THR B 329 -2.05 17.63 31.43
C THR B 329 -2.79 16.32 31.15
N ASN B 330 -2.33 15.21 31.72
CA ASN B 330 -2.96 13.94 31.48
C ASN B 330 -4.43 13.93 31.86
N LYS B 331 -4.80 14.49 33.00
CA LYS B 331 -6.19 14.51 33.46
C LYS B 331 -7.11 15.28 32.54
N ALA B 332 -6.68 16.42 32.03
CA ALA B 332 -7.47 17.24 31.11
C ALA B 332 -7.54 16.62 29.72
N MET B 333 -6.59 15.79 29.33
CA MET B 333 -6.61 15.17 28.01
C MET B 333 -7.17 13.75 27.98
N ASN B 334 -7.55 13.21 29.13
CA ASN B 334 -8.07 11.88 29.33
C ASN B 334 -7.04 10.81 28.94
N ILE B 335 -5.80 11.08 29.34
CA ILE B 335 -4.70 10.20 29.03
C ILE B 335 -4.64 9.06 30.02
N LEU B 336 -4.34 7.88 29.48
CA LEU B 336 -4.22 6.69 30.32
C LEU B 336 -3.06 6.91 31.30
N MET C 1 20.54 2.12 -42.24
CA MET C 1 19.72 2.19 -41.08
C MET C 1 19.20 3.61 -40.87
N LYS C 2 17.93 3.78 -40.53
CA LYS C 2 17.48 5.12 -40.14
C LYS C 2 18.18 5.31 -38.79
N ALA C 3 18.64 6.50 -38.48
CA ALA C 3 19.36 6.72 -37.22
C ALA C 3 18.40 7.37 -36.23
N VAL C 4 18.03 6.64 -35.17
CA VAL C 4 17.05 7.21 -34.23
C VAL C 4 17.67 7.75 -32.96
N ALA C 5 17.37 8.98 -32.59
CA ALA C 5 17.86 9.49 -31.30
C ALA C 5 16.71 9.38 -30.28
N ILE C 6 17.05 9.06 -29.04
CA ILE C 6 16.07 8.96 -27.96
C ILE C 6 16.35 10.09 -26.98
N ASN C 7 15.53 11.12 -27.00
CA ASN C 7 15.74 12.24 -26.07
C ASN C 7 14.91 11.92 -24.83
N GLY C 8 15.60 11.53 -23.76
CA GLY C 8 15.02 11.09 -22.51
C GLY C 8 15.03 9.58 -22.34
N TYR C 9 16.09 9.04 -21.76
CA TYR C 9 16.25 7.60 -21.49
C TYR C 9 15.64 7.25 -20.13
N GLY C 10 14.33 7.45 -20.00
CA GLY C 10 13.61 7.17 -18.76
C GLY C 10 12.74 5.92 -18.86
N THR C 11 11.59 5.95 -18.15
CA THR C 11 10.73 4.79 -18.15
C THR C 11 10.34 4.38 -19.56
N VAL C 12 9.80 5.28 -20.36
CA VAL C 12 9.39 4.88 -21.71
C VAL C 12 10.63 4.81 -22.61
N GLY C 13 11.45 5.85 -22.46
CA GLY C 13 12.66 6.06 -23.24
C GLY C 13 13.59 4.87 -23.34
N LYS C 14 13.95 4.28 -22.18
CA LYS C 14 14.83 3.12 -22.21
C LYS C 14 14.17 1.94 -22.91
N ARG C 15 12.83 1.78 -22.83
CA ARG C 15 12.21 0.64 -23.51
C ARG C 15 12.07 0.87 -25.01
N VAL C 16 11.79 2.09 -25.39
CA VAL C 16 11.73 2.46 -26.81
C VAL C 16 13.12 2.31 -27.42
N ALA C 17 14.19 2.67 -26.70
CA ALA C 17 15.54 2.46 -27.20
C ALA C 17 15.75 1.02 -27.63
N ASP C 18 15.48 0.06 -26.75
CA ASP C 18 15.64 -1.35 -27.03
C ASP C 18 14.77 -1.88 -28.17
N ALA C 19 13.55 -1.40 -28.30
CA ALA C 19 12.60 -1.85 -29.30
C ALA C 19 13.02 -1.35 -30.69
N ILE C 20 13.55 -0.15 -30.75
CA ILE C 20 14.07 0.46 -31.97
C ILE C 20 15.29 -0.38 -32.37
N ALA C 21 16.19 -0.60 -31.39
CA ALA C 21 17.39 -1.39 -31.66
C ALA C 21 17.06 -2.81 -32.08
N GLN C 22 15.95 -3.41 -31.68
CA GLN C 22 15.60 -4.75 -32.12
C GLN C 22 15.15 -4.80 -33.59
N GLN C 23 14.74 -3.71 -34.21
CA GLN C 23 14.23 -3.77 -35.59
C GLN C 23 15.35 -4.02 -36.59
N ASP C 24 15.04 -4.38 -37.85
CA ASP C 24 16.14 -4.55 -38.81
C ASP C 24 16.34 -3.37 -39.73
N ASP C 25 15.59 -2.30 -39.61
CA ASP C 25 15.64 -1.12 -40.46
C ASP C 25 15.93 0.16 -39.70
N MET C 26 16.31 0.01 -38.43
CA MET C 26 16.59 1.16 -37.57
C MET C 26 17.73 0.75 -36.60
N LYS C 27 18.35 1.77 -36.04
CA LYS C 27 19.39 1.48 -35.04
C LYS C 27 19.37 2.68 -34.09
N VAL C 28 19.82 2.51 -32.87
CA VAL C 28 19.81 3.67 -31.97
C VAL C 28 21.16 4.38 -32.08
N ILE C 29 21.19 5.68 -32.35
CA ILE C 29 22.51 6.31 -32.41
C ILE C 29 22.74 7.18 -31.18
N GLY C 30 21.77 7.23 -30.26
CA GLY C 30 21.93 8.00 -29.04
C GLY C 30 20.73 8.03 -28.13
N VAL C 31 21.02 8.02 -26.82
CA VAL C 31 20.00 8.17 -25.77
C VAL C 31 20.49 9.32 -24.89
N SER C 32 19.60 10.14 -24.34
CA SER C 32 20.04 11.23 -23.49
C SER C 32 19.54 11.10 -22.06
N LYS C 33 20.28 11.77 -21.18
CA LYS C 33 19.99 11.80 -19.76
C LYS C 33 20.33 13.18 -19.18
N THR C 34 19.75 13.55 -18.05
CA THR C 34 20.12 14.81 -17.43
C THR C 34 21.00 14.54 -16.20
N ARG C 35 20.99 13.34 -15.65
CA ARG C 35 21.77 13.08 -14.44
C ARG C 35 22.47 11.74 -14.44
N PRO C 36 23.70 11.74 -13.91
CA PRO C 36 24.56 10.59 -13.90
C PRO C 36 24.19 9.58 -12.83
N ASP C 37 23.27 8.67 -13.15
CA ASP C 37 22.80 7.67 -12.19
C ASP C 37 23.01 6.28 -12.76
N PHE C 38 22.37 5.27 -12.17
CA PHE C 38 22.53 3.90 -12.61
C PHE C 38 21.93 3.65 -14.00
N GLU C 39 20.94 4.42 -14.46
CA GLU C 39 20.42 4.16 -15.81
C GLU C 39 21.39 4.70 -16.87
N ALA C 40 22.04 5.81 -16.57
CA ALA C 40 23.07 6.37 -17.46
C ALA C 40 24.20 5.36 -17.60
N ARG C 41 24.65 4.74 -16.51
CA ARG C 41 25.65 3.67 -16.62
C ARG C 41 25.12 2.43 -17.33
N MET C 42 23.82 2.12 -17.25
CA MET C 42 23.34 0.89 -17.91
C MET C 42 23.21 1.09 -19.41
N ALA C 43 22.92 2.32 -19.83
CA ALA C 43 22.87 2.65 -21.26
C ALA C 43 24.23 2.29 -21.88
N LEU C 44 25.33 2.69 -21.23
CA LEU C 44 26.67 2.35 -21.73
C LEU C 44 26.84 0.85 -21.78
N LYS C 45 26.43 0.11 -20.75
CA LYS C 45 26.54 -1.34 -20.73
C LYS C 45 25.81 -1.98 -21.91
N LYS C 46 24.68 -1.41 -22.30
CA LYS C 46 23.84 -1.88 -23.37
C LYS C 46 24.36 -1.48 -24.74
N GLY C 47 25.43 -0.70 -24.79
CA GLY C 47 26.08 -0.30 -26.02
C GLY C 47 25.67 1.02 -26.62
N TYR C 48 24.72 1.71 -26.01
CA TYR C 48 24.29 2.99 -26.55
C TYR C 48 25.32 4.07 -26.32
N ASP C 49 25.19 5.12 -27.11
CA ASP C 49 26.02 6.30 -26.97
C ASP C 49 25.19 7.25 -26.09
N LEU C 50 25.79 7.69 -24.99
CA LEU C 50 25.04 8.55 -24.10
C LEU C 50 25.36 10.01 -24.27
N TYR C 51 24.32 10.82 -24.44
CA TYR C 51 24.39 12.26 -24.61
C TYR C 51 23.73 12.95 -23.44
N VAL C 52 24.11 14.20 -23.18
CA VAL C 52 23.63 14.96 -22.04
C VAL C 52 22.76 16.16 -22.37
N ALA C 53 21.58 16.24 -21.74
CA ALA C 53 20.60 17.28 -22.02
C ALA C 53 21.20 18.65 -22.33
N ILE C 54 21.75 19.37 -21.37
CA ILE C 54 22.38 20.66 -21.62
C ILE C 54 23.89 20.54 -21.42
N PRO C 55 24.67 21.38 -22.07
CA PRO C 55 26.12 21.33 -22.05
C PRO C 55 26.80 21.46 -20.71
N GLU C 56 26.26 22.29 -19.82
CA GLU C 56 26.82 22.52 -18.51
C GLU C 56 26.62 21.40 -17.52
N ARG C 57 25.94 20.32 -17.88
CA ARG C 57 25.80 19.20 -16.97
C ARG C 57 26.79 18.11 -17.36
N VAL C 58 27.46 18.26 -18.50
CA VAL C 58 28.43 17.27 -18.93
C VAL C 58 29.49 17.06 -17.84
N LYS C 59 29.93 18.12 -17.17
CA LYS C 59 30.93 17.98 -16.11
C LYS C 59 30.48 17.02 -15.02
N LEU C 60 29.18 16.99 -14.70
CA LEU C 60 28.64 16.05 -13.74
C LEU C 60 28.93 14.61 -14.17
N PHE C 61 28.65 14.27 -15.43
CA PHE C 61 28.89 12.91 -15.90
C PHE C 61 30.36 12.54 -15.83
N GLU C 62 31.21 13.44 -16.29
CA GLU C 62 32.67 13.30 -16.25
C GLU C 62 33.10 12.92 -14.83
N LYS C 63 32.73 13.75 -13.86
CA LYS C 63 33.01 13.52 -12.46
C LYS C 63 32.52 12.21 -11.88
N ALA C 64 31.44 11.61 -12.38
CA ALA C 64 30.96 10.33 -11.89
C ALA C 64 31.55 9.17 -12.68
N GLY C 65 32.50 9.45 -13.57
CA GLY C 65 33.09 8.38 -14.37
C GLY C 65 32.20 7.76 -15.42
N ILE C 66 31.30 8.55 -16.01
CA ILE C 66 30.40 8.08 -17.04
C ILE C 66 30.78 8.73 -18.38
N GLU C 67 31.24 7.94 -19.31
CA GLU C 67 31.64 8.38 -20.64
C GLU C 67 30.49 9.06 -21.36
N VAL C 68 30.70 10.28 -21.83
CA VAL C 68 29.68 11.05 -22.54
C VAL C 68 30.08 11.30 -23.98
N ALA C 69 29.17 11.05 -24.92
CA ALA C 69 29.42 11.25 -26.33
C ALA C 69 29.27 12.70 -26.76
N GLY C 70 28.51 13.50 -26.03
CA GLY C 70 28.31 14.90 -26.37
C GLY C 70 27.01 15.41 -25.75
N THR C 71 26.36 16.39 -26.36
CA THR C 71 25.10 16.88 -25.81
C THR C 71 23.95 16.49 -26.75
N VAL C 72 22.73 16.81 -26.30
CA VAL C 72 21.55 16.53 -27.14
C VAL C 72 21.71 17.31 -28.44
N ASP C 73 22.15 18.57 -28.36
CA ASP C 73 22.45 19.33 -29.59
C ASP C 73 23.32 18.53 -30.55
N ASP C 74 24.38 17.84 -30.14
CA ASP C 74 25.15 17.03 -31.06
C ASP C 74 24.42 15.75 -31.48
N MET C 75 23.68 15.13 -30.54
CA MET C 75 22.93 13.93 -30.83
C MET C 75 21.97 14.13 -31.99
N LEU C 76 21.28 15.28 -32.02
CA LEU C 76 20.32 15.50 -33.10
C LEU C 76 21.01 15.78 -34.41
N ASP C 77 22.18 16.42 -34.43
CA ASP C 77 22.86 16.59 -35.73
C ASP C 77 22.98 15.30 -36.52
N GLU C 78 23.08 14.12 -35.97
CA GLU C 78 23.22 12.84 -36.61
C GLU C 78 21.96 11.99 -36.79
N ALA C 79 20.79 12.48 -36.37
CA ALA C 79 19.64 11.60 -36.45
C ALA C 79 18.76 11.81 -37.69
N ASP C 80 18.04 10.75 -38.04
CA ASP C 80 17.01 10.82 -39.09
C ASP C 80 15.71 11.34 -38.48
N ILE C 81 15.57 11.00 -37.19
CA ILE C 81 14.39 11.37 -36.40
C ILE C 81 14.71 11.25 -34.92
N VAL C 82 14.00 11.99 -34.08
CA VAL C 82 14.19 11.85 -32.65
C VAL C 82 12.88 11.49 -31.94
N ILE C 83 12.95 10.52 -31.02
CA ILE C 83 11.79 10.11 -30.23
C ILE C 83 11.93 10.77 -28.86
N ASP C 84 11.05 11.74 -28.62
CA ASP C 84 11.07 12.48 -27.38
C ASP C 84 10.37 11.75 -26.24
N CYS C 85 11.12 11.37 -25.21
CA CYS C 85 10.50 10.69 -24.07
C CYS C 85 10.79 11.46 -22.76
N THR C 86 10.72 12.78 -22.82
CA THR C 86 10.96 13.66 -21.69
C THR C 86 9.67 13.87 -20.91
N PRO C 87 9.74 14.43 -19.71
CA PRO C 87 8.59 14.61 -18.86
C PRO C 87 7.49 15.44 -19.50
N GLU C 88 6.24 15.22 -19.11
CA GLU C 88 5.12 15.97 -19.66
C GLU C 88 5.42 17.46 -19.72
N GLY C 89 5.15 18.06 -20.89
CA GLY C 89 5.39 19.48 -21.05
C GLY C 89 6.76 19.82 -21.57
N ILE C 90 7.77 18.97 -21.37
CA ILE C 90 9.12 19.29 -21.89
C ILE C 90 9.19 19.02 -23.37
N GLY C 91 8.44 18.02 -23.86
CA GLY C 91 8.44 17.70 -25.28
C GLY C 91 8.07 18.92 -26.13
N ALA C 92 7.02 19.64 -25.80
CA ALA C 92 6.61 20.84 -26.51
C ALA C 92 7.73 21.87 -26.50
N LYS C 93 8.43 21.98 -25.36
CA LYS C 93 9.55 22.88 -25.26
C LYS C 93 10.64 22.42 -26.22
N ASN C 94 10.94 21.14 -26.29
CA ASN C 94 11.98 20.64 -27.18
C ASN C 94 11.65 20.80 -28.67
N LEU C 95 10.40 21.01 -29.02
CA LEU C 95 9.92 21.15 -30.37
C LEU C 95 10.55 22.34 -31.09
N LYS C 96 10.65 23.50 -30.43
CA LYS C 96 11.31 24.66 -31.02
C LYS C 96 12.70 24.26 -31.49
N MET C 97 13.46 23.60 -30.63
CA MET C 97 14.77 23.09 -31.01
C MET C 97 14.69 22.11 -32.18
N TYR C 98 13.70 21.22 -32.18
CA TYR C 98 13.61 20.22 -33.24
C TYR C 98 13.41 20.90 -34.60
N LYS C 99 12.50 21.86 -34.62
CA LYS C 99 12.22 22.59 -35.86
C LYS C 99 13.48 23.36 -36.26
N GLU C 100 14.11 24.08 -35.34
CA GLU C 100 15.35 24.78 -35.61
C GLU C 100 16.46 23.89 -36.15
N LYS C 101 16.54 22.62 -35.79
CA LYS C 101 17.53 21.71 -36.34
C LYS C 101 16.95 21.05 -37.60
N GLY C 102 15.68 21.35 -37.88
CA GLY C 102 14.95 20.74 -38.97
C GLY C 102 14.85 19.22 -38.80
N ILE C 103 14.67 18.70 -37.56
CA ILE C 103 14.60 17.23 -37.47
C ILE C 103 13.18 16.80 -37.12
N LYS C 104 12.72 15.69 -37.66
CA LYS C 104 11.38 15.17 -37.38
C LYS C 104 11.31 14.52 -36.00
N ALA C 105 10.16 14.48 -35.35
CA ALA C 105 10.11 13.85 -34.02
C ALA C 105 8.79 13.24 -33.62
N ILE C 106 8.85 12.28 -32.69
CA ILE C 106 7.70 11.56 -32.14
C ILE C 106 7.67 11.91 -30.65
N PHE C 107 6.48 12.25 -30.15
CA PHE C 107 6.29 12.64 -28.78
C PHE C 107 5.42 11.60 -28.06
N GLN C 108 5.43 11.66 -26.75
CA GLN C 108 4.62 10.73 -25.97
C GLN C 108 3.34 11.41 -25.53
N GLY C 109 2.44 10.60 -25.01
CA GLY C 109 1.14 10.95 -24.58
C GLY C 109 0.95 12.09 -23.62
N GLY C 110 1.93 12.42 -22.79
CA GLY C 110 1.78 13.52 -21.83
C GLY C 110 1.84 14.88 -22.50
N GLU C 111 2.30 14.98 -23.73
CA GLU C 111 2.27 16.26 -24.44
C GLU C 111 0.82 16.52 -24.87
N LYS C 112 0.47 17.79 -25.06
CA LYS C 112 -0.87 18.11 -25.53
C LYS C 112 -0.95 17.91 -27.06
N HIS C 113 -2.07 17.39 -27.50
CA HIS C 113 -2.28 17.13 -28.93
C HIS C 113 -2.04 18.38 -29.78
N GLU C 114 -2.62 19.50 -29.39
CA GLU C 114 -2.52 20.75 -30.12
C GLU C 114 -1.18 21.46 -30.00
N ASP C 115 -0.24 20.97 -29.21
CA ASP C 115 1.10 21.54 -29.21
C ASP C 115 1.84 20.81 -30.33
N ILE C 116 1.41 19.57 -30.57
CA ILE C 116 2.06 18.74 -31.57
C ILE C 116 1.32 18.75 -32.90
N GLY C 117 0.01 18.88 -32.87
CA GLY C 117 -0.88 18.91 -33.98
C GLY C 117 -1.37 17.60 -34.54
N LEU C 118 -0.87 16.47 -34.07
CA LEU C 118 -1.25 15.18 -34.65
C LEU C 118 -1.02 14.09 -33.62
N SER C 119 -1.91 13.11 -33.55
CA SER C 119 -1.75 12.04 -32.56
C SER C 119 -1.72 10.73 -33.32
N PHE C 120 -1.05 9.72 -32.77
CA PHE C 120 -0.91 8.45 -33.47
C PHE C 120 -1.28 7.24 -32.62
N ASN C 121 -1.85 6.25 -33.23
CA ASN C 121 -2.16 4.94 -32.74
C ASN C 121 -2.09 4.05 -33.99
N SER C 122 -1.21 3.08 -34.00
CA SER C 122 -0.97 2.27 -35.18
C SER C 122 -2.20 1.67 -35.84
N LEU C 123 -3.11 1.00 -35.14
CA LEU C 123 -4.26 0.44 -35.84
C LEU C 123 -5.32 1.47 -36.19
N SER C 124 -5.50 2.54 -35.40
CA SER C 124 -6.54 3.50 -35.60
C SER C 124 -6.31 4.57 -36.66
N ASN C 125 -5.12 5.18 -36.71
CA ASN C 125 -4.88 6.23 -37.68
C ASN C 125 -3.45 6.31 -38.15
N TYR C 126 -2.82 5.16 -38.41
CA TYR C 126 -1.44 5.16 -38.89
C TYR C 126 -1.24 6.07 -40.08
N GLU C 127 -2.17 6.06 -41.04
CA GLU C 127 -2.02 6.87 -42.25
C GLU C 127 -2.02 8.37 -42.01
N GLU C 128 -2.62 8.87 -40.94
CA GLU C 128 -2.59 10.30 -40.69
C GLU C 128 -1.18 10.78 -40.38
N SER C 129 -0.25 9.94 -39.94
CA SER C 129 1.10 10.37 -39.63
C SER C 129 2.07 10.16 -40.79
N TYR C 130 1.70 9.39 -41.80
CA TYR C 130 2.55 9.12 -42.94
C TYR C 130 3.08 10.37 -43.63
N GLY C 131 4.41 10.48 -43.62
CA GLY C 131 5.15 11.56 -44.24
C GLY C 131 5.00 12.88 -43.50
N LYS C 132 4.47 12.85 -42.28
CA LYS C 132 4.31 14.08 -41.53
C LYS C 132 5.63 14.37 -40.86
N ASP C 133 5.71 15.45 -40.11
CA ASP C 133 6.92 15.82 -39.42
C ASP C 133 6.96 15.46 -37.93
N TYR C 134 5.87 15.83 -37.23
CA TYR C 134 5.73 15.66 -35.80
C TYR C 134 4.46 14.93 -35.41
N THR C 135 4.54 13.96 -34.50
CA THR C 135 3.36 13.20 -34.10
C THR C 135 3.49 12.76 -32.63
N ARG C 136 2.31 12.70 -32.01
CA ARG C 136 2.21 12.34 -30.60
C ARG C 136 1.64 10.94 -30.40
N VAL C 137 2.44 9.98 -29.98
CA VAL C 137 1.91 8.63 -29.67
C VAL C 137 0.99 8.85 -28.47
N VAL C 138 -0.26 8.40 -28.50
CA VAL C 138 -1.15 8.66 -27.37
C VAL C 138 -0.72 7.87 -26.13
N SER C 139 -1.22 8.31 -24.99
CA SER C 139 -0.82 7.80 -23.67
C SER C 139 -1.07 6.33 -23.46
N CYS C 140 -0.51 5.81 -22.35
CA CYS C 140 -0.67 4.40 -22.04
C CYS C 140 -2.13 3.95 -22.02
N ASN C 141 -2.98 4.64 -21.27
CA ASN C 141 -4.39 4.35 -21.13
C ASN C 141 -5.18 4.59 -22.43
N THR C 142 -4.90 5.68 -23.11
CA THR C 142 -5.52 6.01 -24.39
C THR C 142 -5.20 4.93 -25.41
N THR C 143 -3.97 4.46 -25.45
CA THR C 143 -3.50 3.39 -26.31
C THR C 143 -4.29 2.13 -25.94
N GLY C 144 -4.38 1.79 -24.66
CA GLY C 144 -5.06 0.57 -24.21
C GLY C 144 -6.53 0.61 -24.64
N LEU C 145 -7.17 1.76 -24.47
CA LEU C 145 -8.56 1.88 -24.91
C LEU C 145 -8.68 1.69 -26.42
N CYS C 146 -7.82 2.28 -27.23
CA CYS C 146 -7.89 2.09 -28.68
C CYS C 146 -7.69 0.67 -29.15
N ARG C 147 -6.79 -0.06 -28.50
CA ARG C 147 -6.50 -1.44 -28.84
C ARG C 147 -7.76 -2.29 -28.97
N THR C 148 -8.69 -2.17 -28.04
CA THR C 148 -9.92 -2.96 -28.12
C THR C 148 -11.07 -2.15 -28.69
N LEU C 149 -11.10 -0.81 -28.62
CA LEU C 149 -12.28 -0.13 -29.16
C LEU C 149 -12.29 -0.03 -30.67
N LYS C 150 -11.12 0.06 -31.30
CA LYS C 150 -11.00 0.17 -32.74
C LYS C 150 -11.55 -1.05 -33.45
N PRO C 151 -11.13 -2.25 -33.08
CA PRO C 151 -11.67 -3.47 -33.66
C PRO C 151 -13.17 -3.57 -33.33
N LEU C 152 -13.64 -3.09 -32.17
CA LEU C 152 -15.08 -3.15 -31.92
C LEU C 152 -15.82 -2.22 -32.86
N HIS C 153 -15.31 -1.01 -33.05
CA HIS C 153 -15.89 -0.02 -33.93
C HIS C 153 -16.01 -0.55 -35.36
N ASP C 154 -14.96 -1.15 -35.92
CA ASP C 154 -14.97 -1.69 -37.26
C ASP C 154 -15.97 -2.84 -37.40
N SER C 155 -16.06 -3.75 -36.43
CA SER C 155 -16.97 -4.87 -36.54
C SER C 155 -18.43 -4.58 -36.27
N PHE C 156 -18.71 -3.75 -35.27
CA PHE C 156 -20.07 -3.53 -34.81
C PHE C 156 -20.56 -2.09 -34.87
N GLY C 157 -19.65 -1.14 -35.06
CA GLY C 157 -20.06 0.27 -35.12
C GLY C 157 -20.32 0.88 -33.75
N ILE C 158 -19.38 1.62 -33.16
CA ILE C 158 -19.57 2.24 -31.87
C ILE C 158 -20.61 3.34 -31.85
N LYS C 159 -21.57 3.20 -30.93
CA LYS C 159 -22.56 4.26 -30.73
C LYS C 159 -22.10 5.10 -29.54
N LYS C 160 -21.70 4.43 -28.44
CA LYS C 160 -21.25 5.26 -27.31
C LYS C 160 -20.39 4.40 -26.38
N VAL C 161 -19.32 4.95 -25.86
CA VAL C 161 -18.43 4.27 -24.93
C VAL C 161 -18.51 5.02 -23.61
N ARG C 162 -18.66 4.23 -22.57
CA ARG C 162 -18.57 4.77 -21.20
C ARG C 162 -17.43 3.92 -20.57
N ALA C 163 -16.38 4.58 -20.09
CA ALA C 163 -15.31 3.80 -19.46
C ALA C 163 -14.82 4.45 -18.16
N VAL C 164 -14.48 3.58 -17.20
CA VAL C 164 -14.00 4.05 -15.90
C VAL C 164 -12.60 3.50 -15.76
N ILE C 165 -11.66 4.43 -15.61
CA ILE C 165 -10.24 4.08 -15.55
C ILE C 165 -9.71 4.05 -14.12
N VAL C 166 -9.24 2.90 -13.66
CA VAL C 166 -8.66 2.78 -12.32
C VAL C 166 -7.13 2.84 -12.51
N ARG C 167 -6.55 3.99 -12.21
CA ARG C 167 -5.13 4.23 -12.49
C ARG C 167 -4.15 3.86 -11.38
N ARG C 168 -2.98 3.40 -11.80
CA ARG C 168 -1.92 3.12 -10.85
C ARG C 168 -1.38 4.46 -10.36
N GLY C 169 -0.98 4.56 -9.10
CA GLY C 169 -0.52 5.81 -8.54
C GLY C 169 0.86 6.22 -9.02
N ALA C 170 1.79 5.28 -9.09
CA ALA C 170 3.15 5.61 -9.54
C ALA C 170 3.83 4.35 -10.05
N ASP C 171 4.72 4.52 -11.02
CA ASP C 171 5.42 3.37 -11.57
C ASP C 171 6.21 2.73 -10.44
N PRO C 172 6.65 1.51 -10.63
CA PRO C 172 7.37 0.78 -9.61
C PRO C 172 8.55 1.53 -9.03
N ALA C 173 9.37 2.20 -9.84
CA ALA C 173 10.55 2.86 -9.30
C ALA C 173 10.26 4.25 -8.74
N GLN C 174 9.08 4.83 -8.89
CA GLN C 174 8.83 6.17 -8.37
C GLN C 174 8.37 6.07 -6.91
N VAL C 175 9.31 6.25 -5.99
CA VAL C 175 9.04 6.10 -4.58
C VAL C 175 8.61 7.35 -3.84
N SER C 176 8.62 8.48 -4.52
CA SER C 176 8.24 9.73 -3.90
C SER C 176 6.80 10.10 -4.22
N LYS C 177 6.03 9.27 -4.92
CA LYS C 177 4.64 9.63 -5.18
C LYS C 177 3.59 8.85 -4.44
N GLY C 178 2.43 9.42 -4.09
CA GLY C 178 1.39 8.63 -3.41
C GLY C 178 0.32 8.20 -4.40
N PRO C 179 -0.89 7.86 -3.94
CA PRO C 179 -1.19 7.79 -2.53
C PRO C 179 -0.79 6.47 -1.93
N ILE C 180 -0.41 6.51 -0.67
CA ILE C 180 -0.16 5.28 0.08
C ILE C 180 -1.50 4.60 0.38
N ASN C 181 -2.55 5.36 0.71
CA ASN C 181 -3.81 4.67 1.11
C ASN C 181 -4.99 5.59 0.87
N ALA C 182 -5.39 5.68 -0.41
CA ALA C 182 -6.48 6.57 -0.78
C ALA C 182 -6.94 6.25 -2.20
N ILE C 183 -8.13 6.72 -2.53
CA ILE C 183 -8.68 6.64 -3.86
C ILE C 183 -8.89 8.12 -4.23
N ILE C 184 -8.32 8.56 -5.34
CA ILE C 184 -8.41 9.97 -5.74
C ILE C 184 -9.02 10.17 -7.13
N PRO C 185 -10.19 10.79 -7.21
CA PRO C 185 -10.81 11.19 -8.46
C PRO C 185 -9.78 11.94 -9.28
N ASN C 186 -9.65 11.56 -10.57
CA ASN C 186 -8.57 12.18 -11.36
C ASN C 186 -9.00 12.57 -12.75
N PRO C 187 -9.60 13.74 -12.91
CA PRO C 187 -9.89 14.64 -11.82
C PRO C 187 -11.36 14.51 -11.42
N PRO C 188 -11.76 15.22 -10.38
CA PRO C 188 -13.14 15.18 -9.93
C PRO C 188 -14.05 15.85 -10.94
N LYS C 189 -13.60 16.85 -11.70
CA LYS C 189 -14.41 17.46 -12.74
C LYS C 189 -14.46 16.52 -13.94
N LEU C 190 -15.64 16.12 -14.40
CA LEU C 190 -15.74 15.17 -15.50
C LEU C 190 -16.18 15.79 -16.82
N PRO C 191 -16.01 15.03 -17.89
CA PRO C 191 -15.39 13.72 -17.89
C PRO C 191 -13.87 13.81 -17.93
N SER C 192 -13.12 12.73 -17.76
CA SER C 192 -11.66 12.79 -17.75
C SER C 192 -11.05 12.98 -19.15
N HIS C 193 -9.74 13.14 -19.27
CA HIS C 193 -9.06 13.44 -20.52
C HIS C 193 -8.99 12.29 -21.49
N HIS C 194 -9.11 11.05 -20.97
CA HIS C 194 -9.02 9.88 -21.85
C HIS C 194 -9.96 9.97 -23.04
N GLY C 195 -11.20 10.40 -22.85
CA GLY C 195 -12.17 10.53 -23.92
C GLY C 195 -11.64 11.34 -25.09
N PRO C 196 -11.38 12.62 -24.85
CA PRO C 196 -10.85 13.51 -25.88
C PRO C 196 -9.55 12.98 -26.45
N ASP C 197 -8.64 12.37 -25.68
CA ASP C 197 -7.44 11.81 -26.27
C ASP C 197 -7.75 10.68 -27.24
N VAL C 198 -8.67 9.79 -26.91
CA VAL C 198 -9.08 8.72 -27.81
C VAL C 198 -9.62 9.33 -29.13
N LYS C 199 -10.37 10.42 -29.03
CA LYS C 199 -10.92 11.10 -30.18
C LYS C 199 -9.84 11.78 -31.03
N THR C 200 -8.58 11.90 -30.57
CA THR C 200 -7.56 12.46 -31.44
C THR C 200 -7.11 11.43 -32.44
N VAL C 201 -7.35 10.14 -32.24
CA VAL C 201 -6.94 9.09 -33.15
C VAL C 201 -8.10 8.22 -33.61
N LEU C 202 -9.21 8.21 -32.89
CA LEU C 202 -10.34 7.33 -33.20
C LEU C 202 -11.61 8.16 -33.04
N ASP C 203 -12.35 8.29 -34.13
CA ASP C 203 -13.56 9.12 -34.17
C ASP C 203 -14.79 8.42 -33.63
N ILE C 204 -15.00 8.44 -32.31
CA ILE C 204 -16.12 7.76 -31.68
C ILE C 204 -16.68 8.63 -30.55
N ASN C 205 -17.85 8.25 -30.07
CA ASN C 205 -18.47 9.03 -28.97
C ASN C 205 -18.04 8.31 -27.68
N ILE C 206 -17.24 8.93 -26.83
CA ILE C 206 -16.72 8.34 -25.61
C ILE C 206 -16.58 9.31 -24.45
N ASP C 207 -17.09 8.91 -23.27
CA ASP C 207 -16.94 9.66 -22.03
C ASP C 207 -16.17 8.81 -21.01
N THR C 208 -15.26 9.40 -20.27
CA THR C 208 -14.43 8.62 -19.35
C THR C 208 -14.40 9.30 -18.00
N MET C 209 -14.15 8.47 -17.00
CA MET C 209 -13.99 8.89 -15.61
C MET C 209 -12.73 8.16 -15.13
N ALA C 210 -11.98 8.73 -14.20
CA ALA C 210 -10.77 8.08 -13.74
C ALA C 210 -10.53 8.40 -12.28
N VAL C 211 -9.91 7.46 -11.59
CA VAL C 211 -9.48 7.61 -10.22
C VAL C 211 -8.06 7.02 -10.09
N ILE C 212 -7.33 7.38 -9.05
CA ILE C 212 -6.00 6.93 -8.76
C ILE C 212 -6.03 6.08 -7.47
N VAL C 213 -5.37 4.91 -7.45
CA VAL C 213 -5.40 4.00 -6.30
C VAL C 213 -3.97 3.58 -5.99
N PRO C 214 -3.68 3.06 -4.81
CA PRO C 214 -2.32 2.70 -4.38
C PRO C 214 -1.75 1.45 -4.98
N THR C 215 -1.58 1.37 -6.30
CA THR C 215 -0.99 0.17 -6.89
C THR C 215 0.05 0.70 -7.87
N THR C 216 1.07 -0.10 -8.17
CA THR C 216 2.04 0.44 -9.13
C THR C 216 2.05 -0.38 -10.42
N LEU C 217 1.42 -1.54 -10.46
CA LEU C 217 1.71 -2.44 -11.54
C LEU C 217 1.08 -2.13 -12.89
N MET C 218 -0.22 -1.95 -12.94
CA MET C 218 -0.99 -1.77 -14.15
C MET C 218 -2.23 -0.91 -13.87
N HIS C 219 -2.74 -0.25 -14.92
CA HIS C 219 -4.02 0.40 -14.83
C HIS C 219 -5.09 -0.67 -15.18
N GLN C 220 -6.35 -0.37 -14.85
CA GLN C 220 -7.43 -1.32 -15.15
C GLN C 220 -8.61 -0.52 -15.67
N HIS C 221 -9.27 -1.03 -16.71
CA HIS C 221 -10.34 -0.35 -17.42
C HIS C 221 -11.70 -1.02 -17.33
N ASN C 222 -12.75 -0.26 -17.04
CA ASN C 222 -14.10 -0.88 -16.97
C ASN C 222 -14.82 -0.24 -18.14
N VAL C 223 -15.01 -1.05 -19.20
CA VAL C 223 -15.52 -0.51 -20.46
C VAL C 223 -16.93 -0.91 -20.82
N MET C 224 -17.75 0.07 -21.24
CA MET C 224 -19.15 -0.27 -21.58
C MET C 224 -19.42 0.35 -22.95
N VAL C 225 -19.72 -0.46 -23.96
CA VAL C 225 -19.87 0.11 -25.31
C VAL C 225 -21.21 -0.14 -25.98
N GLU C 226 -21.95 0.90 -26.34
CA GLU C 226 -23.21 0.69 -27.07
C GLU C 226 -22.84 0.56 -28.55
N VAL C 227 -23.25 -0.52 -29.21
CA VAL C 227 -22.88 -0.68 -30.61
C VAL C 227 -24.12 -0.67 -31.54
N GLU C 228 -23.92 -0.50 -32.84
CA GLU C 228 -25.00 -0.44 -33.81
C GLU C 228 -25.53 -1.81 -34.26
N GLU C 229 -24.65 -2.75 -34.54
CA GLU C 229 -24.99 -4.11 -34.90
C GLU C 229 -24.82 -5.02 -33.67
N THR C 230 -25.86 -5.76 -33.36
CA THR C 230 -25.90 -6.69 -32.26
C THR C 230 -24.78 -7.71 -32.31
N PRO C 231 -23.91 -7.73 -31.31
CA PRO C 231 -22.85 -8.71 -31.25
C PRO C 231 -23.23 -9.86 -30.34
N THR C 232 -22.46 -10.92 -30.36
CA THR C 232 -22.60 -12.03 -29.44
C THR C 232 -21.25 -12.08 -28.70
N VAL C 233 -21.20 -12.76 -27.57
CA VAL C 233 -19.96 -12.92 -26.82
C VAL C 233 -18.92 -13.60 -27.71
N ASP C 234 -19.33 -14.70 -28.37
CA ASP C 234 -18.48 -15.45 -29.26
C ASP C 234 -17.90 -14.59 -30.36
N ASP C 235 -18.69 -13.71 -30.96
CA ASP C 235 -18.21 -12.77 -31.96
C ASP C 235 -17.17 -11.81 -31.36
N ILE C 236 -17.45 -11.28 -30.17
CA ILE C 236 -16.47 -10.37 -29.53
C ILE C 236 -15.19 -11.11 -29.24
N ILE C 237 -15.25 -12.33 -28.74
CA ILE C 237 -14.02 -13.10 -28.50
C ILE C 237 -13.19 -13.28 -29.75
N ASP C 238 -13.76 -13.63 -30.90
CA ASP C 238 -13.00 -13.80 -32.14
C ASP C 238 -12.35 -12.48 -32.55
N VAL C 239 -13.10 -11.38 -32.47
CA VAL C 239 -12.54 -10.07 -32.79
C VAL C 239 -11.33 -9.77 -31.93
N PHE C 240 -11.38 -10.05 -30.62
CA PHE C 240 -10.20 -9.77 -29.78
C PHE C 240 -9.09 -10.75 -30.04
N GLU C 241 -9.39 -12.04 -30.21
CA GLU C 241 -8.34 -13.00 -30.56
C GLU C 241 -7.66 -12.55 -31.84
N ASP C 242 -8.40 -12.09 -32.85
CA ASP C 242 -7.82 -11.68 -34.11
C ASP C 242 -7.07 -10.35 -34.13
N THR C 243 -7.42 -9.40 -33.29
CA THR C 243 -6.79 -8.07 -33.35
C THR C 243 -5.40 -8.10 -32.74
N PRO C 244 -4.47 -7.35 -33.32
CA PRO C 244 -3.10 -7.29 -32.84
C PRO C 244 -2.92 -6.61 -31.48
N ARG C 245 -1.96 -7.09 -30.73
CA ARG C 245 -1.52 -6.57 -29.43
C ARG C 245 -2.58 -6.60 -28.35
N VAL C 246 -3.47 -7.57 -28.44
CA VAL C 246 -4.54 -7.81 -27.50
C VAL C 246 -4.51 -9.29 -27.17
N ILE C 247 -4.62 -9.73 -25.93
CA ILE C 247 -4.68 -11.15 -25.59
C ILE C 247 -5.87 -11.35 -24.65
N LEU C 248 -6.36 -12.57 -24.59
CA LEU C 248 -7.48 -12.94 -23.74
C LEU C 248 -6.91 -13.72 -22.56
N ILE C 249 -7.31 -13.39 -21.35
CA ILE C 249 -6.79 -14.06 -20.16
C ILE C 249 -7.99 -14.61 -19.40
N SER C 250 -7.71 -15.56 -18.52
CA SER C 250 -8.77 -16.17 -17.73
C SER C 250 -8.46 -16.12 -16.25
N ALA C 251 -9.46 -15.67 -15.48
CA ALA C 251 -9.33 -15.67 -14.02
C ALA C 251 -9.39 -17.11 -13.51
N GLU C 252 -10.11 -17.96 -14.23
CA GLU C 252 -10.21 -19.38 -13.95
C GLU C 252 -8.85 -20.06 -14.10
N ASP C 253 -8.03 -19.63 -15.05
CA ASP C 253 -6.66 -20.11 -15.26
C ASP C 253 -5.70 -19.53 -14.23
N GLY C 254 -6.15 -18.64 -13.33
CA GLY C 254 -5.26 -18.08 -12.32
C GLY C 254 -4.87 -16.63 -12.54
N LEU C 255 -5.34 -15.93 -13.58
CA LEU C 255 -4.99 -14.51 -13.74
C LEU C 255 -6.14 -13.67 -13.23
N THR C 256 -6.27 -13.66 -11.90
CA THR C 256 -7.37 -12.98 -11.25
C THR C 256 -7.12 -11.50 -11.03
N SER C 257 -5.88 -11.02 -11.25
CA SER C 257 -5.61 -9.62 -10.95
C SER C 257 -4.46 -9.08 -11.77
N THR C 258 -4.17 -7.78 -11.67
CA THR C 258 -3.03 -7.21 -12.38
C THR C 258 -1.73 -7.79 -11.83
N ALA C 259 -1.66 -8.17 -10.54
CA ALA C 259 -0.43 -8.79 -10.05
C ALA C 259 -0.19 -10.13 -10.75
N GLU C 260 -1.21 -10.97 -10.89
CA GLU C 260 -1.02 -12.27 -11.55
C GLU C 260 -0.78 -12.12 -13.04
N ILE C 261 -1.30 -11.08 -13.68
CA ILE C 261 -0.98 -10.80 -15.06
C ILE C 261 0.51 -10.50 -15.21
N MET C 262 1.06 -9.67 -14.32
CA MET C 262 2.48 -9.31 -14.44
C MET C 262 3.34 -10.52 -14.11
N GLU C 263 2.84 -11.44 -13.27
CA GLU C 263 3.52 -12.69 -13.00
C GLU C 263 3.58 -13.50 -14.31
N TYR C 264 2.48 -13.58 -15.04
CA TYR C 264 2.46 -14.24 -16.36
C TYR C 264 3.48 -13.57 -17.29
N ALA C 265 3.54 -12.24 -17.33
CA ALA C 265 4.51 -11.50 -18.14
C ALA C 265 5.95 -11.90 -17.78
N LYS C 266 6.26 -12.10 -16.51
CA LYS C 266 7.57 -12.60 -16.09
C LYS C 266 7.89 -13.99 -16.66
N GLU C 267 6.90 -14.85 -16.84
CA GLU C 267 7.11 -16.18 -17.38
C GLU C 267 7.32 -16.14 -18.90
N LEU C 268 6.89 -15.08 -19.57
CA LEU C 268 7.05 -14.92 -21.01
C LEU C 268 8.47 -14.55 -21.40
N GLY C 269 9.28 -14.06 -20.46
CA GLY C 269 10.67 -13.80 -20.65
C GLY C 269 11.04 -12.75 -21.68
N ARG C 270 10.22 -11.71 -21.90
CA ARG C 270 10.64 -10.69 -22.84
C ARG C 270 11.40 -9.64 -22.02
N SER C 271 11.88 -8.64 -22.70
CA SER C 271 12.63 -7.52 -22.17
C SER C 271 11.98 -6.87 -20.98
N ARG C 272 12.66 -6.86 -19.85
CA ARG C 272 12.18 -6.37 -18.59
C ARG C 272 10.91 -7.04 -18.08
N ASN C 273 10.47 -8.21 -18.55
CA ASN C 273 9.27 -8.86 -18.10
C ASN C 273 8.05 -7.99 -18.47
N ASP C 274 8.15 -7.22 -19.53
CA ASP C 274 7.12 -6.29 -19.96
C ASP C 274 5.93 -6.98 -20.59
N LEU C 275 4.78 -6.29 -20.57
CA LEU C 275 3.56 -6.79 -21.22
C LEU C 275 3.08 -5.67 -22.16
N PHE C 276 3.54 -5.73 -23.41
CA PHE C 276 3.22 -4.72 -24.40
C PHE C 276 1.76 -4.82 -24.86
N GLU C 277 1.20 -6.02 -24.79
CA GLU C 277 -0.15 -6.33 -25.20
C GLU C 277 -1.18 -5.94 -24.13
N ILE C 278 -2.42 -5.69 -24.55
CA ILE C 278 -3.52 -5.40 -23.64
C ILE C 278 -4.33 -6.70 -23.37
N PRO C 279 -4.34 -7.18 -22.14
CA PRO C 279 -5.08 -8.37 -21.75
C PRO C 279 -6.53 -8.02 -21.39
N VAL C 280 -7.47 -8.81 -21.86
CA VAL C 280 -8.89 -8.65 -21.63
C VAL C 280 -9.36 -9.86 -20.81
N TRP C 281 -10.14 -9.62 -19.77
CA TRP C 281 -10.61 -10.83 -19.04
C TRP C 281 -11.69 -11.49 -19.88
N ARG C 282 -11.45 -12.74 -20.27
CA ARG C 282 -12.41 -13.45 -21.11
C ARG C 282 -13.78 -13.55 -20.43
N GLU C 283 -13.81 -13.93 -19.16
CA GLU C 283 -15.03 -14.09 -18.40
C GLU C 283 -15.81 -12.77 -18.29
N SER C 284 -15.14 -11.61 -18.42
CA SER C 284 -15.84 -10.35 -18.27
C SER C 284 -16.60 -9.96 -19.52
N ILE C 285 -16.28 -10.56 -20.67
CA ILE C 285 -16.97 -10.16 -21.90
C ILE C 285 -18.45 -10.49 -21.82
N THR C 286 -19.27 -9.46 -21.81
CA THR C 286 -20.71 -9.60 -21.65
C THR C 286 -21.49 -8.80 -22.68
N VAL C 287 -22.62 -9.32 -23.11
CA VAL C 287 -23.46 -8.59 -24.05
C VAL C 287 -24.85 -8.37 -23.46
N VAL C 288 -25.27 -7.12 -23.32
CA VAL C 288 -26.63 -6.89 -22.84
C VAL C 288 -27.30 -6.11 -24.00
N ASP C 289 -28.02 -6.85 -24.82
CA ASP C 289 -28.72 -6.32 -25.98
C ASP C 289 -27.73 -5.75 -26.98
N ASN C 290 -27.60 -4.44 -27.11
CA ASN C 290 -26.61 -3.90 -28.04
C ASN C 290 -25.51 -3.16 -27.28
N GLU C 291 -25.27 -3.66 -26.06
CA GLU C 291 -24.24 -3.08 -25.21
C GLU C 291 -23.28 -4.16 -24.71
N ILE C 292 -22.00 -3.87 -24.93
CA ILE C 292 -20.91 -4.74 -24.55
C ILE C 292 -20.20 -4.26 -23.28
N TYR C 293 -19.98 -5.14 -22.35
CA TYR C 293 -19.26 -4.83 -21.12
C TYR C 293 -18.00 -5.71 -21.11
N TYR C 294 -16.89 -5.15 -20.65
CA TYR C 294 -15.69 -5.98 -20.51
C TYR C 294 -14.65 -5.26 -19.65
N MET C 295 -13.73 -6.04 -19.10
CA MET C 295 -12.64 -5.41 -18.34
C MET C 295 -11.33 -5.80 -19.04
N GLN C 296 -10.38 -4.89 -18.96
CA GLN C 296 -9.04 -5.03 -19.47
C GLN C 296 -8.03 -4.36 -18.53
N ALA C 297 -6.75 -4.60 -18.80
CA ALA C 297 -5.68 -3.99 -18.00
C ALA C 297 -4.60 -3.39 -18.89
N VAL C 298 -3.78 -2.48 -18.39
CA VAL C 298 -2.72 -1.88 -19.19
C VAL C 298 -1.39 -1.90 -18.47
N HIS C 299 -0.35 -2.46 -19.07
CA HIS C 299 0.99 -2.36 -18.46
C HIS C 299 1.53 -1.01 -18.95
N GLN C 300 1.30 0.03 -18.15
CA GLN C 300 1.55 1.42 -18.52
C GLN C 300 2.99 1.72 -18.90
N GLU C 301 3.97 1.01 -18.41
CA GLU C 301 5.34 1.28 -18.82
C GLU C 301 5.68 0.77 -20.21
N SER C 302 4.95 -0.21 -20.76
CA SER C 302 5.35 -0.69 -22.08
C SER C 302 4.31 -0.78 -23.16
N ASP C 303 3.00 -0.61 -22.91
CA ASP C 303 2.05 -0.73 -24.03
C ASP C 303 2.33 0.26 -25.15
N ILE C 304 2.79 1.48 -24.92
CA ILE C 304 3.06 2.42 -25.98
C ILE C 304 4.34 2.14 -26.77
N VAL C 305 5.24 1.31 -26.28
CA VAL C 305 6.52 1.02 -26.92
C VAL C 305 6.42 0.58 -28.37
N PRO C 306 5.66 -0.45 -28.73
CA PRO C 306 5.45 -0.85 -30.12
C PRO C 306 4.88 0.24 -31.00
N GLU C 307 4.00 1.09 -30.45
CA GLU C 307 3.42 2.22 -31.15
C GLU C 307 4.51 3.22 -31.58
N ASN C 308 5.56 3.40 -30.80
CA ASN C 308 6.68 4.26 -31.15
C ASN C 308 7.46 3.71 -32.34
N VAL C 309 7.66 2.40 -32.39
CA VAL C 309 8.33 1.81 -33.54
C VAL C 309 7.49 2.07 -34.79
N ASP C 310 6.22 1.68 -34.78
CA ASP C 310 5.31 1.92 -35.89
C ASP C 310 5.29 3.39 -36.27
N ALA C 311 5.27 4.34 -35.36
CA ALA C 311 5.27 5.74 -35.65
C ALA C 311 6.52 6.19 -36.46
N VAL C 312 7.69 5.62 -36.22
CA VAL C 312 8.90 5.96 -36.96
C VAL C 312 8.70 5.65 -38.46
N ARG C 313 8.20 4.46 -38.72
CA ARG C 313 7.91 4.00 -40.07
C ARG C 313 6.88 4.88 -40.76
N ALA C 314 5.87 5.38 -40.05
CA ALA C 314 4.91 6.28 -40.68
C ALA C 314 5.59 7.63 -40.98
N ILE C 315 6.15 8.28 -39.98
CA ILE C 315 6.80 9.57 -40.12
C ILE C 315 7.91 9.62 -41.16
N LEU C 316 8.76 8.61 -41.25
CA LEU C 316 9.86 8.57 -42.19
C LEU C 316 9.47 7.86 -43.49
N GLU C 317 8.20 7.50 -43.66
CA GLU C 317 7.68 6.86 -44.84
C GLU C 317 8.42 5.59 -45.21
N MET C 318 8.61 4.72 -44.25
CA MET C 318 9.28 3.44 -44.44
C MET C 318 8.36 2.32 -44.87
N GLU C 319 7.08 2.49 -44.59
CA GLU C 319 6.05 1.49 -44.85
C GLU C 319 4.69 2.19 -44.91
N GLU C 320 3.94 2.08 -45.99
CA GLU C 320 2.69 2.81 -46.08
C GLU C 320 1.52 2.02 -45.48
N ASP C 321 1.63 0.73 -45.44
CA ASP C 321 0.62 -0.19 -44.93
C ASP C 321 0.85 -0.52 -43.45
N LYS C 322 -0.06 -0.02 -42.60
CA LYS C 322 0.06 -0.20 -41.15
C LYS C 322 0.19 -1.62 -40.67
N TYR C 323 -0.48 -2.58 -41.32
CA TYR C 323 -0.40 -3.96 -40.90
C TYR C 323 1.00 -4.53 -41.06
N LYS C 324 1.66 -4.12 -42.15
CA LYS C 324 3.02 -4.59 -42.39
C LYS C 324 3.94 -4.03 -41.29
N SER C 325 3.81 -2.78 -40.93
CA SER C 325 4.65 -2.20 -39.88
C SER C 325 4.32 -2.85 -38.53
N ILE C 326 3.03 -2.97 -38.21
CA ILE C 326 2.61 -3.59 -36.96
C ILE C 326 3.27 -4.95 -36.80
N ASN C 327 3.08 -5.80 -37.80
CA ASN C 327 3.59 -7.15 -37.86
C ASN C 327 5.10 -7.30 -37.80
N LYS C 328 5.82 -6.39 -38.44
CA LYS C 328 7.28 -6.42 -38.42
C LYS C 328 7.77 -5.97 -37.05
N THR C 329 7.10 -4.98 -36.45
CA THR C 329 7.40 -4.52 -35.11
C THR C 329 7.22 -5.67 -34.11
N ASN C 330 6.08 -6.36 -34.24
CA ASN C 330 5.77 -7.47 -33.37
C ASN C 330 6.76 -8.62 -33.46
N LYS C 331 7.15 -9.00 -34.68
CA LYS C 331 8.12 -10.08 -34.85
C LYS C 331 9.46 -9.77 -34.18
N ALA C 332 10.00 -8.56 -34.40
CA ALA C 332 11.24 -8.14 -33.76
C ALA C 332 11.13 -7.99 -32.24
N MET C 333 9.94 -7.71 -31.71
CA MET C 333 9.79 -7.53 -30.27
C MET C 333 9.23 -8.77 -29.59
N ASN C 334 8.97 -9.84 -30.34
CA ASN C 334 8.39 -11.04 -29.74
C ASN C 334 7.02 -10.77 -29.12
N ILE C 335 6.23 -9.91 -29.79
CA ILE C 335 4.91 -9.63 -29.26
C ILE C 335 4.07 -10.89 -29.41
N LEU C 336 3.23 -11.15 -28.41
CA LEU C 336 2.38 -12.30 -28.36
C LEU C 336 1.34 -12.28 -29.48
N MET D 1 24.62 -35.19 -18.30
CA MET D 1 24.34 -34.50 -17.07
C MET D 1 23.55 -35.24 -15.99
N LYS D 2 23.54 -34.65 -14.81
CA LYS D 2 22.74 -35.15 -13.69
C LYS D 2 21.29 -34.73 -13.91
N ALA D 3 20.35 -35.65 -13.75
CA ALA D 3 18.93 -35.44 -13.96
C ALA D 3 18.25 -34.96 -12.69
N VAL D 4 17.70 -33.74 -12.77
CA VAL D 4 17.07 -33.14 -11.58
C VAL D 4 15.57 -33.02 -11.67
N ALA D 5 14.88 -33.40 -10.61
CA ALA D 5 13.44 -33.24 -10.53
C ALA D 5 13.13 -32.08 -9.57
N ILE D 6 12.11 -31.31 -9.93
CA ILE D 6 11.66 -30.21 -9.07
C ILE D 6 10.28 -30.51 -8.52
N ASN D 7 10.18 -30.78 -7.23
CA ASN D 7 8.89 -31.09 -6.61
C ASN D 7 8.32 -29.79 -6.02
N GLY D 8 7.30 -29.24 -6.67
CA GLY D 8 6.65 -28.02 -6.26
C GLY D 8 7.12 -26.89 -7.17
N TYR D 9 6.49 -26.70 -8.32
CA TYR D 9 6.84 -25.67 -9.27
C TYR D 9 6.16 -24.33 -8.93
N GLY D 10 6.48 -23.75 -7.75
CA GLY D 10 5.88 -22.48 -7.34
C GLY D 10 6.87 -21.33 -7.42
N THR D 11 6.78 -20.35 -6.49
CA THR D 11 7.62 -19.17 -6.57
C THR D 11 9.10 -19.54 -6.61
N VAL D 12 9.49 -20.41 -5.70
CA VAL D 12 10.89 -20.82 -5.61
C VAL D 12 11.16 -21.89 -6.68
N GLY D 13 10.31 -22.89 -6.74
CA GLY D 13 10.53 -24.01 -7.67
C GLY D 13 10.64 -23.66 -9.13
N LYS D 14 9.85 -22.74 -9.70
CA LYS D 14 9.98 -22.38 -11.11
C LYS D 14 11.31 -21.68 -11.38
N ARG D 15 11.85 -20.97 -10.40
CA ARG D 15 13.13 -20.32 -10.49
C ARG D 15 14.28 -21.31 -10.38
N VAL D 16 14.17 -22.27 -9.46
CA VAL D 16 15.21 -23.28 -9.33
C VAL D 16 15.23 -24.12 -10.63
N ALA D 17 14.07 -24.46 -11.19
CA ALA D 17 14.04 -25.18 -12.45
C ALA D 17 14.93 -24.54 -13.52
N ASP D 18 14.80 -23.24 -13.78
CA ASP D 18 15.54 -22.58 -14.83
C ASP D 18 17.03 -22.49 -14.52
N ALA D 19 17.37 -22.30 -13.24
CA ALA D 19 18.78 -22.24 -12.84
C ALA D 19 19.44 -23.61 -13.04
N ILE D 20 18.81 -24.72 -12.74
CA ILE D 20 19.40 -26.03 -13.02
C ILE D 20 19.64 -26.20 -14.53
N ALA D 21 18.63 -25.84 -15.32
CA ALA D 21 18.63 -25.97 -16.76
C ALA D 21 19.72 -25.11 -17.38
N GLN D 22 20.12 -23.98 -16.79
CA GLN D 22 21.23 -23.22 -17.35
C GLN D 22 22.58 -23.91 -17.11
N GLN D 23 22.70 -24.84 -16.19
CA GLN D 23 24.01 -25.41 -15.85
C GLN D 23 24.54 -26.27 -16.98
N ASP D 24 25.88 -26.40 -17.10
CA ASP D 24 26.38 -27.26 -18.18
C ASP D 24 26.49 -28.72 -17.74
N ASP D 25 26.26 -29.00 -16.47
CA ASP D 25 26.39 -30.32 -15.91
C ASP D 25 25.13 -30.84 -15.26
N MET D 26 23.97 -30.23 -15.55
CA MET D 26 22.72 -30.67 -14.95
C MET D 26 21.52 -30.39 -15.87
N LYS D 27 20.44 -31.14 -15.72
CA LYS D 27 19.25 -30.83 -16.51
C LYS D 27 18.00 -31.15 -15.70
N VAL D 28 16.91 -30.48 -16.07
CA VAL D 28 15.63 -30.69 -15.39
C VAL D 28 14.82 -31.76 -16.10
N ILE D 29 14.47 -32.84 -15.44
CA ILE D 29 13.71 -33.90 -16.07
C ILE D 29 12.23 -33.83 -15.70
N GLY D 30 11.83 -32.89 -14.84
CA GLY D 30 10.40 -32.76 -14.51
C GLY D 30 10.17 -31.79 -13.37
N VAL D 31 9.01 -31.14 -13.36
CA VAL D 31 8.56 -30.22 -12.33
C VAL D 31 7.14 -30.67 -11.95
N SER D 32 6.66 -30.45 -10.74
CA SER D 32 5.34 -30.93 -10.34
C SER D 32 4.40 -29.84 -9.87
N LYS D 33 3.10 -30.07 -10.07
CA LYS D 33 2.10 -29.08 -9.66
C LYS D 33 0.93 -29.81 -9.00
N THR D 34 0.05 -29.09 -8.31
CA THR D 34 -1.15 -29.76 -7.81
C THR D 34 -2.34 -29.18 -8.60
N ARG D 35 -2.27 -27.99 -9.17
CA ARG D 35 -3.43 -27.49 -9.93
C ARG D 35 -3.12 -26.93 -11.30
N PRO D 36 -4.06 -27.18 -12.23
CA PRO D 36 -3.92 -26.82 -13.63
C PRO D 36 -4.21 -25.35 -13.90
N ASP D 37 -3.27 -24.48 -13.68
CA ASP D 37 -3.39 -23.04 -13.88
C ASP D 37 -2.38 -22.60 -14.94
N PHE D 38 -2.11 -21.32 -15.07
CA PHE D 38 -1.21 -20.83 -16.09
C PHE D 38 0.23 -21.26 -15.89
N GLU D 39 0.69 -21.44 -14.66
CA GLU D 39 2.08 -21.84 -14.43
C GLU D 39 2.32 -23.26 -14.92
N ALA D 40 1.34 -24.13 -14.71
CA ALA D 40 1.39 -25.48 -15.25
C ALA D 40 1.55 -25.41 -16.77
N ARG D 41 0.78 -24.56 -17.45
CA ARG D 41 0.89 -24.40 -18.91
C ARG D 41 2.23 -23.78 -19.30
N MET D 42 2.75 -22.82 -18.53
CA MET D 42 4.07 -22.27 -18.86
C MET D 42 5.16 -23.32 -18.67
N ALA D 43 4.99 -24.27 -17.77
CA ALA D 43 6.01 -25.29 -17.53
C ALA D 43 6.22 -26.12 -18.82
N LEU D 44 5.13 -26.45 -19.47
CA LEU D 44 5.18 -27.21 -20.73
C LEU D 44 5.86 -26.39 -21.83
N LYS D 45 5.66 -25.09 -21.85
CA LYS D 45 6.30 -24.24 -22.84
C LYS D 45 7.79 -24.05 -22.61
N LYS D 46 8.32 -24.30 -21.42
CA LYS D 46 9.76 -24.20 -21.16
C LYS D 46 10.37 -25.57 -21.41
N GLY D 47 9.55 -26.54 -21.85
CA GLY D 47 10.08 -27.84 -22.20
C GLY D 47 10.14 -28.84 -21.07
N TYR D 48 9.67 -28.48 -19.88
CA TYR D 48 9.71 -29.39 -18.77
C TYR D 48 8.55 -30.37 -18.88
N ASP D 49 8.77 -31.59 -18.47
CA ASP D 49 7.71 -32.58 -18.36
C ASP D 49 6.99 -32.21 -17.04
N LEU D 50 5.69 -32.19 -17.08
CA LEU D 50 4.88 -31.85 -15.92
C LEU D 50 4.30 -33.09 -15.25
N TYR D 51 4.56 -33.19 -13.94
CA TYR D 51 4.06 -34.31 -13.13
C TYR D 51 3.06 -33.79 -12.11
N VAL D 52 2.08 -34.61 -11.76
CA VAL D 52 1.02 -34.17 -10.83
C VAL D 52 1.25 -34.74 -9.44
N ALA D 53 1.14 -33.91 -8.41
CA ALA D 53 1.39 -34.35 -7.04
C ALA D 53 0.77 -35.69 -6.67
N ILE D 54 -0.51 -35.91 -6.86
CA ILE D 54 -1.16 -37.17 -6.50
C ILE D 54 -1.97 -37.71 -7.67
N PRO D 55 -2.04 -39.04 -7.80
CA PRO D 55 -2.76 -39.70 -8.88
C PRO D 55 -4.18 -39.24 -9.14
N GLU D 56 -4.97 -38.92 -8.11
CA GLU D 56 -6.36 -38.51 -8.31
C GLU D 56 -6.53 -37.12 -8.89
N ARG D 57 -5.47 -36.34 -9.05
CA ARG D 57 -5.55 -35.03 -9.67
C ARG D 57 -5.18 -35.07 -11.14
N VAL D 58 -4.70 -36.20 -11.65
CA VAL D 58 -4.30 -36.29 -13.05
C VAL D 58 -5.45 -35.89 -13.96
N LYS D 59 -6.69 -36.23 -13.65
CA LYS D 59 -7.84 -35.90 -14.49
C LYS D 59 -8.23 -34.44 -14.47
N LEU D 60 -7.84 -33.67 -13.47
CA LEU D 60 -8.14 -32.23 -13.45
C LEU D 60 -7.29 -31.60 -14.56
N PHE D 61 -6.04 -32.07 -14.69
CA PHE D 61 -5.15 -31.53 -15.74
C PHE D 61 -5.65 -31.97 -17.10
N GLU D 62 -6.06 -33.25 -17.20
CA GLU D 62 -6.54 -33.74 -18.49
C GLU D 62 -7.75 -32.94 -18.97
N LYS D 63 -8.72 -32.66 -18.11
CA LYS D 63 -9.88 -31.87 -18.54
C LYS D 63 -9.53 -30.40 -18.78
N ALA D 64 -8.44 -29.86 -18.24
CA ALA D 64 -8.05 -28.49 -18.53
C ALA D 64 -7.20 -28.42 -19.80
N GLY D 65 -6.95 -29.53 -20.47
CA GLY D 65 -6.13 -29.58 -21.67
C GLY D 65 -4.64 -29.46 -21.37
N ILE D 66 -4.20 -29.83 -20.17
CA ILE D 66 -2.77 -29.73 -19.84
C ILE D 66 -2.18 -31.13 -19.82
N GLU D 67 -1.23 -31.41 -20.72
CA GLU D 67 -0.67 -32.76 -20.82
C GLU D 67 0.32 -33.11 -19.71
N VAL D 68 0.01 -34.20 -19.01
CA VAL D 68 0.83 -34.64 -17.88
C VAL D 68 1.62 -35.88 -18.23
N ALA D 69 2.80 -36.00 -17.63
CA ALA D 69 3.69 -37.13 -17.87
C ALA D 69 3.53 -38.19 -16.81
N GLY D 70 2.83 -37.94 -15.71
CA GLY D 70 2.69 -39.00 -14.69
C GLY D 70 2.50 -38.31 -13.34
N THR D 71 2.76 -39.04 -12.27
CA THR D 71 2.65 -38.50 -10.91
C THR D 71 4.03 -38.20 -10.36
N VAL D 72 4.08 -37.65 -9.15
CA VAL D 72 5.35 -37.38 -8.48
C VAL D 72 6.14 -38.67 -8.31
N ASP D 73 5.49 -39.77 -7.97
CA ASP D 73 6.14 -41.08 -7.89
C ASP D 73 6.88 -41.43 -9.17
N ASP D 74 6.28 -41.19 -10.34
CA ASP D 74 6.90 -41.43 -11.62
C ASP D 74 8.11 -40.53 -11.86
N MET D 75 7.91 -39.23 -11.62
CA MET D 75 8.97 -38.24 -11.77
C MET D 75 10.27 -38.65 -11.08
N LEU D 76 10.14 -39.09 -9.83
CA LEU D 76 11.27 -39.45 -9.00
C LEU D 76 12.05 -40.62 -9.58
N ASP D 77 11.36 -41.57 -10.22
CA ASP D 77 12.02 -42.69 -10.86
C ASP D 77 13.01 -42.21 -11.93
N GLU D 78 12.77 -41.06 -12.54
CA GLU D 78 13.64 -40.53 -13.56
C GLU D 78 14.76 -39.65 -13.03
N ALA D 79 14.79 -39.33 -11.73
CA ALA D 79 15.79 -38.39 -11.25
C ALA D 79 16.97 -38.90 -10.44
N ASP D 80 18.07 -38.15 -10.47
CA ASP D 80 19.24 -38.44 -9.67
C ASP D 80 19.11 -37.68 -8.34
N ILE D 81 18.34 -36.60 -8.37
CA ILE D 81 18.08 -35.82 -7.17
C ILE D 81 16.78 -35.03 -7.30
N VAL D 82 16.08 -34.83 -6.18
CA VAL D 82 14.87 -34.02 -6.23
C VAL D 82 15.09 -32.80 -5.33
N ILE D 83 14.68 -31.66 -5.86
CA ILE D 83 14.72 -30.38 -5.13
C ILE D 83 13.26 -30.07 -4.80
N ASP D 84 12.97 -30.13 -3.53
CA ASP D 84 11.65 -29.95 -2.95
C ASP D 84 11.42 -28.46 -2.65
N CYS D 85 10.40 -27.94 -3.32
CA CYS D 85 10.05 -26.52 -3.18
C CYS D 85 8.56 -26.39 -2.87
N THR D 86 8.08 -27.34 -2.07
CA THR D 86 6.68 -27.40 -1.60
C THR D 86 6.49 -26.48 -0.42
N PRO D 87 5.26 -26.16 -0.06
CA PRO D 87 4.99 -25.21 1.03
C PRO D 87 5.51 -25.65 2.38
N GLU D 88 5.72 -24.71 3.31
CA GLU D 88 6.25 -25.04 4.62
C GLU D 88 5.55 -26.22 5.29
N GLY D 89 6.29 -27.27 5.65
CA GLY D 89 5.70 -28.42 6.31
C GLY D 89 5.47 -29.59 5.37
N ILE D 90 5.21 -29.33 4.09
CA ILE D 90 4.98 -30.40 3.13
C ILE D 90 6.29 -31.13 2.84
N GLY D 91 7.39 -30.38 2.83
CA GLY D 91 8.71 -30.96 2.60
C GLY D 91 8.99 -32.10 3.57
N ALA D 92 8.75 -31.88 4.86
CA ALA D 92 8.94 -32.90 5.89
C ALA D 92 8.14 -34.15 5.56
N LYS D 93 6.90 -34.01 5.13
CA LYS D 93 6.03 -35.08 4.71
C LYS D 93 6.55 -35.77 3.47
N ASN D 94 7.08 -35.04 2.49
CA ASN D 94 7.69 -35.69 1.33
C ASN D 94 8.95 -36.44 1.68
N LEU D 95 9.65 -36.10 2.79
CA LEU D 95 10.90 -36.78 3.16
C LEU D 95 10.72 -38.29 3.22
N LYS D 96 9.66 -38.75 3.85
CA LYS D 96 9.30 -40.15 3.93
C LYS D 96 9.34 -40.82 2.55
N MET D 97 8.59 -40.27 1.60
CA MET D 97 8.54 -40.79 0.26
C MET D 97 9.91 -40.81 -0.41
N TYR D 98 10.71 -39.76 -0.20
CA TYR D 98 12.05 -39.75 -0.79
C TYR D 98 12.86 -40.91 -0.21
N LYS D 99 12.73 -41.15 1.09
CA LYS D 99 13.44 -42.23 1.75
C LYS D 99 13.01 -43.57 1.15
N GLU D 100 11.69 -43.80 1.08
CA GLU D 100 11.21 -45.01 0.44
C GLU D 100 11.75 -45.22 -0.96
N LYS D 101 11.87 -44.20 -1.80
CA LYS D 101 12.40 -44.35 -3.14
C LYS D 101 13.93 -44.43 -3.12
N GLY D 102 14.44 -43.92 -2.01
CA GLY D 102 15.83 -43.75 -1.73
C GLY D 102 16.30 -42.42 -2.32
N ILE D 103 15.60 -41.63 -3.09
CA ILE D 103 16.30 -40.52 -3.74
C ILE D 103 16.83 -39.47 -2.76
N LYS D 104 17.98 -38.89 -3.09
CA LYS D 104 18.54 -37.79 -2.31
C LYS D 104 17.75 -36.50 -2.61
N ALA D 105 17.67 -35.60 -1.65
CA ALA D 105 16.89 -34.39 -1.76
C ALA D 105 17.39 -33.16 -0.99
N ILE D 106 16.99 -32.03 -1.59
CA ILE D 106 17.22 -30.68 -1.09
C ILE D 106 15.88 -30.03 -0.71
N PHE D 107 15.84 -29.38 0.45
CA PHE D 107 14.61 -28.74 0.93
C PHE D 107 14.80 -27.23 1.07
N GLN D 108 13.69 -26.49 1.19
CA GLN D 108 13.82 -25.04 1.34
C GLN D 108 13.71 -24.62 2.80
N GLY D 109 14.05 -23.37 3.09
CA GLY D 109 14.07 -22.79 4.42
C GLY D 109 12.85 -22.81 5.29
N GLY D 110 11.67 -22.98 4.74
CA GLY D 110 10.41 -23.05 5.47
C GLY D 110 10.32 -24.33 6.32
N GLU D 111 11.02 -25.39 5.94
CA GLU D 111 11.13 -26.61 6.70
C GLU D 111 11.99 -26.40 7.95
N LYS D 112 11.74 -27.18 8.99
CA LYS D 112 12.51 -27.04 10.23
C LYS D 112 13.82 -27.78 10.06
N HIS D 113 14.88 -27.15 10.58
CA HIS D 113 16.19 -27.80 10.54
C HIS D 113 16.11 -29.19 11.21
N GLU D 114 15.36 -29.30 12.30
CA GLU D 114 15.32 -30.55 13.04
C GLU D 114 14.74 -31.68 12.20
N ASP D 115 13.79 -31.42 11.31
CA ASP D 115 13.24 -32.49 10.50
C ASP D 115 14.13 -32.91 9.36
N ILE D 116 15.02 -32.04 8.88
CA ILE D 116 15.90 -32.38 7.76
C ILE D 116 17.25 -32.85 8.28
N GLY D 117 17.69 -32.33 9.42
CA GLY D 117 18.93 -32.74 10.06
C GLY D 117 20.17 -31.96 9.71
N LEU D 118 20.17 -31.30 8.56
CA LEU D 118 21.30 -30.51 8.07
C LEU D 118 20.81 -29.26 7.36
N SER D 119 21.58 -28.17 7.43
CA SER D 119 21.18 -26.96 6.72
C SER D 119 22.37 -26.57 5.84
N PHE D 120 22.06 -25.76 4.83
CA PHE D 120 23.07 -25.40 3.86
C PHE D 120 23.11 -23.96 3.42
N ASN D 121 24.34 -23.51 3.28
CA ASN D 121 24.68 -22.23 2.70
C ASN D 121 26.03 -22.42 2.00
N SER D 122 26.10 -22.13 0.71
CA SER D 122 27.26 -22.39 -0.12
C SER D 122 28.58 -21.88 0.45
N LEU D 123 28.70 -20.61 0.81
CA LEU D 123 29.94 -20.09 1.35
C LEU D 123 30.23 -20.51 2.78
N SER D 124 29.24 -20.67 3.66
CA SER D 124 29.61 -21.02 5.03
C SER D 124 29.68 -22.48 5.39
N ASN D 125 28.96 -23.38 4.72
CA ASN D 125 29.08 -24.76 5.18
C ASN D 125 28.81 -25.73 4.05
N TYR D 126 29.27 -25.38 2.85
CA TYR D 126 29.14 -26.25 1.69
C TYR D 126 29.63 -27.66 2.02
N GLU D 127 30.85 -27.77 2.58
CA GLU D 127 31.43 -29.07 2.92
C GLU D 127 30.56 -29.90 3.85
N GLU D 128 29.65 -29.39 4.69
CA GLU D 128 28.85 -30.26 5.55
C GLU D 128 27.75 -31.00 4.81
N SER D 129 27.50 -30.71 3.54
CA SER D 129 26.49 -31.44 2.80
C SER D 129 27.14 -32.32 1.75
N TYR D 130 28.46 -32.23 1.63
CA TYR D 130 29.23 -32.95 0.64
C TYR D 130 29.03 -34.46 0.79
N GLY D 131 28.55 -35.09 -0.27
CA GLY D 131 28.21 -36.49 -0.26
C GLY D 131 27.07 -36.91 0.66
N LYS D 132 26.34 -36.03 1.34
CA LYS D 132 25.25 -36.43 2.22
C LYS D 132 23.97 -36.75 1.45
N ASP D 133 22.90 -37.07 2.13
CA ASP D 133 21.64 -37.45 1.54
C ASP D 133 20.63 -36.33 1.38
N TYR D 134 20.39 -35.60 2.47
CA TYR D 134 19.36 -34.58 2.56
C TYR D 134 19.89 -33.29 3.20
N THR D 135 19.52 -32.16 2.61
CA THR D 135 19.97 -30.87 3.17
C THR D 135 18.93 -29.80 2.91
N ARG D 136 18.83 -28.87 3.86
CA ARG D 136 17.88 -27.77 3.86
C ARG D 136 18.52 -26.44 3.46
N VAL D 137 18.23 -25.91 2.27
CA VAL D 137 18.79 -24.59 1.92
C VAL D 137 18.12 -23.58 2.86
N VAL D 138 18.85 -22.77 3.62
CA VAL D 138 18.25 -21.86 4.60
C VAL D 138 17.41 -20.78 3.90
N SER D 139 16.45 -20.21 4.63
CA SER D 139 15.49 -19.26 4.05
C SER D 139 16.07 -18.04 3.37
N CYS D 140 15.21 -17.25 2.71
CA CYS D 140 15.64 -16.07 1.98
C CYS D 140 16.42 -15.07 2.83
N ASN D 141 15.83 -14.73 3.95
CA ASN D 141 16.45 -13.81 4.91
C ASN D 141 17.70 -14.40 5.53
N THR D 142 17.72 -15.69 5.85
CA THR D 142 18.86 -16.31 6.50
C THR D 142 20.05 -16.38 5.55
N THR D 143 19.75 -16.68 4.28
CA THR D 143 20.74 -16.71 3.24
C THR D 143 21.33 -15.31 3.10
N GLY D 144 20.45 -14.30 3.08
CA GLY D 144 20.86 -12.91 2.96
C GLY D 144 21.81 -12.51 4.09
N LEU D 145 21.48 -12.87 5.34
CA LEU D 145 22.39 -12.54 6.43
C LEU D 145 23.71 -13.29 6.30
N CYS D 146 23.70 -14.57 5.98
CA CYS D 146 24.95 -15.32 5.84
C CYS D 146 25.88 -14.78 4.77
N ARG D 147 25.32 -14.30 3.66
CA ARG D 147 26.11 -13.77 2.55
C ARG D 147 27.06 -12.66 2.98
N THR D 148 26.64 -11.80 3.91
CA THR D 148 27.51 -10.72 4.39
C THR D 148 28.12 -11.00 5.75
N LEU D 149 27.50 -11.83 6.59
CA LEU D 149 28.09 -12.11 7.89
C LEU D 149 29.22 -13.12 7.78
N LYS D 150 29.17 -14.12 6.90
CA LYS D 150 30.26 -15.11 6.79
C LYS D 150 31.58 -14.45 6.45
N PRO D 151 31.66 -13.63 5.42
CA PRO D 151 32.87 -12.90 5.07
C PRO D 151 33.32 -11.98 6.21
N LEU D 152 32.41 -11.40 6.99
CA LEU D 152 32.76 -10.54 8.11
C LEU D 152 33.41 -11.38 9.21
N HIS D 153 32.86 -12.58 9.45
CA HIS D 153 33.38 -13.47 10.47
C HIS D 153 34.79 -13.90 10.04
N ASP D 154 34.94 -14.34 8.80
CA ASP D 154 36.23 -14.79 8.28
C ASP D 154 37.32 -13.73 8.37
N SER D 155 37.03 -12.50 7.97
CA SER D 155 38.05 -11.48 8.02
C SER D 155 38.25 -10.84 9.37
N PHE D 156 37.21 -10.55 10.15
CA PHE D 156 37.36 -9.76 11.36
C PHE D 156 36.96 -10.46 12.64
N GLY D 157 36.32 -11.61 12.55
CA GLY D 157 35.88 -12.33 13.74
C GLY D 157 34.64 -11.74 14.39
N ILE D 158 33.49 -12.41 14.22
CA ILE D 158 32.27 -11.91 14.87
C ILE D 158 32.19 -12.26 16.33
N LYS D 159 31.92 -11.25 17.15
CA LYS D 159 31.67 -11.43 18.58
C LYS D 159 30.17 -11.49 18.81
N LYS D 160 29.43 -10.59 18.17
CA LYS D 160 27.97 -10.54 18.32
C LYS D 160 27.29 -9.80 17.18
N VAL D 161 26.16 -10.31 16.71
CA VAL D 161 25.38 -9.65 15.66
C VAL D 161 23.99 -9.32 16.21
N ARG D 162 23.53 -8.10 16.05
CA ARG D 162 22.18 -7.68 16.38
C ARG D 162 21.59 -7.21 15.05
N ALA D 163 20.46 -7.78 14.65
CA ALA D 163 19.86 -7.42 13.36
C ALA D 163 18.34 -7.31 13.40
N VAL D 164 17.81 -6.29 12.73
CA VAL D 164 16.38 -6.04 12.66
C VAL D 164 15.95 -6.20 11.19
N ILE D 165 15.08 -7.17 10.98
CA ILE D 165 14.61 -7.54 9.66
C ILE D 165 13.27 -6.88 9.35
N VAL D 166 13.23 -6.09 8.26
CA VAL D 166 12.00 -5.45 7.83
C VAL D 166 11.45 -6.31 6.69
N ARG D 167 10.43 -7.11 6.99
CA ARG D 167 9.96 -8.07 5.99
C ARG D 167 8.84 -7.59 5.08
N ARG D 168 8.92 -8.06 3.84
CA ARG D 168 7.87 -7.81 2.85
C ARG D 168 6.65 -8.62 3.26
N GLY D 169 5.44 -8.10 3.09
CA GLY D 169 4.27 -8.83 3.56
C GLY D 169 3.87 -10.03 2.73
N ALA D 170 4.01 -9.89 1.41
CA ALA D 170 3.67 -10.99 0.51
C ALA D 170 4.31 -10.78 -0.86
N ASP D 171 4.64 -11.88 -1.51
CA ASP D 171 5.28 -11.84 -2.83
C ASP D 171 4.31 -11.15 -3.78
N PRO D 172 4.83 -10.54 -4.83
CA PRO D 172 4.05 -9.78 -5.77
C PRO D 172 2.79 -10.43 -6.28
N ALA D 173 2.84 -11.72 -6.62
CA ALA D 173 1.68 -12.42 -7.12
C ALA D 173 0.70 -12.84 -6.02
N GLN D 174 1.06 -12.89 -4.75
CA GLN D 174 0.15 -13.33 -3.70
C GLN D 174 -0.83 -12.24 -3.25
N VAL D 175 -1.95 -12.06 -3.91
CA VAL D 175 -2.93 -11.04 -3.64
C VAL D 175 -3.91 -11.21 -2.49
N SER D 176 -3.96 -12.37 -1.86
CA SER D 176 -4.88 -12.57 -0.73
C SER D 176 -4.17 -12.32 0.60
N LYS D 177 -2.92 -11.81 0.63
CA LYS D 177 -2.28 -11.57 1.90
C LYS D 177 -2.04 -10.11 2.25
N GLY D 178 -2.14 -9.77 3.54
CA GLY D 178 -1.81 -8.40 3.94
C GLY D 178 -0.41 -8.36 4.55
N PRO D 179 -0.11 -7.28 5.25
CA PRO D 179 -1.06 -6.21 5.48
C PRO D 179 -1.11 -5.12 4.43
N ILE D 180 -2.31 -4.53 4.30
CA ILE D 180 -2.41 -3.37 3.38
C ILE D 180 -1.82 -2.13 4.06
N ASN D 181 -2.03 -1.94 5.36
CA ASN D 181 -1.55 -0.68 5.95
C ASN D 181 -1.28 -0.86 7.45
N ALA D 182 -0.19 -1.53 7.79
CA ALA D 182 0.18 -1.77 9.18
C ALA D 182 1.65 -2.21 9.27
N ILE D 183 2.17 -2.21 10.48
CA ILE D 183 3.46 -2.77 10.80
C ILE D 183 3.18 -3.84 11.86
N ILE D 184 3.62 -5.06 11.61
CA ILE D 184 3.36 -6.20 12.46
C ILE D 184 4.61 -6.86 13.04
N PRO D 185 4.83 -6.81 14.34
CA PRO D 185 5.97 -7.56 14.92
C PRO D 185 5.85 -9.01 14.51
N ASN D 186 6.95 -9.64 14.13
CA ASN D 186 6.93 -11.00 13.63
C ASN D 186 8.02 -11.94 14.10
N PRO D 187 7.84 -12.56 15.24
CA PRO D 187 6.71 -12.33 16.12
C PRO D 187 7.07 -11.29 17.18
N PRO D 188 6.11 -10.98 18.04
CA PRO D 188 6.34 -10.04 19.13
C PRO D 188 7.19 -10.66 20.23
N LYS D 189 7.26 -11.98 20.37
CA LYS D 189 8.17 -12.60 21.35
C LYS D 189 9.57 -12.66 20.74
N LEU D 190 10.57 -12.15 21.43
CA LEU D 190 11.94 -12.08 20.92
C LEU D 190 12.91 -12.97 21.66
N PRO D 191 14.07 -13.20 21.06
CA PRO D 191 14.43 -12.75 19.73
C PRO D 191 13.78 -13.61 18.66
N SER D 192 13.66 -13.18 17.41
CA SER D 192 13.04 -13.89 16.32
C SER D 192 13.84 -15.09 15.83
N HIS D 193 13.30 -15.84 14.85
CA HIS D 193 13.97 -17.09 14.47
C HIS D 193 15.04 -16.95 13.41
N HIS D 194 15.38 -15.76 12.93
CA HIS D 194 16.46 -15.67 11.94
C HIS D 194 17.80 -16.01 12.57
N GLY D 195 17.99 -15.70 13.86
CA GLY D 195 19.22 -15.94 14.59
C GLY D 195 19.57 -17.42 14.68
N PRO D 196 18.67 -18.20 15.27
CA PRO D 196 18.84 -19.65 15.37
C PRO D 196 19.06 -20.22 13.99
N ASP D 197 18.25 -19.86 12.98
CA ASP D 197 18.44 -20.32 11.61
C ASP D 197 19.83 -20.02 11.06
N VAL D 198 20.37 -18.83 11.24
CA VAL D 198 21.75 -18.55 10.82
C VAL D 198 22.75 -19.50 11.48
N LYS D 199 22.56 -19.84 12.74
CA LYS D 199 23.39 -20.74 13.49
C LYS D 199 23.33 -22.19 13.05
N THR D 200 22.39 -22.57 12.18
CA THR D 200 22.40 -23.95 11.66
C THR D 200 23.51 -24.05 10.62
N VAL D 201 23.98 -22.94 10.09
CA VAL D 201 25.01 -22.94 9.06
C VAL D 201 26.22 -22.08 9.40
N LEU D 202 26.09 -21.15 10.34
CA LEU D 202 27.21 -20.25 10.64
C LEU D 202 27.32 -20.07 12.16
N ASP D 203 28.40 -20.56 12.75
CA ASP D 203 28.58 -20.59 14.20
C ASP D 203 28.99 -19.27 14.82
N ILE D 204 28.02 -18.38 14.99
CA ILE D 204 28.19 -17.07 15.56
C ILE D 204 27.10 -16.78 16.61
N ASN D 205 27.29 -15.70 17.34
CA ASN D 205 26.38 -15.21 18.36
C ASN D 205 25.51 -14.16 17.65
N ILE D 206 24.24 -14.46 17.43
CA ILE D 206 23.36 -13.55 16.73
C ILE D 206 21.96 -13.59 17.32
N ASP D 207 21.46 -12.37 17.55
CA ASP D 207 20.11 -12.06 17.99
C ASP D 207 19.40 -11.23 16.92
N THR D 208 18.16 -11.61 16.57
CA THR D 208 17.40 -10.92 15.53
C THR D 208 16.00 -10.54 15.99
N MET D 209 15.46 -9.50 15.35
CA MET D 209 14.11 -9.00 15.59
C MET D 209 13.53 -8.79 14.18
N ALA D 210 12.21 -8.91 14.01
CA ALA D 210 11.64 -8.75 12.69
C ALA D 210 10.23 -8.18 12.74
N VAL D 211 9.88 -7.50 11.65
CA VAL D 211 8.56 -6.95 11.51
C VAL D 211 8.09 -7.17 10.06
N ILE D 212 6.76 -7.12 9.84
CA ILE D 212 6.24 -7.18 8.48
C ILE D 212 5.62 -5.83 8.12
N VAL D 213 5.85 -5.34 6.89
CA VAL D 213 5.29 -4.05 6.44
C VAL D 213 4.64 -4.23 5.08
N PRO D 214 3.86 -3.28 4.58
CA PRO D 214 3.16 -3.40 3.30
C PRO D 214 3.98 -3.19 2.05
N THR D 215 4.86 -4.12 1.69
CA THR D 215 5.62 -4.08 0.46
C THR D 215 5.77 -5.53 -0.04
N THR D 216 6.02 -5.68 -1.34
CA THR D 216 6.12 -7.05 -1.86
C THR D 216 7.49 -7.30 -2.49
N LEU D 217 8.24 -6.22 -2.71
CA LEU D 217 9.46 -6.37 -3.50
C LEU D 217 10.61 -7.09 -2.86
N MET D 218 11.09 -6.56 -1.72
CA MET D 218 12.28 -7.11 -1.09
C MET D 218 12.18 -7.00 0.44
N HIS D 219 12.97 -7.73 1.19
CA HIS D 219 13.14 -7.61 2.61
C HIS D 219 14.28 -6.57 2.78
N GLN D 220 14.39 -5.96 3.97
CA GLN D 220 15.46 -4.99 4.18
C GLN D 220 16.06 -5.29 5.57
N HIS D 221 17.39 -5.33 5.63
CA HIS D 221 18.08 -5.71 6.85
C HIS D 221 18.89 -4.58 7.46
N ASN D 222 18.82 -4.44 8.79
CA ASN D 222 19.62 -3.40 9.47
C ASN D 222 20.56 -4.19 10.37
N VAL D 223 21.83 -4.24 10.02
CA VAL D 223 22.81 -5.09 10.70
C VAL D 223 23.88 -4.39 11.53
N MET D 224 24.07 -4.92 12.74
CA MET D 224 25.02 -4.29 13.68
C MET D 224 25.91 -5.41 14.21
N VAL D 225 27.19 -5.40 13.83
CA VAL D 225 28.12 -6.47 14.14
C VAL D 225 29.33 -6.03 14.96
N GLU D 226 29.43 -6.59 16.16
CA GLU D 226 30.59 -6.36 17.02
C GLU D 226 31.68 -7.31 16.55
N VAL D 227 32.88 -6.80 16.22
CA VAL D 227 33.94 -7.73 15.74
C VAL D 227 35.15 -7.80 16.68
N GLU D 228 36.04 -8.76 16.52
CA GLU D 228 37.22 -8.98 17.34
C GLU D 228 38.37 -8.08 16.87
N GLU D 229 38.48 -7.86 15.56
CA GLU D 229 39.49 -6.98 14.99
C GLU D 229 38.81 -5.88 14.15
N THR D 230 38.77 -4.69 14.73
CA THR D 230 38.14 -3.56 14.06
C THR D 230 38.80 -3.16 12.77
N PRO D 231 38.01 -3.14 11.71
CA PRO D 231 38.51 -2.79 10.38
C PRO D 231 38.19 -1.35 10.09
N THR D 232 38.59 -0.86 8.92
CA THR D 232 38.20 0.46 8.50
C THR D 232 36.97 0.26 7.56
N VAL D 233 36.33 1.35 7.18
CA VAL D 233 35.21 1.25 6.23
C VAL D 233 35.73 0.71 4.90
N ASP D 234 36.90 1.18 4.45
CA ASP D 234 37.49 0.69 3.21
C ASP D 234 37.79 -0.79 3.22
N ASP D 235 38.30 -1.33 4.31
CA ASP D 235 38.50 -2.78 4.41
C ASP D 235 37.16 -3.52 4.22
N ILE D 236 36.11 -3.09 4.91
CA ILE D 236 34.79 -3.75 4.80
C ILE D 236 34.31 -3.68 3.36
N ILE D 237 34.42 -2.49 2.76
CA ILE D 237 34.06 -2.34 1.35
C ILE D 237 34.83 -3.34 0.49
N ASP D 238 36.15 -3.47 0.68
CA ASP D 238 36.93 -4.47 -0.03
C ASP D 238 36.43 -5.88 0.20
N VAL D 239 36.11 -6.25 1.44
CA VAL D 239 35.61 -7.58 1.73
C VAL D 239 34.31 -7.85 0.99
N PHE D 240 33.37 -6.90 1.07
CA PHE D 240 32.07 -7.14 0.40
C PHE D 240 32.21 -7.21 -1.11
N GLU D 241 33.03 -6.36 -1.72
CA GLU D 241 33.29 -6.43 -3.15
C GLU D 241 33.91 -7.76 -3.56
N ASP D 242 34.75 -8.36 -2.74
CA ASP D 242 35.35 -9.65 -3.04
C ASP D 242 34.46 -10.85 -2.75
N THR D 243 33.40 -10.75 -1.95
CA THR D 243 32.67 -11.99 -1.64
C THR D 243 31.65 -12.23 -2.73
N PRO D 244 31.43 -13.49 -3.09
CA PRO D 244 30.48 -13.82 -4.15
C PRO D 244 29.05 -13.47 -3.76
N ARG D 245 28.23 -13.05 -4.71
CA ARG D 245 26.80 -12.82 -4.57
C ARG D 245 26.40 -11.70 -3.64
N VAL D 246 27.32 -10.76 -3.43
CA VAL D 246 27.09 -9.58 -2.63
C VAL D 246 27.44 -8.41 -3.54
N ILE D 247 26.61 -7.40 -3.70
CA ILE D 247 27.00 -6.28 -4.55
C ILE D 247 26.92 -5.05 -3.67
N LEU D 248 27.62 -4.01 -4.04
CA LEU D 248 27.60 -2.72 -3.39
C LEU D 248 26.80 -1.79 -4.29
N ILE D 249 25.88 -1.04 -3.72
CA ILE D 249 25.06 -0.08 -4.43
C ILE D 249 25.15 1.24 -3.67
N SER D 250 24.72 2.28 -4.38
CA SER D 250 24.79 3.60 -3.70
C SER D 250 23.53 4.38 -3.87
N ALA D 251 23.04 5.04 -2.83
CA ALA D 251 21.87 5.91 -2.96
C ALA D 251 22.26 7.12 -3.79
N GLU D 252 23.54 7.50 -3.81
CA GLU D 252 23.99 8.63 -4.63
C GLU D 252 23.82 8.33 -6.11
N ASP D 253 23.96 7.07 -6.52
CA ASP D 253 23.74 6.63 -7.88
C ASP D 253 22.24 6.48 -8.19
N GLY D 254 21.33 6.73 -7.25
CA GLY D 254 19.89 6.59 -7.54
C GLY D 254 19.25 5.35 -6.94
N LEU D 255 20.00 4.47 -6.30
CA LEU D 255 19.40 3.27 -5.69
C LEU D 255 19.09 3.56 -4.23
N THR D 256 18.07 4.39 -4.01
CA THR D 256 17.69 4.86 -2.71
C THR D 256 16.73 3.96 -1.96
N SER D 257 16.19 2.95 -2.61
CA SER D 257 15.16 2.10 -2.05
C SER D 257 15.12 0.71 -2.66
N THR D 258 14.31 -0.20 -2.10
CA THR D 258 14.23 -1.55 -2.66
C THR D 258 13.56 -1.49 -4.03
N ALA D 259 12.69 -0.52 -4.29
CA ALA D 259 12.02 -0.39 -5.60
C ALA D 259 13.02 -0.03 -6.69
N GLU D 260 13.96 0.87 -6.38
CA GLU D 260 14.99 1.22 -7.34
C GLU D 260 15.98 0.08 -7.50
N ILE D 261 16.19 -0.73 -6.45
CA ILE D 261 17.13 -1.86 -6.62
C ILE D 261 16.55 -2.84 -7.65
N MET D 262 15.26 -3.15 -7.54
CA MET D 262 14.58 -4.03 -8.47
C MET D 262 14.50 -3.42 -9.86
N GLU D 263 14.52 -2.09 -10.00
CA GLU D 263 14.53 -1.44 -11.29
C GLU D 263 15.90 -1.74 -11.91
N TYR D 264 16.95 -1.61 -11.08
CA TYR D 264 18.28 -2.00 -11.50
C TYR D 264 18.31 -3.47 -11.94
N ALA D 265 17.68 -4.38 -11.20
CA ALA D 265 17.64 -5.77 -11.64
C ALA D 265 16.96 -5.92 -13.01
N LYS D 266 15.95 -5.10 -13.34
CA LYS D 266 15.33 -5.21 -14.64
C LYS D 266 16.30 -4.79 -15.74
N GLU D 267 17.20 -3.83 -15.51
CA GLU D 267 18.15 -3.50 -16.56
C GLU D 267 19.23 -4.57 -16.74
N LEU D 268 19.44 -5.45 -15.78
CA LEU D 268 20.40 -6.55 -15.86
C LEU D 268 19.94 -7.62 -16.83
N GLY D 269 18.63 -7.84 -16.96
CA GLY D 269 18.15 -8.79 -17.95
C GLY D 269 18.28 -10.26 -17.69
N ARG D 270 18.41 -10.71 -16.45
CA ARG D 270 18.43 -12.14 -16.19
C ARG D 270 16.97 -12.63 -16.12
N SER D 271 16.79 -13.93 -15.95
CA SER D 271 15.50 -14.59 -15.81
C SER D 271 14.59 -13.90 -14.80
N ARG D 272 13.39 -13.51 -15.19
CA ARG D 272 12.39 -12.83 -14.38
C ARG D 272 12.83 -11.52 -13.77
N ASN D 273 13.87 -10.86 -14.20
CA ASN D 273 14.49 -9.67 -13.66
C ASN D 273 14.87 -9.93 -12.18
N ASP D 274 15.19 -11.16 -11.80
CA ASP D 274 15.55 -11.47 -10.43
C ASP D 274 16.82 -10.74 -9.99
N LEU D 275 16.99 -10.64 -8.67
CA LEU D 275 18.24 -10.14 -8.13
C LEU D 275 18.73 -11.28 -7.22
N PHE D 276 19.61 -12.13 -7.75
CA PHE D 276 20.10 -13.26 -6.92
C PHE D 276 21.02 -12.79 -5.82
N GLU D 277 21.69 -11.67 -6.06
CA GLU D 277 22.67 -11.06 -5.21
C GLU D 277 22.12 -10.28 -4.02
N ILE D 278 22.90 -10.15 -2.97
CA ILE D 278 22.51 -9.32 -1.81
C ILE D 278 23.18 -7.97 -1.99
N PRO D 279 22.42 -6.90 -2.16
CA PRO D 279 22.93 -5.56 -2.27
C PRO D 279 23.12 -4.95 -0.87
N VAL D 280 24.26 -4.30 -0.69
CA VAL D 280 24.58 -3.56 0.52
C VAL D 280 24.69 -2.10 0.13
N TRP D 281 24.07 -1.20 0.88
CA TRP D 281 24.20 0.21 0.61
C TRP D 281 25.62 0.67 1.01
N ARG D 282 26.43 1.06 0.02
CA ARG D 282 27.81 1.46 0.27
C ARG D 282 27.90 2.54 1.34
N GLU D 283 27.10 3.59 1.26
CA GLU D 283 27.10 4.70 2.19
C GLU D 283 26.66 4.30 3.61
N SER D 284 25.99 3.18 3.79
CA SER D 284 25.56 2.76 5.12
C SER D 284 26.68 2.09 5.91
N ILE D 285 27.75 1.63 5.27
CA ILE D 285 28.83 0.92 5.96
C ILE D 285 29.52 1.90 6.91
N THR D 286 29.44 1.61 8.21
CA THR D 286 29.91 2.48 9.26
C THR D 286 30.65 1.69 10.34
N VAL D 287 31.68 2.28 10.93
CA VAL D 287 32.42 1.60 11.99
C VAL D 287 32.29 2.47 13.22
N VAL D 288 31.77 1.93 14.31
CA VAL D 288 31.63 2.76 15.52
C VAL D 288 32.33 1.98 16.61
N ASP D 289 33.42 2.42 17.21
CA ASP D 289 34.10 1.59 18.22
C ASP D 289 34.55 0.31 17.52
N ASN D 290 34.21 -0.86 18.03
CA ASN D 290 34.59 -2.12 17.44
C ASN D 290 33.35 -2.72 16.74
N GLU D 291 32.50 -1.84 16.21
CA GLU D 291 31.25 -2.40 15.63
C GLU D 291 30.90 -1.84 14.28
N ILE D 292 30.45 -2.73 13.41
CA ILE D 292 30.10 -2.42 12.04
C ILE D 292 28.59 -2.34 11.85
N TYR D 293 28.11 -1.21 11.35
CA TYR D 293 26.71 -1.05 11.05
C TYR D 293 26.55 -1.04 9.52
N TYR D 294 25.49 -1.64 9.00
CA TYR D 294 25.25 -1.55 7.56
C TYR D 294 23.79 -1.91 7.27
N MET D 295 23.37 -1.59 6.05
CA MET D 295 22.02 -1.95 5.64
C MET D 295 22.15 -2.76 4.34
N GLN D 296 21.31 -3.76 4.19
CA GLN D 296 21.23 -4.52 2.96
C GLN D 296 19.76 -4.85 2.68
N ALA D 297 19.53 -5.46 1.54
CA ALA D 297 18.20 -5.85 1.10
C ALA D 297 18.26 -7.26 0.54
N VAL D 298 17.12 -7.93 0.45
CA VAL D 298 17.07 -9.31 -0.04
C VAL D 298 15.92 -9.44 -1.05
N HIS D 299 16.20 -9.94 -2.24
CA HIS D 299 15.10 -10.23 -3.16
C HIS D 299 14.71 -11.66 -2.81
N GLN D 300 13.71 -11.83 -1.95
CA GLN D 300 13.29 -13.08 -1.37
C GLN D 300 12.88 -14.15 -2.35
N GLU D 301 12.39 -13.90 -3.54
CA GLU D 301 12.02 -14.95 -4.49
C GLU D 301 13.23 -15.64 -5.13
N SER D 302 14.39 -15.01 -5.14
CA SER D 302 15.53 -15.58 -5.83
C SER D 302 16.88 -15.64 -5.17
N ASP D 303 17.17 -15.06 -4.01
CA ASP D 303 18.53 -15.17 -3.44
C ASP D 303 18.90 -16.61 -3.12
N ILE D 304 17.95 -17.47 -2.77
CA ILE D 304 18.19 -18.87 -2.52
C ILE D 304 18.38 -19.67 -3.80
N VAL D 305 18.00 -19.16 -4.98
CA VAL D 305 18.13 -19.96 -6.20
C VAL D 305 19.51 -20.55 -6.46
N PRO D 306 20.57 -19.77 -6.60
CA PRO D 306 21.92 -20.26 -6.80
C PRO D 306 22.41 -21.20 -5.71
N GLU D 307 21.99 -21.02 -4.46
CA GLU D 307 22.34 -21.87 -3.35
C GLU D 307 21.85 -23.30 -3.59
N ASN D 308 20.68 -23.40 -4.23
CA ASN D 308 20.11 -24.71 -4.56
C ASN D 308 20.96 -25.44 -5.59
N VAL D 309 21.49 -24.73 -6.58
CA VAL D 309 22.38 -25.31 -7.57
C VAL D 309 23.66 -25.83 -6.91
N ASP D 310 24.28 -25.03 -6.05
CA ASP D 310 25.48 -25.46 -5.32
C ASP D 310 25.15 -26.62 -4.40
N ALA D 311 23.98 -26.66 -3.76
CA ALA D 311 23.63 -27.80 -2.92
C ALA D 311 23.58 -29.08 -3.76
N VAL D 312 23.15 -29.00 -5.01
CA VAL D 312 23.15 -30.22 -5.84
C VAL D 312 24.60 -30.68 -6.05
N ARG D 313 25.55 -29.80 -6.36
CA ARG D 313 26.94 -30.23 -6.52
C ARG D 313 27.54 -30.82 -5.25
N ALA D 314 27.18 -30.31 -4.08
CA ALA D 314 27.71 -30.88 -2.84
C ALA D 314 27.08 -32.24 -2.56
N ILE D 315 25.75 -32.32 -2.53
CA ILE D 315 25.03 -33.56 -2.23
C ILE D 315 25.40 -34.71 -3.17
N LEU D 316 25.55 -34.48 -4.47
CA LEU D 316 25.88 -35.52 -5.42
C LEU D 316 27.37 -35.64 -5.69
N GLU D 317 28.23 -34.99 -4.92
CA GLU D 317 29.67 -35.09 -5.03
C GLU D 317 30.21 -34.77 -6.41
N MET D 318 29.73 -33.69 -6.99
CA MET D 318 30.15 -33.29 -8.33
C MET D 318 31.38 -32.39 -8.21
N GLU D 319 31.43 -31.65 -7.10
CA GLU D 319 32.51 -30.70 -6.89
C GLU D 319 32.80 -30.56 -5.40
N GLU D 320 34.05 -30.80 -5.03
CA GLU D 320 34.40 -30.76 -3.60
C GLU D 320 34.86 -29.36 -3.22
N ASP D 321 35.23 -28.54 -4.20
CA ASP D 321 35.65 -27.17 -3.90
C ASP D 321 34.46 -26.21 -4.04
N LYS D 322 33.95 -25.75 -2.90
CA LYS D 322 32.83 -24.81 -2.83
C LYS D 322 33.05 -23.63 -3.76
N TYR D 323 34.24 -23.03 -3.85
CA TYR D 323 34.46 -21.94 -4.78
C TYR D 323 34.32 -22.35 -6.24
N LYS D 324 34.71 -23.57 -6.63
CA LYS D 324 34.52 -23.95 -8.04
C LYS D 324 33.02 -24.10 -8.34
N SER D 325 32.25 -24.66 -7.41
CA SER D 325 30.81 -24.76 -7.67
C SER D 325 30.18 -23.36 -7.74
N ILE D 326 30.43 -22.49 -6.77
CA ILE D 326 29.86 -21.15 -6.76
C ILE D 326 30.15 -20.40 -8.05
N ASN D 327 31.42 -20.50 -8.49
CA ASN D 327 31.82 -19.85 -9.72
C ASN D 327 31.08 -20.38 -10.93
N LYS D 328 30.93 -21.69 -11.02
CA LYS D 328 30.26 -22.34 -12.15
C LYS D 328 28.76 -22.02 -12.15
N THR D 329 28.12 -22.10 -10.98
CA THR D 329 26.71 -21.70 -10.84
C THR D 329 26.58 -20.25 -11.33
N ASN D 330 27.45 -19.37 -10.82
CA ASN D 330 27.39 -17.95 -11.18
C ASN D 330 27.57 -17.68 -12.67
N LYS D 331 28.54 -18.34 -13.32
CA LYS D 331 28.71 -18.09 -14.77
C LYS D 331 27.44 -18.49 -15.53
N ALA D 332 26.88 -19.65 -15.20
CA ALA D 332 25.68 -20.11 -15.90
C ALA D 332 24.48 -19.22 -15.60
N MET D 333 24.36 -18.64 -14.41
CA MET D 333 23.21 -17.78 -14.11
C MET D 333 23.42 -16.35 -14.53
N ASN D 334 24.61 -15.96 -14.97
CA ASN D 334 24.88 -14.57 -15.31
C ASN D 334 24.81 -13.72 -14.02
N ILE D 335 25.35 -14.29 -12.93
CA ILE D 335 25.41 -13.56 -11.67
C ILE D 335 26.56 -12.57 -11.60
N LEU D 336 26.26 -11.44 -10.95
CA LEU D 336 27.23 -10.37 -10.76
C LEU D 336 28.35 -10.83 -9.82
#